data_3LOT
#
_entry.id   3LOT
#
_cell.length_a   75.786
_cell.length_b   103.079
_cell.length_c   156.550
_cell.angle_alpha   90.000
_cell.angle_beta   90.000
_cell.angle_gamma   90.000
#
_symmetry.space_group_name_H-M   'P 21 21 21'
#
loop_
_entity.id
_entity.type
_entity.pdbx_description
1 polymer 'uncharacterized protein'
2 non-polymer 'ZINC ION'
3 non-polymer 'UNKNOWN LIGAND'
4 non-polymer 'ACETATE ION'
5 water water
#
_entity_poly.entity_id   1
_entity_poly.type   'polypeptide(L)'
_entity_poly.pdbx_seq_one_letter_code
;G(MSE)RKDDVVIVTCAITGAIHTPS(MSE)SPYLPVTPDQIVEEAVKAAEAGAG(MSE)VHIHARDPKDGRPTTDVEVF
RYICREIKKQSDVVINVTTGGGGTLGIPVEERAKVVPALKPEIATFN(MSE)GS(MSE)NFAIHPLLKKYKEFKYDWEPE
YLE(MSE)TRDIVFRNTFKDLEALSRIFKENDTKPELECYDIGQIYNTAF(MSE)FHEGYLEPPLRLQFIHGILGGIGTA
VEDVLF(MSE)KQTADRLIGRENYTWSLVGAGRFQ(MSE)PLGTLAVI(MSE)GGDVRVGLEDSLYIERGKLAKSNAEQV
EK(MSE)VRIVKELGKRPATPDEVREILGLKGKERVNF
;
_entity_poly.pdbx_strand_id   A,B,C,D
#
loop_
_chem_comp.id
_chem_comp.type
_chem_comp.name
_chem_comp.formula
ACT non-polymer 'ACETATE ION' 'C2 H3 O2 -1'
UNL non-polymer 'UNKNOWN LIGAND' ?
ZN non-polymer 'ZINC ION' 'Zn 2'
#
# COMPACT_ATOMS: atom_id res chain seq x y z
N ASP A 5 -14.32 -16.38 -15.12
CA ASP A 5 -14.15 -15.30 -14.06
C ASP A 5 -15.54 -14.77 -13.61
N ASP A 6 -16.51 -15.67 -13.66
N ASP A 6 -16.55 -15.63 -13.68
CA ASP A 6 -17.86 -15.38 -13.24
CA ASP A 6 -17.86 -15.34 -13.15
C ASP A 6 -18.35 -16.41 -12.20
C ASP A 6 -18.37 -16.43 -12.20
N VAL A 7 -17.61 -17.50 -12.00
CA VAL A 7 -17.94 -18.54 -10.99
C VAL A 7 -17.13 -18.30 -9.70
N VAL A 8 -17.80 -18.27 -8.55
CA VAL A 8 -17.21 -18.06 -7.24
C VAL A 8 -17.46 -19.28 -6.38
N ILE A 9 -16.41 -19.83 -5.80
CA ILE A 9 -16.59 -20.93 -4.83
C ILE A 9 -17.01 -20.34 -3.50
N VAL A 10 -18.23 -20.68 -3.06
CA VAL A 10 -18.70 -20.32 -1.72
C VAL A 10 -18.55 -21.56 -0.84
N THR A 11 -17.74 -21.46 0.20
CA THR A 11 -17.53 -22.52 1.20
C THR A 11 -18.32 -22.17 2.42
N CYS A 12 -18.89 -23.19 3.06
CA CYS A 12 -19.55 -22.95 4.33
C CYS A 12 -18.88 -23.77 5.45
N ALA A 13 -18.40 -23.08 6.48
CA ALA A 13 -17.70 -23.72 7.58
C ALA A 13 -18.72 -23.92 8.68
N ILE A 14 -19.10 -25.19 8.86
CA ILE A 14 -20.34 -25.52 9.53
C ILE A 14 -20.33 -25.26 11.06
N THR A 15 -19.22 -25.47 11.76
CA THR A 15 -19.27 -25.46 13.22
C THR A 15 -17.99 -25.04 13.92
N GLY A 16 -16.89 -25.59 13.42
CA GLY A 16 -15.57 -25.19 13.88
C GLY A 16 -15.22 -25.72 15.26
N ALA A 17 -14.29 -25.03 15.91
CA ALA A 17 -13.80 -25.36 17.26
C ALA A 17 -13.73 -24.11 18.16
N ILE A 18 -14.02 -22.93 17.61
CA ILE A 18 -13.89 -21.67 18.35
C ILE A 18 -15.15 -21.39 19.17
N HIS A 19 -16.31 -21.37 18.51
CA HIS A 19 -17.56 -21.10 19.21
C HIS A 19 -17.91 -22.36 20.04
N THR A 20 -18.61 -22.13 21.12
CA THR A 20 -19.00 -23.22 22.01
C THR A 20 -20.52 -23.29 22.07
N PRO A 21 -21.04 -24.47 22.45
CA PRO A 21 -22.48 -24.73 22.29
C PRO A 21 -23.40 -23.72 22.96
N SER A 22 -23.00 -23.18 24.09
CA SER A 22 -23.88 -22.27 24.85
C SER A 22 -23.92 -20.88 24.29
N MSE A 23 -23.10 -20.60 23.29
CA MSE A 23 -23.07 -19.26 22.72
C MSE A 23 -24.26 -19.05 21.76
O MSE A 23 -24.67 -17.92 21.53
CB MSE A 23 -21.76 -19.01 21.97
CG MSE A 23 -20.53 -18.89 22.85
SE MSE A 23 -19.00 -18.68 21.84
CE MSE A 23 -17.76 -18.82 23.38
N SER A 24 -24.75 -20.13 21.14
CA SER A 24 -25.93 -20.05 20.23
C SER A 24 -26.63 -21.38 20.14
N PRO A 25 -27.95 -21.37 20.33
CA PRO A 25 -28.64 -22.64 20.14
C PRO A 25 -28.59 -23.16 18.71
N TYR A 26 -28.09 -22.35 17.79
CA TYR A 26 -28.11 -22.73 16.38
C TYR A 26 -26.79 -23.30 15.89
N LEU A 27 -25.75 -23.17 16.71
CA LEU A 27 -24.47 -23.81 16.41
C LEU A 27 -24.68 -25.31 16.42
N PRO A 28 -24.42 -25.98 15.28
CA PRO A 28 -24.52 -27.44 15.20
C PRO A 28 -23.44 -28.17 15.97
N VAL A 29 -23.84 -29.11 16.83
CA VAL A 29 -22.88 -29.72 17.69
C VAL A 29 -22.83 -31.24 17.61
N THR A 30 -23.99 -31.88 17.52
CA THR A 30 -24.02 -33.31 17.38
C THR A 30 -23.62 -33.70 15.93
N PRO A 31 -23.15 -34.96 15.74
CA PRO A 31 -22.89 -35.39 14.38
C PRO A 31 -24.03 -35.19 13.42
N ASP A 32 -25.22 -35.64 13.77
CA ASP A 32 -26.36 -35.48 12.87
C ASP A 32 -26.72 -34.01 12.65
N GLN A 33 -26.58 -33.18 13.67
CA GLN A 33 -26.78 -31.74 13.42
C GLN A 33 -25.82 -31.21 12.35
N ILE A 34 -24.56 -31.63 12.46
CA ILE A 34 -23.53 -31.14 11.55
C ILE A 34 -23.86 -31.61 10.12
N VAL A 35 -24.30 -32.88 9.95
CA VAL A 35 -24.61 -33.44 8.63
C VAL A 35 -25.80 -32.61 8.03
N GLU A 36 -26.86 -32.44 8.81
CA GLU A 36 -28.05 -31.70 8.35
C GLU A 36 -27.68 -30.27 7.95
N GLU A 37 -26.87 -29.57 8.74
CA GLU A 37 -26.51 -28.21 8.39
C GLU A 37 -25.60 -28.14 7.11
N ALA A 38 -24.70 -29.12 6.96
CA ALA A 38 -23.83 -29.26 5.77
C ALA A 38 -24.65 -29.43 4.49
N VAL A 39 -25.65 -30.31 4.54
CA VAL A 39 -26.57 -30.49 3.41
C VAL A 39 -27.41 -29.23 3.13
N LYS A 40 -27.94 -28.57 4.17
CA LYS A 40 -28.69 -27.33 3.94
C LYS A 40 -27.79 -26.24 3.35
N ALA A 41 -26.56 -26.09 3.83
CA ALA A 41 -25.58 -25.17 3.21
C ALA A 41 -25.32 -25.49 1.73
N ALA A 42 -25.08 -26.75 1.43
CA ALA A 42 -24.90 -27.17 0.05
C ALA A 42 -26.10 -26.78 -0.84
N GLU A 43 -27.29 -27.06 -0.34
CA GLU A 43 -28.49 -26.74 -1.08
C GLU A 43 -28.69 -25.23 -1.29
N ALA A 44 -28.10 -24.41 -0.43
CA ALA A 44 -28.17 -22.92 -0.55
C ALA A 44 -27.14 -22.30 -1.54
N GLY A 45 -26.25 -23.14 -2.03
CA GLY A 45 -25.23 -22.80 -2.97
C GLY A 45 -23.79 -22.93 -2.54
N ALA A 46 -23.51 -23.59 -1.40
CA ALA A 46 -22.13 -23.85 -0.98
C ALA A 46 -21.59 -25.09 -1.69
N GLY A 47 -20.67 -24.86 -2.61
CA GLY A 47 -20.07 -25.93 -3.38
C GLY A 47 -19.12 -26.78 -2.55
N MSE A 48 -18.64 -26.21 -1.44
N MSE A 48 -18.64 -26.21 -1.44
CA MSE A 48 -17.76 -26.89 -0.53
CA MSE A 48 -17.74 -26.91 -0.53
C MSE A 48 -18.28 -26.60 0.88
C MSE A 48 -18.21 -26.59 0.89
O MSE A 48 -18.82 -25.53 1.14
O MSE A 48 -18.64 -25.47 1.16
CB MSE A 48 -16.32 -26.38 -0.68
CB MSE A 48 -16.30 -26.46 -0.74
CG MSE A 48 -15.30 -27.03 0.27
CG MSE A 48 -15.26 -27.22 0.09
SE MSE A 48 -13.52 -26.26 0.10
SE MSE A 48 -13.45 -27.06 -0.62
CE MSE A 48 -13.23 -26.39 -1.83
CE MSE A 48 -13.13 -25.25 0.00
N VAL A 49 -18.16 -27.59 1.76
CA VAL A 49 -18.42 -27.41 3.18
C VAL A 49 -17.18 -27.82 3.98
N HIS A 50 -16.93 -27.06 5.02
CA HIS A 50 -15.78 -27.27 5.89
C HIS A 50 -16.25 -27.83 7.23
N ILE A 51 -15.65 -28.98 7.60
CA ILE A 51 -16.11 -29.83 8.69
C ILE A 51 -15.06 -29.99 9.80
N HIS A 52 -15.47 -29.65 11.03
CA HIS A 52 -14.81 -30.09 12.29
C HIS A 52 -15.72 -31.09 12.97
N ALA A 53 -15.14 -31.98 13.78
CA ALA A 53 -15.89 -32.88 14.66
C ALA A 53 -15.99 -32.31 16.10
N ARG A 54 -17.07 -32.68 16.77
CA ARG A 54 -17.30 -32.34 18.13
C ARG A 54 -17.77 -33.58 18.87
N ASP A 55 -17.50 -33.61 20.16
CA ASP A 55 -17.91 -34.74 20.96
C ASP A 55 -19.40 -34.82 20.95
N PRO A 56 -19.93 -36.02 20.65
CA PRO A 56 -21.36 -36.14 20.49
C PRO A 56 -22.18 -35.83 21.74
N LYS A 57 -21.61 -35.92 22.95
CA LYS A 57 -22.37 -35.74 24.17
C LYS A 57 -22.21 -34.37 24.80
N ASP A 58 -21.02 -33.73 24.74
CA ASP A 58 -20.84 -32.42 25.34
C ASP A 58 -20.45 -31.30 24.37
N GLY A 59 -20.27 -31.66 23.09
CA GLY A 59 -19.96 -30.66 22.04
C GLY A 59 -18.54 -30.13 22.00
N ARG A 60 -17.67 -30.68 22.84
CA ARG A 60 -16.27 -30.27 22.89
C ARG A 60 -15.63 -30.56 21.56
N PRO A 61 -14.69 -29.73 21.13
CA PRO A 61 -13.91 -30.10 19.97
C PRO A 61 -13.20 -31.46 20.14
N THR A 62 -13.17 -32.24 19.05
CA THR A 62 -12.60 -33.58 19.08
C THR A 62 -11.93 -33.92 17.74
N THR A 63 -10.83 -34.65 17.80
CA THR A 63 -10.15 -35.13 16.58
C THR A 63 -10.61 -36.55 16.14
N ASP A 64 -11.47 -37.17 16.97
CA ASP A 64 -11.88 -38.55 16.79
C ASP A 64 -12.20 -38.85 15.32
N VAL A 65 -11.34 -39.62 14.66
CA VAL A 65 -11.50 -39.87 13.25
C VAL A 65 -12.80 -40.60 12.98
N GLU A 66 -13.31 -41.37 13.96
CA GLU A 66 -14.57 -42.11 13.71
C GLU A 66 -15.76 -41.20 13.76
N VAL A 67 -15.69 -40.07 14.45
CA VAL A 67 -16.78 -39.10 14.34
C VAL A 67 -16.76 -38.43 12.95
N PHE A 68 -15.58 -38.01 12.50
CA PHE A 68 -15.40 -37.45 11.20
C PHE A 68 -15.90 -38.48 10.17
N ARG A 69 -15.64 -39.78 10.40
CA ARG A 69 -16.02 -40.77 9.39
C ARG A 69 -17.55 -40.82 9.20
N TYR A 70 -18.28 -40.83 10.30
CA TYR A 70 -19.72 -40.88 10.26
C TYR A 70 -20.31 -39.62 9.59
N ILE A 71 -19.85 -38.45 10.03
CA ILE A 71 -20.30 -37.17 9.51
C ILE A 71 -20.13 -37.09 7.97
N CYS A 72 -18.92 -37.37 7.51
CA CYS A 72 -18.61 -37.27 6.10
C CYS A 72 -19.34 -38.31 5.26
N ARG A 73 -19.43 -39.52 5.77
CA ARG A 73 -20.25 -40.55 5.11
C ARG A 73 -21.69 -40.11 4.96
N GLU A 74 -22.27 -39.62 6.06
CA GLU A 74 -23.66 -39.22 6.05
C GLU A 74 -23.94 -38.01 5.15
N ILE A 75 -22.98 -37.09 5.05
CA ILE A 75 -23.13 -35.97 4.11
C ILE A 75 -23.09 -36.48 2.68
N LYS A 76 -22.13 -37.34 2.38
CA LYS A 76 -21.95 -37.82 1.02
C LYS A 76 -23.17 -38.60 0.56
N LYS A 77 -23.85 -39.27 1.47
CA LYS A 77 -25.05 -39.98 1.10
C LYS A 77 -26.14 -39.06 0.59
N GLN A 78 -26.16 -37.82 1.07
CA GLN A 78 -27.22 -36.89 0.75
C GLN A 78 -26.85 -35.83 -0.29
N SER A 79 -25.54 -35.63 -0.51
CA SER A 79 -25.04 -34.49 -1.28
C SER A 79 -23.71 -34.80 -1.96
N ASP A 80 -23.53 -34.26 -3.17
CA ASP A 80 -22.28 -34.36 -3.86
C ASP A 80 -21.35 -33.20 -3.47
N VAL A 81 -21.75 -32.40 -2.49
CA VAL A 81 -20.92 -31.30 -1.99
C VAL A 81 -19.49 -31.77 -1.74
N VAL A 82 -18.52 -30.90 -2.02
CA VAL A 82 -17.14 -31.19 -1.69
C VAL A 82 -16.94 -31.04 -0.19
N ILE A 83 -16.35 -32.07 0.40
CA ILE A 83 -16.16 -32.09 1.87
C ILE A 83 -14.71 -31.77 2.25
N ASN A 84 -14.50 -30.60 2.80
CA ASN A 84 -13.20 -30.17 3.30
C ASN A 84 -13.09 -30.51 4.78
N VAL A 85 -12.11 -31.36 5.14
N VAL A 85 -12.13 -31.39 5.14
CA VAL A 85 -11.91 -31.83 6.52
CA VAL A 85 -11.94 -31.80 6.53
C VAL A 85 -10.75 -31.10 7.22
C VAL A 85 -10.79 -30.99 7.19
N THR A 86 -10.99 -30.61 8.44
CA THR A 86 -9.97 -29.86 9.18
C THR A 86 -8.84 -30.74 9.62
N THR A 87 -7.61 -30.21 9.57
CA THR A 87 -6.48 -30.73 10.36
C THR A 87 -5.99 -29.66 11.39
N GLY A 88 -6.77 -28.58 11.55
CA GLY A 88 -6.49 -27.55 12.53
C GLY A 88 -7.25 -27.76 13.85
N GLY A 89 -8.43 -28.36 13.76
CA GLY A 89 -9.26 -28.61 14.89
C GLY A 89 -8.58 -29.41 15.98
N GLY A 90 -8.58 -28.86 17.18
CA GLY A 90 -7.88 -29.45 18.32
C GLY A 90 -6.64 -28.66 18.68
N GLY A 91 -6.17 -27.86 17.73
CA GLY A 91 -4.94 -27.10 17.90
C GLY A 91 -5.03 -26.14 19.07
N THR A 92 -6.24 -25.60 19.30
CA THR A 92 -6.47 -24.68 20.41
C THR A 92 -6.63 -25.46 21.78
N LEU A 93 -6.60 -26.79 21.75
CA LEU A 93 -6.44 -27.59 22.96
C LEU A 93 -4.95 -28.10 23.10
N GLY A 94 -4.07 -27.61 22.23
CA GLY A 94 -2.65 -27.98 22.28
C GLY A 94 -2.33 -29.27 21.54
N ILE A 95 -3.34 -29.83 20.84
CA ILE A 95 -3.13 -31.07 20.13
C ILE A 95 -2.27 -30.76 18.91
N PRO A 96 -1.17 -31.49 18.74
CA PRO A 96 -0.24 -31.21 17.65
C PRO A 96 -0.62 -31.82 16.28
N VAL A 97 0.07 -31.37 15.24
CA VAL A 97 -0.30 -31.75 13.87
C VAL A 97 -0.33 -33.23 13.66
N GLU A 98 0.71 -33.91 14.16
CA GLU A 98 0.80 -35.36 13.97
C GLU A 98 -0.49 -36.09 14.40
N GLU A 99 -1.09 -35.61 15.48
CA GLU A 99 -2.34 -36.21 15.96
C GLU A 99 -3.54 -35.73 15.11
N ARG A 100 -3.61 -34.42 14.86
N ARG A 100 -3.61 -34.42 14.86
CA ARG A 100 -4.73 -33.85 14.07
CA ARG A 100 -4.70 -33.83 14.07
C ARG A 100 -4.79 -34.33 12.63
C ARG A 100 -4.77 -34.26 12.60
N ALA A 101 -3.65 -34.73 12.06
CA ALA A 101 -3.54 -35.15 10.65
C ALA A 101 -4.11 -36.53 10.37
N LYS A 102 -4.39 -37.30 11.40
CA LYS A 102 -4.74 -38.73 11.19
C LYS A 102 -6.04 -38.95 10.40
N VAL A 103 -6.89 -37.95 10.38
CA VAL A 103 -8.10 -37.99 9.62
C VAL A 103 -7.82 -38.08 8.13
N VAL A 104 -6.68 -37.55 7.67
CA VAL A 104 -6.39 -37.57 6.23
C VAL A 104 -6.13 -38.99 5.72
N PRO A 105 -5.23 -39.74 6.32
CA PRO A 105 -5.15 -41.17 5.95
C PRO A 105 -6.44 -41.97 6.16
N ALA A 106 -7.21 -41.63 7.20
CA ALA A 106 -8.39 -42.42 7.53
C ALA A 106 -9.52 -42.22 6.51
N LEU A 107 -9.74 -40.97 6.09
CA LEU A 107 -10.86 -40.61 5.25
C LEU A 107 -10.44 -40.28 3.79
N LYS A 108 -9.15 -40.07 3.54
CA LYS A 108 -8.65 -39.64 2.23
C LYS A 108 -9.59 -38.62 1.54
N PRO A 109 -9.85 -37.49 2.23
CA PRO A 109 -10.76 -36.53 1.66
C PRO A 109 -10.19 -35.89 0.37
N GLU A 110 -11.04 -35.23 -0.39
CA GLU A 110 -10.61 -34.56 -1.60
C GLU A 110 -9.71 -33.37 -1.27
N ILE A 111 -10.02 -32.74 -0.13
CA ILE A 111 -9.36 -31.52 0.31
C ILE A 111 -9.41 -31.43 1.80
N ALA A 112 -8.34 -30.88 2.40
CA ALA A 112 -8.28 -30.71 3.87
C ALA A 112 -7.46 -29.45 4.23
N THR A 113 -7.73 -28.88 5.39
CA THR A 113 -7.02 -27.70 5.84
C THR A 113 -5.56 -28.07 6.19
N PHE A 114 -4.69 -27.11 5.97
CA PHE A 114 -3.24 -27.29 6.14
C PHE A 114 -2.74 -25.91 6.68
N ASN A 115 -2.57 -25.79 8.00
CA ASN A 115 -2.28 -24.51 8.61
C ASN A 115 -0.79 -24.18 8.55
N MSE A 116 -0.44 -22.95 8.17
CA MSE A 116 0.91 -22.62 7.67
C MSE A 116 1.85 -21.91 8.61
O MSE A 116 2.92 -21.47 8.20
CB MSE A 116 0.81 -21.81 6.36
CG MSE A 116 0.34 -22.65 5.19
SE MSE A 116 1.64 -23.97 4.75
CE MSE A 116 3.23 -22.93 5.03
N GLY A 117 1.48 -21.81 9.91
CA GLY A 117 2.44 -21.46 10.91
C GLY A 117 1.99 -21.57 12.36
N SER A 118 2.97 -21.55 13.24
CA SER A 118 2.72 -21.52 14.68
C SER A 118 2.31 -20.12 15.09
N MSE A 119 1.36 -20.01 15.99
CA MSE A 119 0.82 -18.70 16.35
C MSE A 119 0.09 -18.71 17.67
O MSE A 119 -0.45 -19.75 18.12
CB MSE A 119 -0.14 -18.20 15.22
CG MSE A 119 -1.35 -19.12 15.02
SE MSE A 119 -2.48 -18.64 13.52
CE MSE A 119 -3.11 -16.91 14.31
N ASN A 120 -0.05 -17.52 18.27
CA ASN A 120 -1.08 -17.37 19.25
C ASN A 120 -2.43 -17.43 18.54
N PHE A 121 -3.42 -18.02 19.22
CA PHE A 121 -4.78 -18.16 18.69
C PHE A 121 -5.68 -18.08 19.91
N ALA A 122 -6.06 -16.87 20.30
CA ALA A 122 -6.62 -16.66 21.63
C ALA A 122 -8.08 -16.22 21.54
N ILE A 123 -8.94 -16.91 22.27
CA ILE A 123 -10.40 -16.57 22.28
C ILE A 123 -10.89 -16.35 23.70
N HIS A 124 -9.98 -16.22 24.66
CA HIS A 124 -10.38 -15.81 26.02
C HIS A 124 -11.23 -14.52 26.09
N PRO A 125 -11.12 -13.62 25.07
CA PRO A 125 -12.00 -12.43 25.25
C PRO A 125 -13.49 -12.75 25.10
N LEU A 126 -13.80 -13.91 24.54
CA LEU A 126 -15.20 -14.33 24.44
C LEU A 126 -15.85 -14.45 25.81
N LEU A 127 -15.05 -14.69 26.87
CA LEU A 127 -15.57 -14.73 28.26
C LEU A 127 -16.20 -13.40 28.73
N LYS A 128 -15.87 -12.29 28.06
CA LYS A 128 -16.42 -11.00 28.42
C LYS A 128 -17.83 -10.92 27.86
N LYS A 129 -18.09 -11.64 26.78
CA LYS A 129 -19.39 -11.55 26.14
C LYS A 129 -20.36 -12.62 26.61
N TYR A 130 -19.85 -13.81 26.96
CA TYR A 130 -20.71 -14.93 27.37
C TYR A 130 -20.37 -15.30 28.79
N LYS A 131 -21.40 -15.24 29.62
CA LYS A 131 -21.28 -15.36 31.06
C LYS A 131 -21.87 -16.67 31.58
N GLU A 132 -22.85 -17.24 30.89
CA GLU A 132 -23.43 -18.50 31.34
C GLU A 132 -23.15 -19.61 30.32
N PHE A 133 -22.61 -20.70 30.82
CA PHE A 133 -22.37 -21.87 29.97
C PHE A 133 -23.01 -23.09 30.57
N LYS A 134 -23.54 -23.95 29.70
CA LYS A 134 -24.13 -25.17 30.16
C LYS A 134 -23.05 -26.12 30.68
N TYR A 135 -21.91 -26.19 30.03
CA TYR A 135 -20.85 -27.09 30.46
C TYR A 135 -19.69 -26.33 31.11
N ASP A 136 -19.15 -26.92 32.17
CA ASP A 136 -17.87 -26.48 32.71
C ASP A 136 -16.74 -26.38 31.69
N TRP A 137 -16.73 -27.26 30.69
CA TRP A 137 -15.58 -27.30 29.78
C TRP A 137 -15.46 -26.00 28.99
N GLU A 138 -16.60 -25.33 28.71
CA GLU A 138 -16.63 -24.18 27.81
C GLU A 138 -15.78 -23.00 28.30
N PRO A 139 -16.09 -22.45 29.48
CA PRO A 139 -15.22 -21.32 29.94
C PRO A 139 -13.77 -21.75 30.20
N GLU A 140 -13.58 -23.02 30.58
CA GLU A 140 -12.25 -23.53 30.83
C GLU A 140 -11.43 -23.53 29.55
N TYR A 141 -12.02 -24.05 28.49
CA TYR A 141 -11.42 -24.09 27.19
C TYR A 141 -11.02 -22.68 26.69
N LEU A 142 -11.96 -21.76 26.80
CA LEU A 142 -11.74 -20.43 26.29
C LEU A 142 -10.54 -19.76 27.01
N GLU A 143 -10.57 -19.78 28.36
CA GLU A 143 -9.49 -19.25 29.18
C GLU A 143 -8.16 -19.90 28.84
N MSE A 144 -8.13 -21.21 28.67
N MSE A 144 -8.12 -21.22 28.71
CA MSE A 144 -6.87 -21.89 28.45
CA MSE A 144 -6.84 -21.90 28.45
C MSE A 144 -6.19 -21.42 27.14
C MSE A 144 -6.18 -21.40 27.15
O MSE A 144 -4.96 -21.49 27.03
O MSE A 144 -4.95 -21.42 27.05
CB MSE A 144 -7.10 -23.41 28.45
CB MSE A 144 -6.98 -23.44 28.42
CG MSE A 144 -5.88 -24.30 28.21
CG MSE A 144 -7.34 -24.16 29.75
SE MSE A 144 -4.35 -23.96 29.38
SE MSE A 144 -6.12 -23.91 31.26
CE MSE A 144 -4.94 -24.79 31.02
CE MSE A 144 -4.59 -24.91 30.61
N THR A 145 -6.97 -20.97 26.16
CA THR A 145 -6.38 -20.51 24.89
C THR A 145 -5.51 -19.24 25.03
N ARG A 146 -5.65 -18.54 26.16
CA ARG A 146 -4.75 -17.43 26.51
C ARG A 146 -3.29 -17.86 26.55
N ASP A 147 -3.06 -19.16 26.83
CA ASP A 147 -1.74 -19.75 27.02
C ASP A 147 -1.51 -21.07 26.24
N ILE A 148 -2.17 -21.24 25.10
CA ILE A 148 -1.91 -22.40 24.22
C ILE A 148 -1.40 -21.93 22.84
N VAL A 149 -0.24 -22.41 22.42
CA VAL A 149 0.22 -22.19 21.06
C VAL A 149 -0.55 -23.06 20.04
N PHE A 150 -1.02 -22.44 18.96
CA PHE A 150 -1.49 -23.21 17.80
C PHE A 150 -0.23 -23.61 17.00
N ARG A 151 0.20 -24.84 17.21
CA ARG A 151 1.52 -25.30 16.80
C ARG A 151 1.48 -25.91 15.40
N ASN A 152 2.24 -25.30 14.50
CA ASN A 152 2.45 -25.83 13.17
C ASN A 152 3.84 -25.47 12.71
N THR A 153 4.82 -26.27 13.14
CA THR A 153 6.24 -26.08 12.82
C THR A 153 6.58 -26.55 11.40
N PHE A 154 7.70 -26.04 10.90
CA PHE A 154 8.22 -26.48 9.61
C PHE A 154 8.37 -28.00 9.55
N LYS A 155 8.85 -28.63 10.62
CA LYS A 155 8.92 -30.10 10.67
C LYS A 155 7.53 -30.71 10.54
N ASP A 156 6.53 -30.15 11.26
CA ASP A 156 5.17 -30.60 11.15
C ASP A 156 4.71 -30.51 9.67
N LEU A 157 4.95 -29.38 9.06
CA LEU A 157 4.43 -29.12 7.74
C LEU A 157 5.12 -30.02 6.71
N GLU A 158 6.40 -30.32 6.91
CA GLU A 158 7.05 -31.26 6.01
C GLU A 158 6.33 -32.63 6.07
N ALA A 159 6.14 -33.14 7.27
CA ALA A 159 5.38 -34.34 7.49
C ALA A 159 3.96 -34.26 6.91
N LEU A 160 3.26 -33.14 7.16
CA LEU A 160 1.91 -33.02 6.68
C LEU A 160 1.85 -33.05 5.15
N SER A 161 2.84 -32.47 4.49
CA SER A 161 2.84 -32.47 3.01
C SER A 161 2.92 -33.87 2.40
N ARG A 162 3.67 -34.75 3.05
CA ARG A 162 3.79 -36.16 2.60
C ARG A 162 2.46 -36.88 2.83
N ILE A 163 1.84 -36.63 3.97
CA ILE A 163 0.52 -37.22 4.30
C ILE A 163 -0.55 -36.86 3.28
N PHE A 164 -0.62 -35.59 2.92
CA PHE A 164 -1.55 -35.12 1.88
C PHE A 164 -1.31 -35.80 0.56
N LYS A 165 -0.05 -35.83 0.13
CA LYS A 165 0.34 -36.47 -1.12
C LYS A 165 0.05 -37.95 -1.15
N GLU A 166 0.42 -38.67 -0.09
CA GLU A 166 0.11 -40.08 0.07
C GLU A 166 -1.39 -40.42 -0.03
N ASN A 167 -2.30 -39.48 0.28
CA ASN A 167 -3.70 -39.81 0.31
C ASN A 167 -4.48 -39.09 -0.76
N ASP A 168 -3.75 -38.40 -1.66
CA ASP A 168 -4.33 -37.73 -2.78
C ASP A 168 -5.33 -36.72 -2.27
N THR A 169 -4.93 -35.95 -1.26
CA THR A 169 -5.74 -34.86 -0.71
C THR A 169 -5.08 -33.52 -1.02
N LYS A 170 -5.85 -32.59 -1.56
CA LYS A 170 -5.37 -31.27 -1.86
C LYS A 170 -5.24 -30.43 -0.56
N PRO A 171 -4.07 -29.82 -0.36
CA PRO A 171 -3.90 -28.88 0.73
C PRO A 171 -4.66 -27.55 0.51
N GLU A 172 -5.49 -27.18 1.47
CA GLU A 172 -5.99 -25.79 1.51
C GLU A 172 -5.14 -25.07 2.57
N LEU A 173 -4.28 -24.20 2.08
CA LEU A 173 -3.22 -23.67 2.90
C LEU A 173 -3.66 -22.43 3.64
N GLU A 174 -3.91 -22.58 4.95
CA GLU A 174 -4.47 -21.51 5.78
C GLU A 174 -3.38 -20.54 6.26
N CYS A 175 -3.49 -19.30 5.83
CA CYS A 175 -2.60 -18.24 6.19
C CYS A 175 -3.32 -17.19 7.01
N TYR A 176 -2.76 -16.91 8.20
CA TYR A 176 -3.37 -15.98 9.16
C TYR A 176 -2.51 -14.73 9.31
N ASP A 177 -1.47 -14.61 8.49
CA ASP A 177 -0.53 -13.52 8.60
C ASP A 177 0.39 -13.52 7.37
N ILE A 178 1.12 -12.44 7.22
CA ILE A 178 2.00 -12.23 6.10
C ILE A 178 3.12 -13.24 6.15
N GLY A 179 3.66 -13.46 7.35
CA GLY A 179 4.74 -14.43 7.50
C GLY A 179 4.35 -15.80 7.09
N GLN A 180 3.08 -16.14 7.26
CA GLN A 180 2.59 -17.44 6.86
C GLN A 180 2.52 -17.58 5.34
N ILE A 181 2.33 -16.48 4.64
CA ILE A 181 2.47 -16.50 3.18
C ILE A 181 3.93 -16.72 2.79
N TYR A 182 4.85 -16.03 3.47
CA TYR A 182 6.26 -16.31 3.33
C TYR A 182 6.59 -17.79 3.62
N ASN A 183 6.03 -18.33 4.69
CA ASN A 183 6.20 -19.74 4.97
C ASN A 183 5.69 -20.60 3.82
N THR A 184 4.54 -20.24 3.24
CA THR A 184 3.98 -21.01 2.12
C THR A 184 4.95 -20.95 0.92
N ALA A 185 5.45 -19.76 0.62
CA ALA A 185 6.44 -19.54 -0.42
C ALA A 185 7.66 -20.40 -0.25
N PHE A 186 8.14 -20.51 0.98
CA PHE A 186 9.28 -21.37 1.29
C PHE A 186 8.98 -22.84 1.06
N MSE A 187 7.89 -23.33 1.62
CA MSE A 187 7.54 -24.73 1.43
C MSE A 187 7.29 -25.07 -0.03
O MSE A 187 7.57 -26.20 -0.45
CB MSE A 187 6.32 -25.11 2.30
CG MSE A 187 6.48 -25.05 3.80
SE MSE A 187 7.87 -26.24 4.43
CE MSE A 187 6.88 -27.90 4.22
N PHE A 188 6.73 -24.14 -0.80
CA PHE A 188 6.57 -24.31 -2.26
C PHE A 188 7.90 -24.43 -2.97
N HIS A 189 8.77 -23.46 -2.72
CA HIS A 189 10.10 -23.45 -3.34
C HIS A 189 10.95 -24.64 -2.93
N GLU A 190 10.81 -25.09 -1.70
CA GLU A 190 11.51 -26.29 -1.24
C GLU A 190 10.96 -27.58 -1.84
N GLY A 191 9.82 -27.55 -2.53
CA GLY A 191 9.31 -28.73 -3.23
C GLY A 191 8.30 -29.50 -2.43
N TYR A 192 7.89 -29.03 -1.25
CA TYR A 192 6.88 -29.76 -0.45
C TYR A 192 5.41 -29.64 -0.93
N LEU A 193 5.09 -28.49 -1.51
CA LEU A 193 3.72 -28.14 -1.91
C LEU A 193 3.61 -28.12 -3.43
N GLU A 194 2.59 -28.76 -3.96
CA GLU A 194 2.48 -28.92 -5.39
C GLU A 194 1.59 -27.82 -5.96
N PRO A 195 2.07 -27.07 -6.98
CA PRO A 195 1.20 -26.05 -7.54
C PRO A 195 0.15 -26.70 -8.46
N PRO A 196 -0.91 -25.99 -8.83
CA PRO A 196 -1.18 -24.65 -8.29
C PRO A 196 -1.59 -24.74 -6.81
N LEU A 197 -1.20 -23.76 -6.01
CA LEU A 197 -1.50 -23.77 -4.58
C LEU A 197 -2.90 -23.22 -4.36
N ARG A 198 -3.54 -23.67 -3.30
CA ARG A 198 -4.83 -23.12 -2.87
C ARG A 198 -4.61 -22.49 -1.51
N LEU A 199 -4.72 -21.16 -1.43
CA LEU A 199 -4.49 -20.47 -0.18
C LEU A 199 -5.82 -19.97 0.31
N GLN A 200 -5.92 -19.87 1.62
CA GLN A 200 -7.02 -19.19 2.24
C GLN A 200 -6.50 -18.21 3.28
N PHE A 201 -6.92 -16.96 3.14
CA PHE A 201 -6.54 -15.87 4.03
C PHE A 201 -7.56 -15.70 5.14
N ILE A 202 -7.10 -15.84 6.38
CA ILE A 202 -7.97 -15.78 7.57
C ILE A 202 -7.69 -14.51 8.36
N HIS A 203 -8.72 -13.69 8.47
CA HIS A 203 -8.61 -12.35 9.00
C HIS A 203 -9.41 -12.20 10.29
N GLY A 204 -8.80 -11.63 11.33
CA GLY A 204 -9.51 -11.33 12.56
C GLY A 204 -9.17 -12.22 13.76
N ILE A 205 -8.27 -13.21 13.65
CA ILE A 205 -7.96 -14.02 14.81
C ILE A 205 -7.01 -13.24 15.72
N LEU A 206 -7.24 -13.31 17.04
CA LEU A 206 -6.35 -12.64 18.00
C LEU A 206 -5.11 -13.54 18.06
N GLY A 207 -4.03 -13.02 17.51
CA GLY A 207 -2.82 -13.76 17.23
C GLY A 207 -2.46 -13.74 15.75
N GLY A 208 -3.40 -13.31 14.92
CA GLY A 208 -3.19 -13.16 13.49
C GLY A 208 -3.42 -11.74 12.98
N ILE A 209 -3.45 -11.63 11.66
CA ILE A 209 -3.70 -10.39 10.98
C ILE A 209 -5.16 -10.03 11.16
N GLY A 210 -5.45 -8.72 11.25
CA GLY A 210 -6.82 -8.18 11.45
C GLY A 210 -7.68 -8.11 10.18
N THR A 211 -8.67 -7.23 10.20
CA THR A 211 -9.80 -7.27 9.26
C THR A 211 -9.90 -5.99 8.41
N ALA A 212 -8.83 -5.20 8.36
CA ALA A 212 -8.75 -4.03 7.52
C ALA A 212 -8.76 -4.43 6.06
N VAL A 213 -9.33 -3.55 5.26
CA VAL A 213 -9.21 -3.68 3.79
C VAL A 213 -7.73 -3.75 3.42
N GLU A 214 -6.90 -2.93 4.06
CA GLU A 214 -5.44 -2.93 3.88
C GLU A 214 -4.86 -4.32 4.08
N ASP A 215 -5.37 -5.05 5.08
CA ASP A 215 -4.82 -6.38 5.42
C ASP A 215 -5.11 -7.36 4.32
N VAL A 216 -6.35 -7.34 3.85
CA VAL A 216 -6.74 -8.26 2.76
C VAL A 216 -5.88 -8.04 1.49
N LEU A 217 -5.83 -6.81 1.04
CA LEU A 217 -5.09 -6.47 -0.15
C LEU A 217 -3.61 -6.87 0.01
N PHE A 218 -2.98 -6.56 1.15
CA PHE A 218 -1.57 -6.87 1.35
C PHE A 218 -1.28 -8.39 1.39
N MSE A 219 -2.19 -9.20 1.94
CA MSE A 219 -2.08 -10.65 1.87
C MSE A 219 -2.09 -11.12 0.41
O MSE A 219 -1.22 -11.91 -0.03
CB MSE A 219 -3.24 -11.30 2.63
CG MSE A 219 -3.21 -11.12 4.16
SE MSE A 219 -2.02 -12.32 5.11
CE MSE A 219 -3.24 -13.85 5.28
N LYS A 220 -3.08 -10.64 -0.35
CA LYS A 220 -3.20 -11.08 -1.73
C LYS A 220 -1.98 -10.60 -2.53
N GLN A 221 -1.52 -9.38 -2.29
CA GLN A 221 -0.37 -8.89 -3.04
C GLN A 221 0.93 -9.67 -2.71
N THR A 222 1.05 -10.07 -1.45
CA THR A 222 2.23 -10.80 -1.01
C THR A 222 2.24 -12.15 -1.71
N ALA A 223 1.08 -12.77 -1.79
CA ALA A 223 0.96 -14.10 -2.44
C ALA A 223 1.34 -13.96 -3.94
N ASP A 224 0.81 -12.94 -4.59
CA ASP A 224 1.18 -12.66 -6.01
C ASP A 224 2.69 -12.51 -6.17
N ARG A 225 3.27 -11.69 -5.29
CA ARG A 225 4.69 -11.32 -5.39
C ARG A 225 5.59 -12.52 -5.06
N LEU A 226 5.21 -13.35 -4.10
CA LEU A 226 6.11 -14.39 -3.65
C LEU A 226 5.91 -15.73 -4.37
N ILE A 227 4.66 -16.06 -4.65
CA ILE A 227 4.25 -17.34 -5.21
C ILE A 227 4.01 -17.24 -6.71
N GLY A 228 3.42 -16.15 -7.17
CA GLY A 228 3.19 -15.91 -8.60
C GLY A 228 1.70 -15.93 -8.87
N ARG A 229 1.19 -14.98 -9.66
CA ARG A 229 -0.25 -14.85 -9.91
C ARG A 229 -0.79 -16.14 -10.49
N GLU A 230 0.01 -16.75 -11.35
CA GLU A 230 -0.36 -18.00 -12.00
C GLU A 230 -0.18 -19.28 -11.17
N ASN A 231 0.43 -19.20 -9.98
CA ASN A 231 0.71 -20.43 -9.24
C ASN A 231 -0.24 -20.70 -8.07
N TYR A 232 -1.27 -19.88 -7.88
CA TYR A 232 -2.23 -20.13 -6.78
C TYR A 232 -3.61 -19.59 -7.07
N THR A 233 -4.57 -20.04 -6.30
CA THR A 233 -5.89 -19.41 -6.22
C THR A 233 -6.17 -19.23 -4.76
N TRP A 234 -7.18 -18.42 -4.41
CA TRP A 234 -7.40 -18.09 -3.00
C TRP A 234 -8.85 -17.87 -2.62
N SER A 235 -9.07 -18.12 -1.33
CA SER A 235 -10.30 -17.91 -0.63
C SER A 235 -10.01 -17.03 0.61
N LEU A 236 -11.06 -16.52 1.23
CA LEU A 236 -10.90 -15.60 2.33
C LEU A 236 -11.93 -15.92 3.41
N VAL A 237 -11.50 -15.77 4.66
CA VAL A 237 -12.36 -15.84 5.82
C VAL A 237 -12.28 -14.53 6.57
N GLY A 238 -13.41 -13.83 6.67
CA GLY A 238 -13.54 -12.70 7.62
C GLY A 238 -14.20 -13.14 8.93
N ALA A 239 -13.54 -12.94 10.08
CA ALA A 239 -14.12 -13.39 11.35
C ALA A 239 -15.26 -12.46 11.76
N GLY A 240 -16.30 -13.07 12.33
CA GLY A 240 -17.38 -12.30 13.01
C GLY A 240 -18.12 -11.31 12.13
N ARG A 241 -18.29 -10.07 12.59
CA ARG A 241 -18.98 -9.08 11.79
C ARG A 241 -18.29 -8.70 10.48
N PHE A 242 -17.07 -9.16 10.29
CA PHE A 242 -16.39 -8.90 9.05
C PHE A 242 -16.59 -9.95 7.99
N GLN A 243 -17.38 -10.99 8.27
CA GLN A 243 -17.62 -12.11 7.33
C GLN A 243 -18.12 -11.66 5.97
N MSE A 244 -19.20 -10.92 5.94
CA MSE A 244 -19.81 -10.53 4.69
C MSE A 244 -19.04 -9.40 4.00
O MSE A 244 -18.82 -9.48 2.83
CB MSE A 244 -21.27 -10.09 4.92
CG MSE A 244 -22.20 -11.18 5.42
SE MSE A 244 -22.24 -12.66 4.13
CE MSE A 244 -22.92 -14.06 5.32
N PRO A 245 -18.62 -8.35 4.72
CA PRO A 245 -17.93 -7.27 3.95
C PRO A 245 -16.58 -7.71 3.37
N LEU A 246 -15.79 -8.45 4.17
CA LEU A 246 -14.54 -8.99 3.67
C LEU A 246 -14.76 -10.06 2.60
N GLY A 247 -15.75 -10.93 2.77
CA GLY A 247 -16.07 -11.90 1.76
C GLY A 247 -16.48 -11.19 0.47
N THR A 248 -17.24 -10.12 0.57
CA THR A 248 -17.58 -9.34 -0.62
C THR A 248 -16.34 -8.71 -1.29
N LEU A 249 -15.45 -8.14 -0.46
CA LEU A 249 -14.18 -7.58 -0.94
C LEU A 249 -13.38 -8.64 -1.74
N ALA A 250 -13.35 -9.87 -1.21
CA ALA A 250 -12.67 -11.00 -1.83
C ALA A 250 -13.26 -11.31 -3.21
N VAL A 251 -14.58 -11.29 -3.29
CA VAL A 251 -15.25 -11.48 -4.57
C VAL A 251 -14.86 -10.37 -5.56
N ILE A 252 -14.86 -9.10 -5.12
CA ILE A 252 -14.48 -7.97 -5.95
C ILE A 252 -13.04 -8.12 -6.49
N MSE A 253 -12.15 -8.67 -5.67
CA MSE A 253 -10.76 -8.86 -6.02
C MSE A 253 -10.52 -10.18 -6.80
O MSE A 253 -9.36 -10.54 -7.04
CB MSE A 253 -9.89 -8.89 -4.74
CG MSE A 253 -9.79 -7.58 -3.98
SE MSE A 253 -8.99 -7.68 -2.28
CE MSE A 253 -7.28 -8.49 -2.79
N GLY A 254 -11.56 -10.95 -7.08
CA GLY A 254 -11.37 -12.18 -7.84
C GLY A 254 -11.15 -13.42 -6.99
N GLY A 255 -11.30 -13.30 -5.67
CA GLY A 255 -11.12 -14.46 -4.79
C GLY A 255 -12.44 -15.18 -4.50
N ASP A 256 -12.31 -16.33 -3.85
CA ASP A 256 -13.45 -17.11 -3.41
C ASP A 256 -13.75 -16.75 -1.96
N VAL A 257 -14.85 -17.24 -1.39
CA VAL A 257 -15.29 -16.79 -0.09
C VAL A 257 -15.79 -17.91 0.78
N ARG A 258 -15.48 -17.84 2.07
CA ARG A 258 -16.03 -18.73 3.08
C ARG A 258 -16.98 -18.01 4.06
N VAL A 259 -18.12 -18.61 4.34
CA VAL A 259 -19.06 -18.15 5.39
C VAL A 259 -19.26 -19.28 6.37
N GLY A 260 -20.15 -19.11 7.34
CA GLY A 260 -20.55 -20.22 8.21
C GLY A 260 -20.50 -19.87 9.69
N LEU A 261 -21.29 -20.58 10.46
CA LEU A 261 -21.36 -20.39 11.91
C LEU A 261 -20.06 -20.73 12.64
N GLU A 262 -19.15 -21.45 12.00
CA GLU A 262 -17.79 -21.56 12.56
C GLU A 262 -17.12 -20.21 12.77
N ASP A 263 -17.35 -19.27 11.85
CA ASP A 263 -16.64 -18.01 11.82
C ASP A 263 -17.51 -16.85 12.38
N SER A 264 -18.82 -16.93 12.22
CA SER A 264 -19.73 -15.91 12.81
C SER A 264 -21.05 -16.53 13.20
N LEU A 265 -21.51 -16.25 14.40
CA LEU A 265 -22.79 -16.75 14.90
C LEU A 265 -23.98 -15.88 14.41
N TYR A 266 -23.67 -14.83 13.65
CA TYR A 266 -24.62 -13.74 13.34
C TYR A 266 -24.95 -13.63 11.86
N ILE A 267 -26.17 -13.20 11.55
CA ILE A 267 -26.55 -12.94 10.17
C ILE A 267 -26.52 -11.42 9.91
N GLU A 268 -26.78 -10.66 10.96
CA GLU A 268 -26.68 -9.19 10.93
C GLU A 268 -26.34 -8.81 12.39
N ARG A 269 -25.87 -7.57 12.60
N ARG A 269 -25.85 -7.59 12.60
CA ARG A 269 -25.54 -7.03 13.94
CA ARG A 269 -25.44 -7.17 13.95
C ARG A 269 -26.63 -7.34 14.98
C ARG A 269 -26.57 -7.35 14.97
N GLY A 270 -26.29 -8.05 16.06
CA GLY A 270 -27.26 -8.34 17.10
C GLY A 270 -28.30 -9.39 16.72
N LYS A 271 -28.20 -10.02 15.54
CA LYS A 271 -29.17 -11.05 15.17
C LYS A 271 -28.47 -12.35 14.84
N LEU A 272 -28.69 -13.35 15.68
CA LEU A 272 -28.07 -14.65 15.52
C LEU A 272 -28.54 -15.28 14.21
N ALA A 273 -27.60 -15.87 13.48
CA ALA A 273 -27.93 -16.69 12.32
C ALA A 273 -28.63 -17.98 12.78
N LYS A 274 -29.82 -18.26 12.27
CA LYS A 274 -30.49 -19.51 12.66
C LYS A 274 -29.95 -20.72 11.89
N SER A 275 -29.15 -20.50 10.87
CA SER A 275 -28.51 -21.65 10.17
C SER A 275 -27.37 -21.19 9.33
N ASN A 276 -26.47 -22.12 9.05
CA ASN A 276 -25.43 -21.91 8.06
C ASN A 276 -26.05 -21.46 6.70
N ALA A 277 -27.12 -22.11 6.26
CA ALA A 277 -27.73 -21.80 4.95
C ALA A 277 -28.11 -20.31 4.83
N GLU A 278 -28.52 -19.72 5.94
CA GLU A 278 -28.92 -18.31 5.96
C GLU A 278 -27.72 -17.43 5.50
N GLN A 279 -26.51 -17.73 5.98
CA GLN A 279 -25.32 -17.01 5.59
C GLN A 279 -24.94 -17.32 4.15
N VAL A 280 -25.06 -18.59 3.74
CA VAL A 280 -24.78 -18.95 2.36
C VAL A 280 -25.74 -18.20 1.40
N GLU A 281 -27.03 -18.19 1.69
CA GLU A 281 -28.00 -17.51 0.84
C GLU A 281 -27.66 -16.04 0.68
N LYS A 282 -27.31 -15.39 1.78
N LYS A 282 -27.34 -15.40 1.79
CA LYS A 282 -26.91 -13.98 1.73
CA LYS A 282 -26.92 -13.99 1.74
C LYS A 282 -25.68 -13.75 0.84
C LYS A 282 -25.69 -13.78 0.83
N MSE A 283 -24.63 -14.55 1.05
CA MSE A 283 -23.40 -14.37 0.26
C MSE A 283 -23.68 -14.61 -1.24
O MSE A 283 -23.16 -13.89 -2.11
CB MSE A 283 -22.29 -15.31 0.76
CG MSE A 283 -20.87 -15.03 0.12
SE MSE A 283 -20.30 -13.18 0.57
CE MSE A 283 -20.14 -12.75 -1.08
N VAL A 284 -24.51 -15.61 -1.52
CA VAL A 284 -24.87 -15.95 -2.87
C VAL A 284 -25.66 -14.79 -3.50
N ARG A 285 -26.56 -14.15 -2.73
CA ARG A 285 -27.22 -12.96 -3.25
C ARG A 285 -26.24 -11.88 -3.63
N ILE A 286 -25.19 -11.72 -2.82
CA ILE A 286 -24.16 -10.68 -3.05
C ILE A 286 -23.31 -11.00 -4.32
N VAL A 287 -22.92 -12.26 -4.42
CA VAL A 287 -22.23 -12.78 -5.59
C VAL A 287 -22.98 -12.49 -6.87
N LYS A 288 -24.28 -12.78 -6.89
CA LYS A 288 -25.13 -12.55 -8.06
C LYS A 288 -25.33 -11.08 -8.41
N GLU A 289 -25.40 -10.20 -7.42
CA GLU A 289 -25.50 -8.75 -7.72
C GLU A 289 -24.21 -8.30 -8.36
N LEU A 290 -23.09 -8.92 -7.98
CA LEU A 290 -21.80 -8.54 -8.57
C LEU A 290 -21.57 -9.27 -9.92
N GLY A 291 -22.63 -9.83 -10.48
CA GLY A 291 -22.60 -10.40 -11.82
C GLY A 291 -21.92 -11.76 -11.87
N LYS A 292 -21.91 -12.47 -10.76
CA LYS A 292 -21.25 -13.76 -10.71
C LYS A 292 -22.23 -14.81 -10.21
N ARG A 293 -21.78 -16.04 -10.09
CA ARG A 293 -22.64 -17.06 -9.51
C ARG A 293 -21.86 -18.09 -8.74
N PRO A 294 -22.55 -18.84 -7.87
CA PRO A 294 -21.80 -19.81 -7.07
C PRO A 294 -21.43 -21.04 -7.88
N ALA A 295 -20.25 -21.58 -7.60
CA ALA A 295 -19.84 -22.88 -8.11
C ALA A 295 -20.69 -24.05 -7.58
N THR A 296 -21.09 -24.94 -8.47
CA THR A 296 -21.59 -26.25 -8.10
C THR A 296 -20.44 -27.08 -7.53
N PRO A 297 -20.77 -28.11 -6.73
CA PRO A 297 -19.70 -28.94 -6.25
C PRO A 297 -18.82 -29.50 -7.37
N ASP A 298 -19.40 -29.95 -8.48
CA ASP A 298 -18.54 -30.49 -9.56
C ASP A 298 -17.68 -29.41 -10.20
N GLU A 299 -18.16 -28.18 -10.24
CA GLU A 299 -17.30 -27.06 -10.65
C GLU A 299 -16.15 -26.80 -9.67
N VAL A 300 -16.41 -26.84 -8.37
CA VAL A 300 -15.32 -26.82 -7.36
C VAL A 300 -14.24 -27.88 -7.71
N ARG A 301 -14.68 -29.08 -8.01
CA ARG A 301 -13.75 -30.15 -8.29
C ARG A 301 -12.90 -29.79 -9.50
N GLU A 302 -13.53 -29.25 -10.54
CA GLU A 302 -12.82 -28.92 -11.78
C GLU A 302 -11.90 -27.75 -11.52
N ILE A 303 -12.39 -26.70 -10.85
CA ILE A 303 -11.59 -25.50 -10.59
C ILE A 303 -10.34 -25.79 -9.77
N LEU A 304 -10.46 -26.67 -8.77
CA LEU A 304 -9.35 -26.95 -7.86
C LEU A 304 -8.60 -28.28 -8.16
N GLY A 305 -9.04 -29.02 -9.16
CA GLY A 305 -8.37 -30.27 -9.55
C GLY A 305 -8.53 -31.37 -8.54
N LEU A 306 -9.73 -31.53 -7.99
CA LEU A 306 -9.99 -32.51 -6.95
C LEU A 306 -10.25 -33.91 -7.53
N LYS A 307 -9.88 -34.94 -6.76
CA LYS A 307 -9.93 -36.29 -7.26
C LYS A 307 -11.36 -36.83 -7.56
N GLY A 308 -12.39 -36.23 -7.00
CA GLY A 308 -13.74 -36.72 -7.16
C GLY A 308 -14.31 -37.39 -5.92
N LYS A 309 -15.62 -37.34 -5.81
CA LYS A 309 -16.33 -37.82 -4.61
C LYS A 309 -16.23 -39.33 -4.44
N GLU A 310 -16.05 -40.05 -5.55
CA GLU A 310 -15.98 -41.48 -5.51
C GLU A 310 -14.62 -41.97 -5.07
N ARG A 311 -13.65 -41.09 -4.93
CA ARG A 311 -12.30 -41.54 -4.58
C ARG A 311 -11.93 -41.28 -3.13
N VAL A 312 -12.86 -40.78 -2.30
CA VAL A 312 -12.63 -40.65 -0.87
C VAL A 312 -12.86 -41.97 -0.14
N ASN A 313 -12.37 -42.08 1.10
CA ASN A 313 -12.53 -43.33 1.83
C ASN A 313 -13.64 -43.21 2.87
N PHE A 314 -14.82 -42.80 2.40
CA PHE A 314 -16.03 -42.76 3.18
C PHE A 314 -17.23 -42.73 2.21
N LYS B 4 25.32 -5.45 -14.40
CA LYS B 4 24.91 -5.95 -13.05
C LYS B 4 23.83 -5.02 -12.44
N ASP B 5 23.11 -5.60 -11.46
CA ASP B 5 22.28 -4.86 -10.50
C ASP B 5 23.12 -3.99 -9.53
N ASP B 6 24.42 -3.86 -9.78
CA ASP B 6 25.28 -3.01 -8.97
C ASP B 6 25.69 -1.70 -9.65
N VAL B 7 25.21 -1.48 -10.87
CA VAL B 7 25.43 -0.21 -11.55
C VAL B 7 24.19 0.65 -11.39
N VAL B 8 24.36 1.90 -10.99
CA VAL B 8 23.28 2.86 -10.91
C VAL B 8 23.53 4.00 -11.87
N ILE B 9 22.56 4.34 -12.72
CA ILE B 9 22.71 5.55 -13.52
C ILE B 9 22.42 6.76 -12.64
N VAL B 10 23.38 7.67 -12.54
CA VAL B 10 23.21 8.94 -11.84
C VAL B 10 23.14 10.03 -12.87
N THR B 11 21.99 10.69 -12.98
CA THR B 11 21.79 11.76 -13.91
C THR B 11 21.93 13.08 -13.15
N CYS B 12 22.50 14.09 -13.79
CA CYS B 12 22.52 15.42 -13.16
C CYS B 12 21.82 16.48 -14.01
N ALA B 13 20.80 17.08 -13.44
CA ALA B 13 19.94 18.06 -14.12
C ALA B 13 20.51 19.44 -13.73
N ILE B 14 21.13 20.11 -14.71
CA ILE B 14 22.07 21.18 -14.46
C ILE B 14 21.46 22.53 -14.07
N THR B 15 20.31 22.89 -14.65
CA THR B 15 19.76 24.23 -14.41
C THR B 15 18.23 24.31 -14.45
N GLY B 16 17.62 23.63 -15.41
CA GLY B 16 16.18 23.55 -15.48
C GLY B 16 15.53 24.89 -15.82
N ALA B 17 14.28 25.02 -15.41
CA ALA B 17 13.49 26.21 -15.66
C ALA B 17 12.70 26.73 -14.46
N ILE B 18 12.80 26.07 -13.32
CA ILE B 18 12.00 26.39 -12.15
C ILE B 18 12.70 27.44 -11.31
N HIS B 19 13.91 27.11 -10.88
CA HIS B 19 14.69 28.09 -10.09
C HIS B 19 15.07 29.29 -10.94
N THR B 20 15.17 30.43 -10.30
CA THR B 20 15.54 31.64 -10.99
C THR B 20 16.89 32.14 -10.40
N PRO B 21 17.65 32.97 -11.14
CA PRO B 21 19.02 33.41 -10.75
C PRO B 21 19.16 34.07 -9.38
N SER B 22 18.15 34.85 -9.01
CA SER B 22 18.24 35.50 -7.74
C SER B 22 18.13 34.55 -6.54
N MSE B 23 17.75 33.31 -6.76
CA MSE B 23 17.61 32.34 -5.69
C MSE B 23 18.95 31.74 -5.23
O MSE B 23 19.05 31.27 -4.14
CB MSE B 23 16.70 31.22 -6.14
CG MSE B 23 15.30 31.68 -6.47
SE MSE B 23 14.15 30.23 -6.91
CE MSE B 23 12.52 31.27 -7.28
N SER B 24 19.95 31.75 -6.10
CA SER B 24 21.27 31.22 -5.78
C SER B 24 22.26 31.72 -6.78
N PRO B 25 23.40 32.24 -6.30
CA PRO B 25 24.41 32.69 -7.26
C PRO B 25 25.09 31.50 -7.95
N TYR B 26 24.77 30.29 -7.51
CA TYR B 26 25.38 29.10 -8.08
C TYR B 26 24.53 28.38 -9.13
N LEU B 27 23.30 28.83 -9.32
CA LEU B 27 22.47 28.36 -10.46
C LEU B 27 23.11 28.78 -11.79
N PRO B 28 23.47 27.79 -12.62
CA PRO B 28 24.09 28.14 -13.91
C PRO B 28 23.10 28.85 -14.82
N VAL B 29 23.50 29.99 -15.38
CA VAL B 29 22.64 30.82 -16.25
C VAL B 29 23.11 30.84 -17.67
N THR B 30 24.37 31.18 -17.85
CA THR B 30 24.87 31.40 -19.18
C THR B 30 25.19 30.05 -19.85
N PRO B 31 25.25 30.03 -21.17
CA PRO B 31 25.56 28.80 -21.89
C PRO B 31 26.90 28.17 -21.46
N ASP B 32 27.88 29.03 -21.28
CA ASP B 32 29.20 28.64 -20.78
C ASP B 32 29.14 28.08 -19.36
N GLN B 33 28.35 28.68 -18.46
CA GLN B 33 28.21 28.11 -17.12
C GLN B 33 27.57 26.72 -17.16
N ILE B 34 26.52 26.59 -17.96
CA ILE B 34 25.83 25.32 -18.11
C ILE B 34 26.79 24.22 -18.69
N VAL B 35 27.59 24.55 -19.68
CA VAL B 35 28.62 23.63 -20.19
C VAL B 35 29.61 23.19 -19.10
N GLU B 36 30.16 24.16 -18.36
CA GLU B 36 31.21 23.90 -17.36
C GLU B 36 30.65 22.99 -16.28
N GLU B 37 29.44 23.31 -15.84
CA GLU B 37 28.79 22.56 -14.81
C GLU B 37 28.43 21.13 -15.24
N ALA B 38 27.96 20.97 -16.47
CA ALA B 38 27.67 19.64 -17.03
C ALA B 38 28.94 18.77 -17.01
N VAL B 39 30.06 19.34 -17.49
CA VAL B 39 31.33 18.60 -17.58
C VAL B 39 31.83 18.23 -16.17
N LYS B 40 31.71 19.16 -15.22
CA LYS B 40 32.05 18.85 -13.81
C LYS B 40 31.21 17.73 -13.24
N ALA B 41 29.91 17.76 -13.54
CA ALA B 41 28.98 16.76 -13.03
C ALA B 41 29.40 15.43 -13.63
N ALA B 42 29.70 15.41 -14.91
CA ALA B 42 30.14 14.15 -15.55
C ALA B 42 31.40 13.60 -14.87
N GLU B 43 32.33 14.47 -14.52
CA GLU B 43 33.62 14.02 -13.99
C GLU B 43 33.38 13.50 -12.56
N ALA B 44 32.31 13.94 -11.94
CA ALA B 44 31.97 13.47 -10.61
C ALA B 44 31.20 12.15 -10.59
N GLY B 45 30.78 11.64 -11.75
CA GLY B 45 30.12 10.34 -11.85
C GLY B 45 28.71 10.35 -12.42
N ALA B 46 28.25 11.50 -12.93
CA ALA B 46 26.98 11.57 -13.65
C ALA B 46 27.19 11.02 -15.07
N GLY B 47 26.66 9.84 -15.34
CA GLY B 47 26.77 9.31 -16.68
C GLY B 47 25.89 9.97 -17.72
N MSE B 48 24.91 10.75 -17.28
N MSE B 48 24.92 10.77 -17.28
CA MSE B 48 24.03 11.52 -18.15
CA MSE B 48 24.02 11.52 -18.16
C MSE B 48 23.79 12.87 -17.46
C MSE B 48 23.76 12.86 -17.47
O MSE B 48 23.77 12.94 -16.22
O MSE B 48 23.67 12.92 -16.23
CB MSE B 48 22.70 10.78 -18.34
CB MSE B 48 22.74 10.73 -18.36
CG MSE B 48 21.62 11.50 -19.12
CG MSE B 48 21.60 11.41 -19.09
SE MSE B 48 19.88 10.57 -19.00
SE MSE B 48 20.25 10.15 -19.77
CE MSE B 48 20.40 8.84 -19.69
CE MSE B 48 19.60 9.36 -18.13
N VAL B 49 23.71 13.92 -18.27
CA VAL B 49 23.38 15.26 -17.82
C VAL B 49 22.13 15.71 -18.55
N HIS B 50 21.29 16.47 -17.87
CA HIS B 50 20.04 16.90 -18.44
C HIS B 50 20.07 18.43 -18.54
N ILE B 51 19.76 18.92 -19.74
CA ILE B 51 20.02 20.28 -20.19
C ILE B 51 18.74 21.06 -20.57
N HIS B 52 18.61 22.23 -19.97
CA HIS B 52 17.71 23.31 -20.44
C HIS B 52 18.58 24.46 -20.92
N ALA B 53 17.99 25.36 -21.72
CA ALA B 53 18.64 26.57 -22.19
C ALA B 53 18.04 27.75 -21.41
N ARG B 54 18.86 28.78 -21.22
CA ARG B 54 18.40 30.04 -20.59
C ARG B 54 18.85 31.21 -21.42
N ASP B 55 18.09 32.30 -21.38
CA ASP B 55 18.54 33.50 -22.04
C ASP B 55 19.89 33.92 -21.45
N PRO B 56 20.94 33.97 -22.30
CA PRO B 56 22.24 34.28 -21.78
C PRO B 56 22.26 35.60 -21.01
N LYS B 57 21.43 36.57 -21.39
CA LYS B 57 21.46 37.90 -20.75
C LYS B 57 20.96 37.92 -19.32
N ASP B 58 19.89 37.18 -19.04
CA ASP B 58 19.19 37.35 -17.76
C ASP B 58 18.69 36.05 -17.13
N GLY B 59 18.97 34.93 -17.77
CA GLY B 59 18.64 33.63 -17.20
C GLY B 59 17.23 33.15 -17.45
N ARG B 60 16.45 33.87 -18.23
CA ARG B 60 15.04 33.53 -18.38
C ARG B 60 14.93 32.25 -19.21
N PRO B 61 14.09 31.31 -18.79
CA PRO B 61 14.04 30.10 -19.62
C PRO B 61 13.74 30.43 -21.10
N THR B 62 14.39 29.68 -22.01
CA THR B 62 14.19 29.86 -23.44
C THR B 62 14.24 28.49 -24.13
N THR B 63 13.46 28.34 -25.20
CA THR B 63 13.51 27.16 -26.04
C THR B 63 14.61 27.32 -27.13
N ASP B 64 15.21 28.50 -27.24
CA ASP B 64 16.12 28.81 -28.35
C ASP B 64 17.04 27.63 -28.74
N VAL B 65 16.75 27.02 -29.89
CA VAL B 65 17.49 25.84 -30.36
C VAL B 65 18.98 26.14 -30.57
N GLU B 66 19.32 27.36 -30.96
CA GLU B 66 20.71 27.72 -31.23
C GLU B 66 21.51 27.87 -29.94
N VAL B 67 20.83 28.06 -28.82
CA VAL B 67 21.54 28.04 -27.55
C VAL B 67 21.77 26.57 -27.17
N PHE B 68 20.75 25.75 -27.35
CA PHE B 68 20.90 24.34 -27.15
C PHE B 68 22.07 23.81 -27.98
N ARG B 69 22.15 24.17 -29.25
CA ARG B 69 23.18 23.60 -30.16
C ARG B 69 24.56 23.93 -29.61
N TYR B 70 24.74 25.18 -29.20
CA TYR B 70 26.01 25.64 -28.65
C TYR B 70 26.35 24.86 -27.41
N ILE B 71 25.40 24.74 -26.49
CA ILE B 71 25.65 24.01 -25.22
C ILE B 71 26.02 22.54 -25.49
N CYS B 72 25.22 21.89 -26.33
CA CYS B 72 25.41 20.46 -26.56
C CYS B 72 26.71 20.22 -27.29
N ARG B 73 26.98 21.03 -28.31
CA ARG B 73 28.26 20.95 -28.99
C ARG B 73 29.44 21.09 -28.02
N GLU B 74 29.36 22.07 -27.12
CA GLU B 74 30.48 22.34 -26.26
C GLU B 74 30.69 21.22 -25.21
N ILE B 75 29.59 20.65 -24.69
CA ILE B 75 29.70 19.52 -23.79
C ILE B 75 30.38 18.35 -24.49
N LYS B 76 29.89 17.99 -25.65
CA LYS B 76 30.43 16.84 -26.39
C LYS B 76 31.91 17.05 -26.71
N LYS B 77 32.33 18.28 -26.96
CA LYS B 77 33.76 18.51 -27.21
C LYS B 77 34.62 18.19 -25.97
N GLN B 78 34.03 18.27 -24.76
CA GLN B 78 34.80 18.01 -23.55
C GLN B 78 34.53 16.70 -22.86
N SER B 79 33.45 16.00 -23.22
CA SER B 79 33.01 14.86 -22.44
C SER B 79 32.21 13.88 -23.29
N ASP B 80 32.27 12.61 -22.96
CA ASP B 80 31.46 11.60 -23.64
C ASP B 80 30.15 11.39 -22.89
N VAL B 81 29.84 12.26 -21.92
CA VAL B 81 28.61 12.16 -21.15
C VAL B 81 27.37 12.09 -22.08
N VAL B 82 26.36 11.34 -21.66
CA VAL B 82 25.13 11.25 -22.42
C VAL B 82 24.37 12.56 -22.16
N ILE B 83 23.94 13.25 -23.23
CA ILE B 83 23.27 14.53 -23.04
C ILE B 83 21.79 14.35 -23.29
N ASN B 84 21.00 14.63 -22.26
CA ASN B 84 19.56 14.43 -22.28
C ASN B 84 18.99 15.85 -22.39
N VAL B 85 18.26 16.10 -23.49
N VAL B 85 18.32 16.17 -23.49
CA VAL B 85 17.73 17.44 -23.79
CA VAL B 85 17.83 17.53 -23.68
C VAL B 85 16.30 17.55 -23.33
C VAL B 85 16.34 17.60 -23.40
N THR B 86 15.92 18.71 -22.80
CA THR B 86 14.51 18.88 -22.44
C THR B 86 13.64 19.12 -23.66
N THR B 87 12.41 18.58 -23.64
CA THR B 87 11.28 19.12 -24.41
C THR B 87 10.13 19.58 -23.48
N GLY B 88 10.42 19.67 -22.18
CA GLY B 88 9.54 20.28 -21.22
C GLY B 88 9.77 21.77 -20.96
N GLY B 89 11.03 22.22 -21.06
CA GLY B 89 11.41 23.63 -20.74
C GLY B 89 10.63 24.58 -21.60
N GLY B 90 10.03 25.59 -21.00
CA GLY B 90 9.11 26.49 -21.70
C GLY B 90 7.65 26.18 -21.39
N GLY B 91 7.38 24.95 -20.96
CA GLY B 91 6.01 24.48 -20.66
C GLY B 91 5.34 25.28 -19.56
N THR B 92 6.12 25.63 -18.54
CA THR B 92 5.64 26.45 -17.43
C THR B 92 5.54 27.92 -17.78
N LEU B 93 5.87 28.29 -19.04
CA LEU B 93 5.59 29.61 -19.59
C LEU B 93 4.49 29.53 -20.66
N GLY B 94 3.82 28.38 -20.73
CA GLY B 94 2.74 28.16 -21.68
C GLY B 94 3.16 27.87 -23.12
N ILE B 95 4.43 27.56 -23.32
CA ILE B 95 4.86 27.17 -24.65
C ILE B 95 4.42 25.72 -24.90
N PRO B 96 3.76 25.45 -26.02
CA PRO B 96 3.23 24.10 -26.29
C PRO B 96 4.29 23.13 -26.80
N VAL B 97 3.94 21.83 -26.78
CA VAL B 97 4.83 20.76 -27.20
C VAL B 97 5.37 20.99 -28.61
N GLU B 98 4.50 21.38 -29.56
CA GLU B 98 4.91 21.65 -30.97
C GLU B 98 6.16 22.54 -31.11
N GLU B 99 6.26 23.54 -30.23
N GLU B 99 6.26 23.54 -30.23
CA GLU B 99 7.39 24.45 -30.24
CA GLU B 99 7.39 24.45 -30.25
C GLU B 99 8.56 23.82 -29.49
C GLU B 99 8.56 23.83 -29.49
N ARG B 100 8.28 23.34 -28.29
CA ARG B 100 9.33 22.83 -27.40
C ARG B 100 9.99 21.58 -28.01
N ALA B 101 9.29 20.87 -28.88
CA ALA B 101 9.86 19.64 -29.45
C ALA B 101 10.90 19.87 -30.57
N LYS B 102 10.97 21.10 -31.09
CA LYS B 102 11.79 21.37 -32.31
C LYS B 102 13.30 21.10 -32.11
N VAL B 103 13.74 21.05 -30.86
CA VAL B 103 15.11 20.73 -30.52
C VAL B 103 15.50 19.31 -30.96
N VAL B 104 14.52 18.41 -31.00
CA VAL B 104 14.81 16.99 -31.32
C VAL B 104 15.13 16.77 -32.81
N PRO B 105 14.30 17.28 -33.75
CA PRO B 105 14.73 17.18 -35.16
C PRO B 105 16.00 17.99 -35.48
N ALA B 106 16.19 19.13 -34.79
CA ALA B 106 17.38 19.95 -35.00
C ALA B 106 18.69 19.28 -34.54
N LEU B 107 18.71 18.82 -33.29
CA LEU B 107 19.91 18.32 -32.66
C LEU B 107 20.02 16.80 -32.67
N LYS B 108 18.93 16.06 -32.90
CA LYS B 108 18.96 14.60 -32.92
C LYS B 108 19.72 14.00 -31.70
N PRO B 109 19.33 14.41 -30.48
CA PRO B 109 20.00 13.90 -29.30
C PRO B 109 19.82 12.39 -29.07
N GLU B 110 20.70 11.79 -28.27
CA GLU B 110 20.51 10.37 -27.91
C GLU B 110 19.23 10.09 -27.10
N ILE B 111 18.84 11.06 -26.27
CA ILE B 111 17.73 10.89 -25.32
C ILE B 111 17.19 12.27 -25.03
N ALA B 112 15.89 12.37 -24.81
CA ALA B 112 15.28 13.63 -24.45
C ALA B 112 14.04 13.42 -23.59
N THR B 113 13.65 14.45 -22.85
CA THR B 113 12.50 14.26 -21.98
C THR B 113 11.21 14.35 -22.78
N PHE B 114 10.17 13.73 -22.23
CA PHE B 114 8.94 13.34 -22.93
C PHE B 114 7.89 13.31 -21.79
N ASN B 115 7.26 14.46 -21.58
CA ASN B 115 6.34 14.63 -20.46
C ASN B 115 4.96 14.02 -20.73
N MSE B 116 4.46 13.27 -19.76
CA MSE B 116 3.39 12.29 -20.01
C MSE B 116 1.97 12.74 -19.62
O MSE B 116 1.07 11.94 -19.61
CB MSE B 116 3.74 10.96 -19.36
CG MSE B 116 4.77 10.15 -20.17
SE MSE B 116 4.22 9.77 -21.94
CE MSE B 116 2.35 9.36 -21.59
N GLY B 117 1.75 14.02 -19.34
CA GLY B 117 0.40 14.48 -19.21
C GLY B 117 0.30 15.99 -19.00
N SER B 118 -0.92 16.50 -19.08
CA SER B 118 -1.20 17.92 -18.84
C SER B 118 -1.48 18.06 -17.35
N MSE B 119 -1.02 19.15 -16.75
CA MSE B 119 -1.10 19.31 -15.33
C MSE B 119 -0.90 20.77 -14.95
O MSE B 119 -0.28 21.54 -15.67
CB MSE B 119 -0.04 18.48 -14.60
CG MSE B 119 1.41 18.83 -15.04
SE MSE B 119 2.86 17.69 -14.44
CE MSE B 119 2.84 18.14 -12.54
N ASN B 120 -1.38 21.09 -13.76
CA ASN B 120 -0.96 22.32 -13.07
C ASN B 120 0.51 22.10 -12.70
N PHE B 121 1.29 23.18 -12.73
CA PHE B 121 2.74 23.12 -12.41
C PHE B 121 3.12 24.48 -11.86
N ALA B 122 2.97 24.61 -10.54
CA ALA B 122 2.87 25.92 -9.90
C ALA B 122 4.02 26.09 -8.95
N ILE B 123 4.70 27.22 -9.08
CA ILE B 123 5.79 27.60 -8.18
C ILE B 123 5.59 29.03 -7.65
N HIS B 124 4.38 29.55 -7.75
CA HIS B 124 4.09 30.87 -7.17
C HIS B 124 4.35 30.95 -5.66
N PRO B 125 4.27 29.81 -4.95
CA PRO B 125 4.62 29.88 -3.54
C PRO B 125 6.05 30.33 -3.29
N LEU B 126 6.94 30.15 -4.27
CA LEU B 126 8.29 30.64 -4.08
C LEU B 126 8.34 32.14 -3.77
N LEU B 127 7.31 32.89 -4.13
CA LEU B 127 7.24 34.32 -3.87
C LEU B 127 7.16 34.65 -2.38
N LYS B 128 6.73 33.72 -1.55
N LYS B 128 6.70 33.70 -1.58
CA LYS B 128 6.71 33.94 -0.10
CA LYS B 128 6.72 33.82 -0.13
C LYS B 128 8.12 33.75 0.48
C LYS B 128 8.14 33.89 0.38
N LYS B 129 9.03 33.15 -0.29
CA LYS B 129 10.37 32.91 0.21
C LYS B 129 11.37 33.94 -0.31
N TYR B 130 11.26 34.28 -1.59
CA TYR B 130 12.14 35.25 -2.20
C TYR B 130 11.41 36.56 -2.42
N LYS B 131 11.95 37.64 -1.86
CA LYS B 131 11.33 38.95 -2.00
C LYS B 131 12.04 39.88 -2.96
N GLU B 132 13.33 39.63 -3.19
CA GLU B 132 14.18 40.57 -3.92
C GLU B 132 14.80 39.83 -5.06
N PHE B 133 14.65 40.41 -6.25
CA PHE B 133 15.06 39.75 -7.45
C PHE B 133 15.90 40.72 -8.23
N LYS B 134 16.98 40.20 -8.83
CA LYS B 134 17.77 41.03 -9.72
C LYS B 134 16.94 41.46 -10.93
N TYR B 135 16.16 40.54 -11.51
CA TYR B 135 15.41 40.85 -12.74
C TYR B 135 13.89 40.88 -12.50
N ASP B 136 13.23 41.84 -13.12
CA ASP B 136 11.77 41.89 -13.08
C ASP B 136 11.09 40.63 -13.63
N TRP B 137 11.68 39.97 -14.61
CA TRP B 137 11.05 38.79 -15.16
C TRP B 137 10.85 37.71 -14.11
N GLU B 138 11.71 37.64 -13.08
CA GLU B 138 11.66 36.48 -12.19
C GLU B 138 10.32 36.36 -11.39
N PRO B 139 9.91 37.39 -10.64
CA PRO B 139 8.63 37.24 -9.95
C PRO B 139 7.42 37.19 -10.87
N GLU B 140 7.52 37.85 -12.03
N GLU B 140 7.53 37.82 -12.03
CA GLU B 140 6.48 37.77 -13.07
CA GLU B 140 6.48 37.81 -13.01
C GLU B 140 6.29 36.32 -13.42
C GLU B 140 6.28 36.40 -13.62
N TYR B 141 7.39 35.67 -13.80
CA TYR B 141 7.35 34.21 -14.11
C TYR B 141 6.77 33.33 -12.98
N LEU B 142 7.26 33.49 -11.76
CA LEU B 142 6.74 32.74 -10.65
C LEU B 142 5.21 32.90 -10.55
N GLU B 143 4.77 34.16 -10.53
CA GLU B 143 3.35 34.43 -10.44
C GLU B 143 2.54 33.80 -11.57
N MSE B 144 3.04 33.87 -12.81
N MSE B 144 3.04 33.90 -12.80
CA MSE B 144 2.30 33.40 -13.98
CA MSE B 144 2.38 33.41 -14.00
C MSE B 144 2.04 31.88 -13.92
C MSE B 144 2.02 31.92 -13.87
O MSE B 144 1.06 31.41 -14.49
O MSE B 144 0.96 31.50 -14.33
CB MSE B 144 2.99 33.83 -15.30
CB MSE B 144 3.32 33.62 -15.21
CG MSE B 144 4.15 32.89 -15.84
CG MSE B 144 2.70 34.11 -16.53
SE MSE B 144 4.96 33.32 -17.64
SE MSE B 144 3.16 35.95 -17.12
CE MSE B 144 5.59 35.15 -17.35
CE MSE B 144 1.84 36.11 -18.55
N THR B 145 2.90 31.13 -13.22
CA THR B 145 2.69 29.70 -13.08
C THR B 145 1.45 29.33 -12.26
N ARG B 146 0.91 30.28 -11.50
CA ARG B 146 -0.37 30.08 -10.80
C ARG B 146 -1.50 29.78 -11.77
N ASP B 147 -1.35 30.21 -13.03
CA ASP B 147 -2.38 30.08 -14.01
C ASP B 147 -1.90 29.59 -15.36
N ILE B 148 -0.84 28.78 -15.39
CA ILE B 148 -0.42 28.18 -16.62
C ILE B 148 -0.48 26.69 -16.54
N VAL B 149 -1.18 26.07 -17.48
CA VAL B 149 -1.20 24.61 -17.63
C VAL B 149 0.08 24.13 -18.34
N PHE B 150 0.75 23.18 -17.74
CA PHE B 150 1.86 22.51 -18.41
C PHE B 150 1.19 21.51 -19.34
N ARG B 151 1.10 21.88 -20.61
CA ARG B 151 0.21 21.19 -21.54
C ARG B 151 0.89 20.05 -22.30
N ASN B 152 0.37 18.84 -22.18
CA ASN B 152 0.87 17.69 -22.94
C ASN B 152 -0.28 16.71 -23.23
N THR B 153 -1.06 17.05 -24.26
CA THR B 153 -2.29 16.32 -24.59
C THR B 153 -1.92 15.01 -25.30
N PHE B 154 -2.86 14.06 -25.34
CA PHE B 154 -2.62 12.86 -26.15
C PHE B 154 -2.26 13.17 -27.61
N LYS B 155 -2.92 14.15 -28.23
N LYS B 155 -2.89 14.16 -28.24
CA LYS B 155 -2.53 14.53 -29.61
CA LYS B 155 -2.53 14.51 -29.62
C LYS B 155 -1.04 14.92 -29.63
C LYS B 155 -1.11 15.07 -29.73
N ASP B 156 -0.65 15.80 -28.73
CA ASP B 156 0.73 16.25 -28.63
C ASP B 156 1.66 15.04 -28.53
N LEU B 157 1.29 14.10 -27.67
CA LEU B 157 2.15 12.98 -27.37
C LEU B 157 2.25 12.02 -28.53
N GLU B 158 1.21 11.88 -29.34
CA GLU B 158 1.27 11.03 -30.53
C GLU B 158 2.31 11.63 -31.51
N ALA B 159 2.23 12.94 -31.67
CA ALA B 159 3.12 13.69 -32.57
C ALA B 159 4.56 13.59 -32.09
N LEU B 160 4.73 13.82 -30.79
CA LEU B 160 6.03 13.65 -30.13
C LEU B 160 6.64 12.26 -30.26
N SER B 161 5.84 11.20 -30.12
CA SER B 161 6.35 9.86 -30.28
C SER B 161 6.98 9.66 -31.63
N ARG B 162 6.41 10.29 -32.67
CA ARG B 162 6.89 10.12 -34.03
C ARG B 162 8.17 10.91 -34.22
N ILE B 163 8.16 12.14 -33.75
CA ILE B 163 9.35 12.97 -33.77
C ILE B 163 10.59 12.27 -33.15
N PHE B 164 10.39 11.65 -32.00
CA PHE B 164 11.45 10.96 -31.29
C PHE B 164 11.94 9.75 -32.13
N LYS B 165 11.01 8.99 -32.69
CA LYS B 165 11.42 7.85 -33.50
C LYS B 165 12.15 8.31 -34.74
N GLU B 166 11.67 9.39 -35.34
CA GLU B 166 12.23 9.89 -36.63
C GLU B 166 13.69 10.39 -36.50
N ASN B 167 14.11 10.73 -35.28
CA ASN B 167 15.44 11.25 -35.01
C ASN B 167 16.31 10.30 -34.17
N ASP B 168 15.79 9.09 -33.97
N ASP B 168 15.84 9.06 -34.00
CA ASP B 168 16.46 8.06 -33.22
CA ASP B 168 16.50 8.06 -33.16
C ASP B 168 16.84 8.58 -31.81
C ASP B 168 16.85 8.59 -31.79
N THR B 169 15.88 9.23 -31.15
CA THR B 169 16.01 9.75 -29.84
C THR B 169 15.13 8.92 -28.89
N LYS B 170 15.74 8.42 -27.82
CA LYS B 170 15.03 7.59 -26.86
C LYS B 170 14.17 8.54 -26.04
N PRO B 171 12.89 8.19 -25.78
CA PRO B 171 12.08 9.03 -24.83
C PRO B 171 12.41 8.72 -23.37
N GLU B 172 12.65 9.74 -22.57
CA GLU B 172 12.63 9.60 -21.12
C GLU B 172 11.27 10.12 -20.67
N LEU B 173 10.43 9.17 -20.26
CA LEU B 173 9.03 9.42 -20.03
C LEU B 173 8.78 9.96 -18.64
N GLU B 174 8.55 11.28 -18.55
CA GLU B 174 8.43 11.96 -17.25
C GLU B 174 7.00 11.83 -16.71
N CYS B 175 6.89 11.23 -15.51
CA CYS B 175 5.62 10.99 -14.90
C CYS B 175 5.62 11.64 -13.54
N TYR B 176 4.64 12.50 -13.34
CA TYR B 176 4.50 13.29 -12.14
C TYR B 176 3.32 12.82 -11.29
N ASP B 177 2.67 11.73 -11.68
CA ASP B 177 1.45 11.32 -11.02
C ASP B 177 1.10 9.94 -11.50
N ILE B 178 0.22 9.28 -10.77
CA ILE B 178 -0.22 7.92 -11.16
C ILE B 178 -0.95 7.91 -12.51
N GLY B 179 -1.78 8.91 -12.73
CA GLY B 179 -2.48 9.05 -13.99
C GLY B 179 -1.56 9.06 -15.21
N GLN B 180 -0.36 9.59 -15.05
CA GLN B 180 0.58 9.74 -16.14
C GLN B 180 1.27 8.44 -16.41
N ILE B 181 1.32 7.54 -15.42
CA ILE B 181 1.77 6.16 -15.65
C ILE B 181 0.68 5.40 -16.40
N TYR B 182 -0.57 5.62 -16.02
CA TYR B 182 -1.67 5.12 -16.82
C TYR B 182 -1.61 5.66 -18.28
N ASN B 183 -1.31 6.93 -18.47
CA ASN B 183 -1.20 7.51 -19.82
C ASN B 183 -0.07 6.81 -20.59
N THR B 184 1.04 6.57 -19.86
CA THR B 184 2.17 5.90 -20.45
C THR B 184 1.81 4.48 -20.88
N ALA B 185 1.13 3.71 -20.03
CA ALA B 185 0.63 2.39 -20.41
C ALA B 185 -0.26 2.42 -21.63
N PHE B 186 -1.17 3.40 -21.72
CA PHE B 186 -2.03 3.59 -22.91
C PHE B 186 -1.19 3.82 -24.17
N MSE B 187 -0.24 4.76 -24.10
CA MSE B 187 0.52 5.10 -25.28
C MSE B 187 1.42 3.91 -25.73
O MSE B 187 1.68 3.74 -26.93
CB MSE B 187 1.36 6.36 -25.08
CG MSE B 187 0.59 7.67 -24.88
SE MSE B 187 -0.46 8.12 -26.45
CE MSE B 187 1.07 8.64 -27.51
N PHE B 188 1.92 3.14 -24.77
CA PHE B 188 2.74 1.97 -25.03
C PHE B 188 1.91 0.90 -25.70
N HIS B 189 0.77 0.58 -25.14
CA HIS B 189 -0.08 -0.46 -25.67
C HIS B 189 -0.69 -0.06 -27.03
N GLU B 190 -0.95 1.23 -27.23
CA GLU B 190 -1.42 1.71 -28.53
C GLU B 190 -0.36 1.60 -29.62
N GLY B 191 0.91 1.42 -29.26
CA GLY B 191 2.01 1.24 -30.24
C GLY B 191 2.84 2.51 -30.50
N TYR B 192 2.57 3.61 -29.79
CA TYR B 192 3.31 4.85 -30.00
C TYR B 192 4.72 4.82 -29.37
N LEU B 193 4.85 4.13 -28.24
CA LEU B 193 6.10 4.09 -27.48
C LEU B 193 6.69 2.69 -27.56
N GLU B 194 7.95 2.63 -27.97
CA GLU B 194 8.69 1.38 -28.14
C GLU B 194 9.35 0.95 -26.82
N PRO B 195 9.15 -0.31 -26.40
CA PRO B 195 9.85 -0.89 -25.24
C PRO B 195 11.29 -1.25 -25.60
N PRO B 196 12.18 -1.41 -24.61
CA PRO B 196 11.94 -1.16 -23.17
C PRO B 196 11.74 0.33 -22.92
N LEU B 197 10.75 0.68 -22.12
CA LEU B 197 10.50 2.08 -21.79
C LEU B 197 11.49 2.59 -20.75
N ARG B 198 11.70 3.93 -20.75
CA ARG B 198 12.52 4.56 -19.75
C ARG B 198 11.61 5.55 -19.07
N LEU B 199 11.28 5.29 -17.81
N LEU B 199 11.26 5.30 -17.82
CA LEU B 199 10.38 6.16 -17.05
CA LEU B 199 10.37 6.23 -17.11
C LEU B 199 11.19 7.01 -16.08
C LEU B 199 11.17 7.00 -16.07
N GLN B 200 10.71 8.20 -15.79
CA GLN B 200 11.25 8.96 -14.67
C GLN B 200 10.11 9.43 -13.77
N PHE B 201 10.15 9.04 -12.51
CA PHE B 201 9.10 9.49 -11.57
C PHE B 201 9.53 10.79 -10.92
N ILE B 202 8.68 11.83 -10.99
CA ILE B 202 9.03 13.15 -10.45
C ILE B 202 8.09 13.52 -9.30
N HIS B 203 8.69 13.65 -8.12
CA HIS B 203 7.98 13.81 -6.87
C HIS B 203 8.18 15.20 -6.28
N GLY B 204 7.07 15.81 -5.91
CA GLY B 204 7.10 17.04 -5.16
C GLY B 204 6.72 18.29 -5.88
N ILE B 205 6.17 18.19 -7.10
CA ILE B 205 5.70 19.37 -7.83
C ILE B 205 4.28 19.70 -7.38
N LEU B 206 4.03 21.00 -7.19
CA LEU B 206 2.67 21.44 -6.84
C LEU B 206 1.85 21.35 -8.13
N GLY B 207 0.91 20.41 -8.13
CA GLY B 207 0.24 19.93 -9.35
C GLY B 207 0.50 18.46 -9.65
N GLY B 208 1.49 17.87 -8.99
CA GLY B 208 1.83 16.44 -9.14
C GLY B 208 1.74 15.74 -7.78
N ILE B 209 2.19 14.48 -7.80
CA ILE B 209 2.27 13.69 -6.62
C ILE B 209 3.41 14.21 -5.71
N GLY B 210 3.23 13.96 -4.41
CA GLY B 210 4.15 14.41 -3.37
C GLY B 210 5.38 13.54 -3.17
N THR B 211 5.98 13.70 -2.01
CA THR B 211 7.30 13.17 -1.74
C THR B 211 7.30 12.15 -0.59
N ALA B 212 6.18 11.47 -0.37
CA ALA B 212 6.09 10.48 0.67
C ALA B 212 6.74 9.23 0.11
N VAL B 213 7.31 8.43 1.00
CA VAL B 213 7.84 7.14 0.59
C VAL B 213 6.68 6.35 -0.06
N GLU B 214 5.48 6.52 0.45
CA GLU B 214 4.26 5.85 -0.07
C GLU B 214 4.08 6.17 -1.54
N ASP B 215 4.35 7.43 -1.89
CA ASP B 215 4.13 7.93 -3.25
C ASP B 215 5.08 7.25 -4.25
N VAL B 216 6.35 7.17 -3.86
CA VAL B 216 7.40 6.56 -4.70
C VAL B 216 7.09 5.09 -4.92
N LEU B 217 6.79 4.38 -3.86
CA LEU B 217 6.55 2.95 -3.98
C LEU B 217 5.33 2.67 -4.90
N PHE B 218 4.27 3.45 -4.73
CA PHE B 218 3.06 3.29 -5.50
C PHE B 218 3.24 3.62 -6.98
N MSE B 219 4.01 4.66 -7.28
CA MSE B 219 4.39 4.94 -8.65
C MSE B 219 5.07 3.72 -9.28
O MSE B 219 4.72 3.26 -10.37
CB MSE B 219 5.32 6.15 -8.76
CG MSE B 219 4.70 7.52 -8.38
SE MSE B 219 3.68 8.28 -9.85
CE MSE B 219 5.13 9.11 -10.79
N LYS B 220 6.08 3.20 -8.60
CA LYS B 220 6.85 2.10 -9.13
C LYS B 220 6.01 0.80 -9.30
N GLN B 221 5.23 0.48 -8.28
CA GLN B 221 4.28 -0.64 -8.34
C GLN B 221 3.25 -0.44 -9.43
N THR B 222 2.84 0.78 -9.67
CA THR B 222 1.87 1.02 -10.78
C THR B 222 2.52 0.71 -12.14
N ALA B 223 3.77 1.16 -12.34
CA ALA B 223 4.52 0.79 -13.55
C ALA B 223 4.71 -0.70 -13.66
N ASP B 224 5.09 -1.39 -12.59
CA ASP B 224 5.23 -2.85 -12.69
C ASP B 224 3.93 -3.50 -13.15
N ARG B 225 2.82 -3.04 -12.56
N ARG B 225 2.79 -3.15 -12.54
CA ARG B 225 1.49 -3.60 -12.73
CA ARG B 225 1.55 -3.82 -12.92
C ARG B 225 0.86 -3.34 -14.12
C ARG B 225 1.11 -3.45 -14.35
N LEU B 226 1.13 -2.16 -14.71
CA LEU B 226 0.55 -1.74 -16.00
C LEU B 226 1.51 -2.02 -17.18
N ILE B 227 2.80 -1.83 -16.98
CA ILE B 227 3.82 -1.92 -18.04
C ILE B 227 4.51 -3.29 -18.04
N GLY B 228 4.75 -3.84 -16.83
CA GLY B 228 5.49 -5.09 -16.66
C GLY B 228 6.88 -4.84 -16.15
N ARG B 229 7.28 -5.57 -15.13
CA ARG B 229 8.55 -5.28 -14.44
C ARG B 229 9.70 -5.35 -15.43
N GLU B 230 9.60 -6.19 -16.45
CA GLU B 230 10.68 -6.42 -17.38
C GLU B 230 10.72 -5.40 -18.51
N ASN B 231 9.59 -4.77 -18.82
CA ASN B 231 9.45 -3.85 -19.96
C ASN B 231 9.83 -2.37 -19.77
N TYR B 232 10.34 -2.03 -18.61
CA TYR B 232 10.86 -0.67 -18.35
C TYR B 232 12.02 -0.65 -17.35
N THR B 233 12.81 0.44 -17.42
CA THR B 233 13.68 0.88 -16.32
C THR B 233 13.23 2.29 -15.87
N TRP B 234 13.67 2.68 -14.70
CA TRP B 234 13.25 3.94 -14.13
C TRP B 234 14.30 4.66 -13.29
N SER B 235 14.12 5.96 -13.26
CA SER B 235 14.88 6.89 -12.46
C SER B 235 13.89 7.72 -11.68
N LEU B 236 14.34 8.44 -10.66
CA LEU B 236 13.47 9.25 -9.85
C LEU B 236 14.06 10.61 -9.61
N VAL B 237 13.21 11.61 -9.50
CA VAL B 237 13.61 12.93 -9.03
C VAL B 237 12.83 13.30 -7.77
N GLY B 238 13.54 13.69 -6.71
CA GLY B 238 12.95 14.23 -5.48
C GLY B 238 13.21 15.70 -5.42
N ALA B 239 12.17 16.50 -5.47
CA ALA B 239 12.32 17.95 -5.40
C ALA B 239 12.87 18.45 -4.08
N GLY B 240 13.77 19.42 -4.16
CA GLY B 240 14.24 20.16 -2.98
C GLY B 240 14.93 19.26 -1.97
N ARG B 241 14.57 19.43 -0.69
CA ARG B 241 15.17 18.65 0.37
C ARG B 241 14.91 17.15 0.28
N PHE B 242 14.02 16.72 -0.62
CA PHE B 242 13.71 15.31 -0.80
C PHE B 242 14.65 14.66 -1.81
N GLN B 243 15.53 15.46 -2.42
CA GLN B 243 16.47 14.96 -3.42
C GLN B 243 17.27 13.75 -2.97
N MSE B 244 18.02 13.89 -1.89
CA MSE B 244 18.88 12.79 -1.45
C MSE B 244 18.09 11.59 -0.79
O MSE B 244 18.34 10.43 -1.10
CB MSE B 244 19.97 13.35 -0.54
CG MSE B 244 20.93 14.33 -1.23
SE MSE B 244 21.91 13.53 -2.71
CE MSE B 244 22.53 15.25 -3.48
N PRO B 245 17.14 11.88 0.11
CA PRO B 245 16.42 10.76 0.70
C PRO B 245 15.63 9.93 -0.33
N LEU B 246 14.89 10.59 -1.23
CA LEU B 246 14.14 9.84 -2.21
C LEU B 246 15.06 9.23 -3.25
N GLY B 247 16.17 9.88 -3.59
CA GLY B 247 17.12 9.31 -4.53
C GLY B 247 17.73 8.02 -3.96
N THR B 248 18.09 8.06 -2.69
CA THR B 248 18.57 6.88 -1.97
C THR B 248 17.50 5.80 -1.92
N LEU B 249 16.26 6.18 -1.66
CA LEU B 249 15.13 5.21 -1.71
C LEU B 249 15.06 4.48 -3.06
N ALA B 250 15.16 5.26 -4.14
CA ALA B 250 15.14 4.72 -5.49
C ALA B 250 16.26 3.69 -5.66
N VAL B 251 17.46 4.03 -5.19
CA VAL B 251 18.57 3.08 -5.28
C VAL B 251 18.26 1.79 -4.52
N ILE B 252 17.72 1.91 -3.31
CA ILE B 252 17.32 0.75 -2.49
C ILE B 252 16.31 -0.10 -3.27
N MSE B 253 15.42 0.58 -4.01
CA MSE B 253 14.41 -0.12 -4.80
C MSE B 253 14.89 -0.64 -6.15
O MSE B 253 14.11 -1.23 -6.86
CB MSE B 253 13.20 0.79 -5.03
CG MSE B 253 12.44 1.04 -3.80
SE MSE B 253 11.14 2.46 -3.92
CE MSE B 253 10.06 1.79 -5.41
N GLY B 254 16.14 -0.39 -6.51
CA GLY B 254 16.73 -0.93 -7.75
C GLY B 254 16.58 0.02 -8.91
N GLY B 255 16.22 1.25 -8.60
CA GLY B 255 16.07 2.26 -9.62
C GLY B 255 17.31 3.12 -9.76
N ASP B 256 17.25 4.00 -10.76
CA ASP B 256 18.26 5.01 -11.01
C ASP B 256 17.87 6.36 -10.35
N VAL B 257 18.79 7.31 -10.32
CA VAL B 257 18.59 8.55 -9.57
C VAL B 257 19.05 9.77 -10.31
N ARG B 258 18.30 10.86 -10.11
CA ARG B 258 18.69 12.10 -10.69
C ARG B 258 18.84 13.14 -9.61
N VAL B 259 19.93 13.89 -9.69
CA VAL B 259 20.23 15.01 -8.80
C VAL B 259 20.46 16.26 -9.66
N GLY B 260 20.83 17.40 -9.03
CA GLY B 260 21.22 18.57 -9.74
C GLY B 260 20.51 19.82 -9.23
N LEU B 261 21.05 20.96 -9.61
CA LEU B 261 20.54 22.23 -9.18
C LEU B 261 19.22 22.60 -9.85
N GLU B 262 18.87 21.89 -10.93
CA GLU B 262 17.54 22.06 -11.51
C GLU B 262 16.45 21.73 -10.45
N ASP B 263 16.76 20.80 -9.56
CA ASP B 263 15.78 20.07 -8.73
C ASP B 263 15.91 20.48 -7.29
N SER B 264 17.12 20.80 -6.84
CA SER B 264 17.33 21.39 -5.52
C SER B 264 18.46 22.38 -5.54
N LEU B 265 18.28 23.51 -4.91
CA LEU B 265 19.40 24.46 -4.77
C LEU B 265 20.39 24.16 -3.62
N TYR B 266 20.06 23.20 -2.79
CA TYR B 266 20.74 22.95 -1.50
C TYR B 266 21.56 21.65 -1.51
N ILE B 267 22.64 21.63 -0.72
CA ILE B 267 23.41 20.41 -0.46
C ILE B 267 22.98 19.80 0.91
N GLU B 268 22.54 20.63 1.85
CA GLU B 268 21.98 20.20 3.17
C GLU B 268 20.96 21.27 3.61
N ARG B 269 20.08 20.93 4.56
CA ARG B 269 19.08 21.87 5.06
C ARG B 269 19.76 23.19 5.32
N GLY B 270 19.28 24.26 4.72
CA GLY B 270 19.89 25.59 4.92
C GLY B 270 21.21 25.93 4.25
N LYS B 271 21.80 24.99 3.51
CA LYS B 271 23.11 25.22 2.91
C LYS B 271 23.02 25.12 1.38
N LEU B 272 23.23 26.22 0.68
CA LEU B 272 23.27 26.17 -0.79
C LEU B 272 24.36 25.23 -1.34
N ALA B 273 24.01 24.44 -2.37
CA ALA B 273 24.97 23.62 -3.11
C ALA B 273 25.80 24.57 -3.97
N LYS B 274 27.13 24.47 -3.92
CA LYS B 274 27.97 25.42 -4.70
C LYS B 274 28.13 24.96 -6.16
N SER B 275 27.80 23.72 -6.44
CA SER B 275 27.80 23.23 -7.80
C SER B 275 26.96 21.98 -7.90
N ASN B 276 26.66 21.63 -9.15
CA ASN B 276 26.00 20.40 -9.50
C ASN B 276 26.87 19.22 -9.07
N ALA B 277 28.19 19.34 -9.27
CA ALA B 277 29.16 18.28 -8.93
C ALA B 277 29.07 17.89 -7.47
N GLU B 278 28.72 18.84 -6.62
CA GLU B 278 28.67 18.58 -5.18
C GLU B 278 27.56 17.58 -4.82
N GLN B 279 26.43 17.74 -5.48
CA GLN B 279 25.32 16.87 -5.27
C GLN B 279 25.61 15.51 -5.89
N VAL B 280 26.27 15.48 -7.05
CA VAL B 280 26.69 14.22 -7.72
C VAL B 280 27.64 13.45 -6.84
N GLU B 281 28.65 14.12 -6.32
CA GLU B 281 29.61 13.47 -5.40
C GLU B 281 28.94 12.83 -4.20
N LYS B 282 28.01 13.56 -3.59
CA LYS B 282 27.24 13.03 -2.47
C LYS B 282 26.45 11.77 -2.82
N MSE B 283 25.67 11.85 -3.89
CA MSE B 283 24.85 10.72 -4.30
C MSE B 283 25.74 9.51 -4.65
O MSE B 283 25.39 8.36 -4.31
CB MSE B 283 23.94 11.07 -5.49
CG MSE B 283 22.95 10.00 -5.78
SE MSE B 283 21.66 9.68 -4.34
CE MSE B 283 22.06 7.89 -4.38
N VAL B 284 26.88 9.77 -5.26
CA VAL B 284 27.82 8.67 -5.58
C VAL B 284 28.33 7.99 -4.31
N ARG B 285 28.59 8.78 -3.26
CA ARG B 285 29.08 8.20 -2.00
C ARG B 285 28.02 7.29 -1.40
N ILE B 286 26.76 7.70 -1.50
CA ILE B 286 25.63 6.94 -0.99
C ILE B 286 25.49 5.66 -1.82
N VAL B 287 25.51 5.80 -3.13
CA VAL B 287 25.49 4.62 -4.01
C VAL B 287 26.59 3.61 -3.61
N LYS B 288 27.81 4.10 -3.38
CA LYS B 288 28.94 3.23 -3.05
C LYS B 288 28.78 2.55 -1.69
N GLU B 289 28.15 3.21 -0.73
CA GLU B 289 27.96 2.59 0.57
C GLU B 289 26.93 1.47 0.48
N LEU B 290 26.02 1.58 -0.47
CA LEU B 290 25.01 0.55 -0.69
C LEU B 290 25.55 -0.53 -1.62
N GLY B 291 26.84 -0.52 -1.87
CA GLY B 291 27.45 -1.64 -2.58
C GLY B 291 27.33 -1.51 -4.08
N LYS B 292 27.03 -0.31 -4.58
N LYS B 292 26.98 -0.31 -4.57
CA LYS B 292 26.85 -0.12 -6.02
CA LYS B 292 26.81 -0.08 -6.01
C LYS B 292 27.93 0.82 -6.61
C LYS B 292 27.76 1.01 -6.53
N ARG B 293 27.75 1.25 -7.84
CA ARG B 293 28.64 2.26 -8.44
C ARG B 293 27.91 2.98 -9.52
N PRO B 294 28.35 4.19 -9.82
CA PRO B 294 27.72 4.92 -10.93
C PRO B 294 28.08 4.33 -12.28
N ALA B 295 27.11 4.38 -13.19
CA ALA B 295 27.33 4.08 -14.60
C ALA B 295 28.21 5.10 -15.28
N THR B 296 29.17 4.59 -16.04
CA THR B 296 29.86 5.42 -17.04
C THR B 296 28.87 5.84 -18.15
N PRO B 297 29.18 6.92 -18.89
CA PRO B 297 28.30 7.25 -20.02
C PRO B 297 28.08 6.08 -20.99
N ASP B 298 29.14 5.39 -21.37
CA ASP B 298 28.94 4.25 -22.26
C ASP B 298 28.10 3.09 -21.67
N GLU B 299 28.15 2.91 -20.34
CA GLU B 299 27.22 1.99 -19.71
C GLU B 299 25.81 2.54 -19.74
N VAL B 300 25.63 3.85 -19.56
CA VAL B 300 24.27 4.46 -19.77
C VAL B 300 23.73 4.05 -21.19
N ARG B 301 24.58 4.14 -22.22
CA ARG B 301 24.18 3.88 -23.61
C ARG B 301 23.78 2.42 -23.80
N GLU B 302 24.54 1.54 -23.17
CA GLU B 302 24.28 0.11 -23.24
C GLU B 302 22.97 -0.17 -22.52
N ILE B 303 22.82 0.31 -21.30
CA ILE B 303 21.65 0.00 -20.47
C ILE B 303 20.37 0.53 -21.11
N LEU B 304 20.41 1.73 -21.70
CA LEU B 304 19.20 2.41 -22.23
C LEU B 304 19.04 2.23 -23.77
N GLY B 305 19.98 1.55 -24.39
CA GLY B 305 19.96 1.26 -25.84
C GLY B 305 20.10 2.51 -26.69
N LEU B 306 21.07 3.35 -26.36
CA LEU B 306 21.18 4.64 -27.05
C LEU B 306 22.11 4.55 -28.24
N LYS B 307 21.95 5.47 -29.19
CA LYS B 307 22.65 5.41 -30.49
C LYS B 307 24.14 5.76 -30.51
N GLY B 308 24.61 6.49 -29.49
CA GLY B 308 25.97 6.96 -29.47
C GLY B 308 26.14 8.45 -29.75
N LYS B 309 27.19 9.01 -29.17
CA LYS B 309 27.53 10.41 -29.38
C LYS B 309 27.95 10.70 -30.83
N GLU B 310 28.28 9.66 -31.60
CA GLU B 310 28.72 9.87 -32.97
C GLU B 310 27.55 10.24 -33.87
N ARG B 311 26.33 9.97 -33.38
CA ARG B 311 25.16 10.07 -34.22
C ARG B 311 24.23 11.22 -33.85
N VAL B 312 24.66 12.10 -32.96
CA VAL B 312 23.90 13.28 -32.64
C VAL B 312 24.29 14.37 -33.64
N ASN B 313 23.41 15.36 -33.83
CA ASN B 313 23.72 16.53 -34.71
C ASN B 313 24.28 17.73 -33.96
N PHE B 314 25.39 17.48 -33.28
CA PHE B 314 26.23 18.50 -32.71
C PHE B 314 27.61 17.90 -32.43
N ASP C 5 14.35 16.02 14.28
CA ASP C 5 14.34 14.69 13.59
C ASP C 5 15.69 14.41 12.91
N ASP C 6 16.74 15.17 13.24
N ASP C 6 16.72 15.20 13.27
CA ASP C 6 18.06 14.89 12.66
CA ASP C 6 18.07 15.01 12.74
C ASP C 6 18.95 14.02 13.56
C ASP C 6 18.85 13.88 13.46
N VAL C 7 18.41 13.48 14.64
CA VAL C 7 19.12 12.46 15.44
C VAL C 7 18.54 11.05 15.18
N VAL C 8 19.39 10.07 14.86
CA VAL C 8 19.00 8.71 14.69
C VAL C 8 19.64 7.84 15.80
N ILE C 9 18.85 6.99 16.46
CA ILE C 9 19.40 6.06 17.40
C ILE C 9 19.93 4.89 16.58
N VAL C 10 21.23 4.64 16.72
CA VAL C 10 21.88 3.46 16.18
C VAL C 10 22.12 2.44 17.29
N THR C 11 21.47 1.30 17.18
CA THR C 11 21.72 0.23 18.10
C THR C 11 22.63 -0.79 17.45
N CYS C 12 23.48 -1.36 18.28
CA CYS C 12 24.32 -2.42 17.83
C CYS C 12 24.04 -3.70 18.63
N ALA C 13 23.66 -4.75 17.89
CA ALA C 13 23.29 -6.03 18.46
C ALA C 13 24.53 -6.95 18.34
N ILE C 14 25.18 -7.18 19.48
CA ILE C 14 26.58 -7.66 19.57
C ILE C 14 26.81 -9.13 19.17
N THR C 15 25.91 -10.03 19.54
CA THR C 15 26.19 -11.49 19.25
C THR C 15 24.92 -12.35 19.01
N GLY C 16 23.85 -12.09 19.75
CA GLY C 16 22.63 -12.87 19.59
C GLY C 16 22.72 -14.34 19.97
N ALA C 17 21.82 -15.11 19.34
CA ALA C 17 21.61 -16.51 19.59
C ALA C 17 21.50 -17.32 18.28
N ILE C 18 21.47 -16.64 17.14
CA ILE C 18 21.19 -17.29 15.84
C ILE C 18 22.48 -17.76 15.21
N HIS C 19 23.45 -16.88 15.00
CA HIS C 19 24.74 -17.29 14.46
C HIS C 19 25.49 -18.14 15.47
N THR C 20 26.28 -19.09 14.97
CA THR C 20 27.07 -19.92 15.83
C THR C 20 28.58 -19.65 15.56
N PRO C 21 29.45 -19.96 16.53
CA PRO C 21 30.88 -19.60 16.44
C PRO C 21 31.63 -20.07 15.18
N SER C 22 31.32 -21.28 14.69
CA SER C 22 32.04 -21.80 13.56
C SER C 22 31.68 -21.06 12.24
N MSE C 23 30.62 -20.25 12.25
CA MSE C 23 30.24 -19.45 11.09
C MSE C 23 31.18 -18.26 10.82
O MSE C 23 31.30 -17.84 9.70
CB MSE C 23 28.79 -18.93 11.21
CG MSE C 23 27.80 -20.02 11.50
SE MSE C 23 26.05 -19.39 11.46
CE MSE C 23 25.14 -21.15 11.69
N SER C 24 31.75 -17.68 11.88
CA SER C 24 32.67 -16.56 11.77
C SER C 24 33.53 -16.49 13.02
N PRO C 25 34.85 -16.34 12.84
CA PRO C 25 35.75 -16.12 13.99
C PRO C 25 35.61 -14.75 14.62
N TYR C 26 34.82 -13.87 14.00
CA TYR C 26 34.55 -12.54 14.55
C TYR C 26 33.29 -12.46 15.42
N LEU C 27 32.48 -13.51 15.43
CA LEU C 27 31.29 -13.52 16.31
C LEU C 27 31.78 -13.57 17.75
N PRO C 28 31.34 -12.59 18.59
CA PRO C 28 31.79 -12.59 19.96
C PRO C 28 31.15 -13.73 20.74
N VAL C 29 31.97 -14.49 21.43
CA VAL C 29 31.51 -15.65 22.18
C VAL C 29 31.66 -15.50 23.66
N THR C 30 32.82 -15.10 24.13
CA THR C 30 33.01 -15.10 25.55
C THR C 30 32.44 -13.81 26.16
N PRO C 31 32.15 -13.86 27.45
CA PRO C 31 31.70 -12.63 28.12
C PRO C 31 32.59 -11.40 27.89
N ASP C 32 33.91 -11.58 27.97
CA ASP C 32 34.83 -10.49 27.73
C ASP C 32 34.85 -10.01 26.30
N GLN C 33 34.71 -10.92 25.34
CA GLN C 33 34.57 -10.51 23.92
C GLN C 33 33.33 -9.64 23.71
N ILE C 34 32.23 -10.05 24.34
CA ILE C 34 30.99 -9.37 24.20
C ILE C 34 31.11 -7.97 24.79
N VAL C 35 31.68 -7.87 25.99
CA VAL C 35 31.97 -6.56 26.64
C VAL C 35 32.78 -5.65 25.76
N GLU C 36 33.90 -6.16 25.26
CA GLU C 36 34.81 -5.29 24.50
C GLU C 36 34.17 -4.83 23.23
N GLU C 37 33.44 -5.72 22.56
CA GLU C 37 32.74 -5.37 21.33
C GLU C 37 31.63 -4.34 21.55
N ALA C 38 30.96 -4.44 22.69
CA ALA C 38 29.92 -3.48 23.06
C ALA C 38 30.53 -2.14 23.25
N VAL C 39 31.65 -2.07 23.95
CA VAL C 39 32.33 -0.79 24.20
C VAL C 39 32.82 -0.14 22.89
N LYS C 40 33.45 -0.93 22.01
CA LYS C 40 33.85 -0.43 20.67
C LYS C 40 32.66 0.01 19.81
N ALA C 41 31.57 -0.73 19.85
CA ALA C 41 30.36 -0.33 19.17
C ALA C 41 29.88 1.03 19.65
N ALA C 42 29.85 1.23 20.98
CA ALA C 42 29.45 2.51 21.54
C ALA C 42 30.37 3.65 21.06
N GLU C 43 31.67 3.39 21.02
CA GLU C 43 32.65 4.41 20.63
C GLU C 43 32.51 4.69 19.15
N ALA C 44 31.98 3.73 18.39
CA ALA C 44 31.74 3.95 16.95
C ALA C 44 30.43 4.76 16.64
N GLY C 45 29.61 4.99 17.66
CA GLY C 45 28.39 5.81 17.55
C GLY C 45 27.05 5.10 17.86
N ALA C 46 27.11 3.87 18.36
CA ALA C 46 25.92 3.15 18.79
C ALA C 46 25.58 3.63 20.20
N GLY C 47 24.48 4.38 20.30
CA GLY C 47 23.98 4.91 21.58
C GLY C 47 23.37 3.82 22.47
N MSE C 48 23.03 2.68 21.88
N MSE C 48 23.00 2.69 21.87
CA MSE C 48 22.46 1.56 22.59
CA MSE C 48 22.45 1.55 22.59
C MSE C 48 23.11 0.29 22.06
C MSE C 48 23.14 0.31 22.07
O MSE C 48 23.41 0.24 20.88
O MSE C 48 23.49 0.27 20.89
CB MSE C 48 20.92 1.52 22.35
CB MSE C 48 20.93 1.44 22.36
CG MSE C 48 20.14 0.34 22.88
CG MSE C 48 20.22 0.32 23.10
SE MSE C 48 18.31 0.81 23.37
SE MSE C 48 18.38 0.03 22.50
CE MSE C 48 17.51 0.96 21.63
CE MSE C 48 17.58 1.73 23.00
N VAL C 49 23.37 -0.67 22.94
CA VAL C 49 23.93 -1.96 22.53
C VAL C 49 22.94 -3.00 23.02
N HIS C 50 22.81 -4.09 22.28
CA HIS C 50 21.90 -5.14 22.59
C HIS C 50 22.68 -6.45 22.89
N ILE C 51 22.38 -7.00 24.06
CA ILE C 51 23.18 -8.06 24.64
C ILE C 51 22.44 -9.37 24.80
N HIS C 52 23.10 -10.47 24.39
CA HIS C 52 22.76 -11.83 24.74
C HIS C 52 23.96 -12.41 25.48
N ALA C 53 23.71 -13.48 26.25
CA ALA C 53 24.73 -14.26 26.94
C ALA C 53 25.00 -15.54 26.14
N ARG C 54 26.25 -15.99 26.19
CA ARG C 54 26.67 -17.25 25.63
C ARG C 54 27.57 -17.96 26.66
N ASP C 55 27.59 -19.29 26.58
CA ASP C 55 28.52 -20.05 27.40
C ASP C 55 29.97 -19.70 27.05
N PRO C 56 30.78 -19.32 28.05
CA PRO C 56 32.19 -19.01 27.83
C PRO C 56 32.98 -20.12 27.12
N LYS C 57 32.62 -21.38 27.39
CA LYS C 57 33.37 -22.54 26.91
C LYS C 57 33.16 -22.82 25.42
N ASP C 58 31.94 -22.68 24.90
CA ASP C 58 31.70 -23.13 23.52
C ASP C 58 30.76 -22.25 22.73
N GLY C 59 30.32 -21.16 23.35
CA GLY C 59 29.46 -20.20 22.71
C GLY C 59 27.99 -20.57 22.62
N ARG C 60 27.57 -21.63 23.30
CA ARG C 60 26.14 -22.02 23.25
C ARG C 60 25.31 -20.91 23.91
N PRO C 61 24.17 -20.53 23.30
CA PRO C 61 23.30 -19.58 23.99
C PRO C 61 22.92 -20.05 25.39
N THR C 62 22.91 -19.12 26.34
CA THR C 62 22.51 -19.39 27.69
C THR C 62 21.71 -18.21 28.20
N THR C 63 20.74 -18.48 29.07
CA THR C 63 19.97 -17.42 29.77
C THR C 63 20.59 -16.98 31.12
N ASP C 64 21.70 -17.61 31.49
CA ASP C 64 22.29 -17.46 32.86
C ASP C 64 22.34 -16.01 33.32
N VAL C 65 21.54 -15.64 34.29
CA VAL C 65 21.48 -14.23 34.68
C VAL C 65 22.83 -13.77 35.24
N GLU C 66 23.65 -14.68 35.77
CA GLU C 66 24.97 -14.29 36.30
C GLU C 66 26.02 -13.94 35.23
N VAL C 67 25.92 -14.57 34.05
CA VAL C 67 26.68 -14.16 32.89
C VAL C 67 26.22 -12.79 32.38
N PHE C 68 24.90 -12.62 32.28
CA PHE C 68 24.37 -11.26 31.98
C PHE C 68 24.91 -10.20 32.95
N ARG C 69 24.92 -10.53 34.23
CA ARG C 69 25.32 -9.60 35.23
C ARG C 69 26.78 -9.16 35.02
N TYR C 70 27.67 -10.13 34.81
CA TYR C 70 29.07 -9.81 34.54
C TYR C 70 29.23 -8.91 33.31
N ILE C 71 28.64 -9.36 32.19
CA ILE C 71 28.74 -8.61 30.94
C ILE C 71 28.26 -7.16 31.14
N CYS C 72 27.08 -6.98 31.66
CA CYS C 72 26.51 -5.62 31.80
C CYS C 72 27.26 -4.76 32.79
N ARG C 73 27.68 -5.36 33.91
CA ARG C 73 28.50 -4.64 34.86
C ARG C 73 29.77 -4.09 34.22
N GLU C 74 30.42 -4.93 33.43
CA GLU C 74 31.71 -4.59 32.87
C GLU C 74 31.58 -3.58 31.75
N ILE C 75 30.50 -3.65 30.97
CA ILE C 75 30.25 -2.62 29.96
C ILE C 75 30.06 -1.30 30.68
N LYS C 76 29.20 -1.28 31.69
CA LYS C 76 28.85 -0.02 32.38
C LYS C 76 30.08 0.63 33.00
N LYS C 77 31.03 -0.16 33.51
CA LYS C 77 32.32 0.36 34.01
C LYS C 77 33.04 1.18 32.92
N GLN C 78 32.91 0.80 31.67
CA GLN C 78 33.70 1.43 30.61
C GLN C 78 32.95 2.46 29.79
N SER C 79 31.61 2.40 29.81
CA SER C 79 30.79 3.16 28.88
C SER C 79 29.45 3.56 29.50
N ASP C 80 28.99 4.75 29.14
CA ASP C 80 27.62 5.16 29.44
C ASP C 80 26.56 4.70 28.42
N VAL C 81 26.94 3.82 27.47
CA VAL C 81 25.99 3.28 26.50
C VAL C 81 24.75 2.70 27.17
N VAL C 82 23.58 2.89 26.58
CA VAL C 82 22.36 2.20 27.01
C VAL C 82 22.47 0.68 26.69
N ILE C 83 22.35 -0.13 27.72
CA ILE C 83 22.46 -1.59 27.60
C ILE C 83 21.05 -2.18 27.53
N ASN C 84 20.75 -2.75 26.37
CA ASN C 84 19.47 -3.40 26.11
C ASN C 84 19.68 -4.91 26.25
N VAL C 85 19.02 -5.49 27.26
N VAL C 85 19.09 -5.52 27.27
CA VAL C 85 19.10 -6.92 27.57
CA VAL C 85 19.25 -6.97 27.44
C VAL C 85 18.01 -7.71 26.81
C VAL C 85 18.06 -7.72 26.83
N THR C 86 18.37 -8.83 26.22
CA THR C 86 17.36 -9.70 25.59
C THR C 86 16.50 -10.42 26.64
N THR C 87 15.20 -10.54 26.36
CA THR C 87 14.40 -11.58 26.99
C THR C 87 13.93 -12.58 25.91
N GLY C 88 14.48 -12.47 24.70
CA GLY C 88 14.19 -13.42 23.62
C GLY C 88 15.21 -14.56 23.55
N GLY C 89 16.47 -14.30 23.91
CA GLY C 89 17.51 -15.34 23.86
C GLY C 89 17.22 -16.62 24.66
N GLY C 90 17.34 -17.76 24.01
CA GLY C 90 16.92 -19.06 24.58
C GLY C 90 15.62 -19.55 23.95
N GLY C 91 14.85 -18.62 23.36
CA GLY C 91 13.58 -18.97 22.77
C GLY C 91 13.64 -19.98 21.63
N THR C 92 14.69 -19.88 20.82
CA THR C 92 14.96 -20.80 19.72
C THR C 92 15.53 -22.12 20.21
N LEU C 93 15.76 -22.23 21.52
CA LEU C 93 16.08 -23.52 22.15
C LEU C 93 14.91 -24.06 22.96
N GLY C 94 13.74 -23.45 22.82
CA GLY C 94 12.54 -23.92 23.47
C GLY C 94 12.36 -23.40 24.89
N ILE C 95 13.14 -22.40 25.31
CA ILE C 95 13.08 -21.93 26.70
C ILE C 95 11.98 -20.86 26.74
N PRO C 96 11.00 -20.96 27.66
CA PRO C 96 9.85 -20.06 27.69
C PRO C 96 10.10 -18.73 28.40
N VAL C 97 9.17 -17.82 28.21
CA VAL C 97 9.29 -16.43 28.72
C VAL C 97 9.58 -16.41 30.22
N GLU C 98 8.92 -17.29 30.99
CA GLU C 98 9.07 -17.29 32.44
C GLU C 98 10.54 -17.41 32.89
N GLU C 99 11.30 -18.25 32.19
CA GLU C 99 12.72 -18.40 32.47
C GLU C 99 13.55 -17.25 31.88
N ARG C 100 13.29 -16.90 30.62
CA ARG C 100 14.03 -15.85 29.92
C ARG C 100 13.88 -14.48 30.59
N ALA C 101 12.73 -14.28 31.21
CA ALA C 101 12.43 -13.02 31.85
C ALA C 101 13.22 -12.75 33.14
N LYS C 102 13.88 -13.76 33.70
CA LYS C 102 14.52 -13.62 35.01
C LYS C 102 15.67 -12.56 35.06
N VAL C 103 16.27 -12.28 33.91
CA VAL C 103 17.23 -11.21 33.79
C VAL C 103 16.67 -9.82 34.20
N VAL C 104 15.37 -9.62 33.99
CA VAL C 104 14.81 -8.28 34.25
C VAL C 104 14.82 -7.97 35.76
N PRO C 105 14.23 -8.85 36.61
CA PRO C 105 14.41 -8.57 38.04
C PRO C 105 15.86 -8.59 38.55
N ALA C 106 16.69 -9.45 37.96
CA ALA C 106 18.07 -9.61 38.41
C ALA C 106 18.89 -8.32 38.17
N LEU C 107 18.75 -7.76 36.98
CA LEU C 107 19.57 -6.64 36.56
C LEU C 107 18.87 -5.28 36.49
N LYS C 108 17.54 -5.29 36.48
CA LYS C 108 16.74 -4.06 36.36
C LYS C 108 17.27 -3.07 35.31
N PRO C 109 17.49 -3.54 34.08
CA PRO C 109 18.02 -2.72 33.02
C PRO C 109 17.11 -1.56 32.62
N GLU C 110 17.69 -0.59 31.94
CA GLU C 110 16.90 0.56 31.46
C GLU C 110 15.87 0.14 30.41
N ILE C 111 16.21 -0.88 29.61
CA ILE C 111 15.45 -1.32 28.47
C ILE C 111 15.80 -2.79 28.15
N ALA C 112 14.81 -3.56 27.73
CA ALA C 112 14.99 -4.97 27.42
C ALA C 112 14.01 -5.34 26.33
N THR C 113 14.36 -6.36 25.57
CA THR C 113 13.48 -6.78 24.50
C THR C 113 12.25 -7.54 25.05
N PHE C 114 11.16 -7.48 24.29
CA PHE C 114 9.84 -7.91 24.70
C PHE C 114 9.16 -8.43 23.42
N ASN C 115 9.21 -9.73 23.20
CA ASN C 115 8.80 -10.28 21.94
C ASN C 115 7.31 -10.50 21.88
N MSE C 116 6.68 -10.17 20.74
CA MSE C 116 5.21 -9.89 20.74
C MSE C 116 4.33 -10.97 20.11
O MSE C 116 3.16 -10.75 19.85
CB MSE C 116 4.92 -8.57 20.03
CG MSE C 116 5.26 -7.34 20.87
SE MSE C 116 4.28 -7.29 22.51
CE MSE C 116 2.53 -7.64 21.83
N GLY C 117 4.89 -12.15 19.84
CA GLY C 117 4.05 -13.29 19.64
C GLY C 117 4.79 -14.61 19.48
N SER C 118 4.03 -15.68 19.47
CA SER C 118 4.55 -17.00 19.16
C SER C 118 4.69 -17.16 17.65
N MSE C 119 5.73 -17.87 17.25
CA MSE C 119 6.08 -18.04 15.82
C MSE C 119 7.05 -19.19 15.61
O MSE C 119 7.79 -19.55 16.52
CB MSE C 119 6.74 -16.79 15.26
CG MSE C 119 7.99 -16.34 16.01
SE MSE C 119 8.75 -14.63 15.55
CE MSE C 119 9.24 -14.90 13.66
N ASN C 120 7.06 -19.72 14.39
CA ASN C 120 8.20 -20.54 13.94
C ASN C 120 9.39 -19.56 13.78
N PHE C 121 10.59 -20.04 14.01
CA PHE C 121 11.79 -19.21 13.92
C PHE C 121 12.87 -20.19 13.59
N ALA C 122 13.09 -20.42 12.30
CA ALA C 122 13.83 -21.61 11.85
C ALA C 122 15.11 -21.20 11.10
N ILE C 123 16.23 -21.76 11.51
CA ILE C 123 17.53 -21.50 10.88
C ILE C 123 18.20 -22.81 10.38
N HIS C 124 17.43 -23.87 10.32
CA HIS C 124 17.95 -25.15 9.81
C HIS C 124 18.53 -25.07 8.40
N PRO C 125 18.02 -24.20 7.51
CA PRO C 125 18.73 -24.08 6.21
C PRO C 125 20.23 -23.66 6.28
N LEU C 126 20.67 -23.10 7.40
CA LEU C 126 22.08 -22.71 7.53
C LEU C 126 22.98 -23.96 7.43
N LEU C 127 22.42 -25.14 7.71
CA LEU C 127 23.13 -26.42 7.55
C LEU C 127 23.52 -26.75 6.11
N LYS C 128 22.90 -26.04 5.17
CA LYS C 128 23.26 -26.18 3.75
C LYS C 128 24.44 -25.29 3.43
N LYS C 129 24.69 -24.28 4.25
CA LYS C 129 25.77 -23.38 3.98
C LYS C 129 27.00 -23.71 4.83
N TYR C 130 26.87 -24.41 5.94
CA TYR C 130 28.04 -24.67 6.79
C TYR C 130 28.09 -26.14 7.07
N LYS C 131 29.18 -26.79 6.65
CA LYS C 131 29.30 -28.24 6.81
C LYS C 131 30.32 -28.71 7.87
N GLU C 132 31.07 -27.78 8.44
CA GLU C 132 32.07 -28.13 9.44
C GLU C 132 31.83 -27.22 10.64
N PHE C 133 31.67 -27.82 11.80
CA PHE C 133 31.45 -27.05 13.01
C PHE C 133 32.44 -27.55 14.04
N LYS C 134 33.07 -26.63 14.75
CA LYS C 134 33.95 -26.98 15.87
C LYS C 134 33.20 -27.81 16.92
N TYR C 135 31.97 -27.43 17.23
CA TYR C 135 31.24 -28.07 18.33
C TYR C 135 30.02 -28.84 17.89
N ASP C 136 29.77 -29.99 18.51
CA ASP C 136 28.56 -30.77 18.25
C ASP C 136 27.29 -29.97 18.48
N TRP C 137 27.29 -29.04 19.44
CA TRP C 137 26.03 -28.34 19.75
C TRP C 137 25.51 -27.52 18.56
N GLU C 138 26.43 -27.06 17.70
CA GLU C 138 26.07 -26.08 16.66
C GLU C 138 25.04 -26.66 15.67
N PRO C 139 25.39 -27.76 14.97
CA PRO C 139 24.40 -28.33 14.03
C PRO C 139 23.18 -28.93 14.69
N GLU C 140 23.30 -29.49 15.91
N GLU C 140 23.33 -29.48 15.91
CA GLU C 140 22.10 -29.92 16.64
CA GLU C 140 22.18 -29.92 16.71
C GLU C 140 21.17 -28.74 16.94
C GLU C 140 21.21 -28.75 16.91
N TYR C 141 21.75 -27.61 17.33
CA TYR C 141 20.96 -26.42 17.59
C TYR C 141 20.20 -25.96 16.32
N LEU C 142 20.92 -25.84 15.21
CA LEU C 142 20.35 -25.42 13.94
C LEU C 142 19.19 -26.32 13.53
N GLU C 143 19.44 -27.64 13.56
CA GLU C 143 18.44 -28.62 13.16
C GLU C 143 17.23 -28.57 14.02
N MSE C 144 17.40 -28.37 15.32
CA MSE C 144 16.24 -28.39 16.22
C MSE C 144 15.33 -27.19 16.09
O MSE C 144 14.14 -27.30 16.41
CB MSE C 144 16.70 -28.60 17.66
CG MSE C 144 17.06 -30.07 17.86
SE MSE C 144 17.96 -30.36 19.54
CE MSE C 144 18.70 -32.19 19.17
N THR C 145 15.83 -26.07 15.55
CA THR C 145 14.96 -24.91 15.27
C THR C 145 13.86 -25.24 14.25
N ARG C 146 14.08 -26.29 13.47
CA ARG C 146 13.06 -26.82 12.55
C ARG C 146 11.74 -27.18 13.29
N ASP C 147 11.85 -27.62 14.54
CA ASP C 147 10.70 -28.04 15.33
C ASP C 147 10.57 -27.34 16.71
N ILE C 148 11.03 -26.09 16.83
CA ILE C 148 10.84 -25.37 18.06
C ILE C 148 10.07 -24.08 17.84
N VAL C 149 8.99 -23.90 18.57
CA VAL C 149 8.27 -22.65 18.55
C VAL C 149 8.98 -21.63 19.42
N PHE C 150 9.15 -20.44 18.89
CA PHE C 150 9.55 -19.27 19.67
C PHE C 150 8.29 -18.80 20.35
N ARG C 151 8.14 -19.15 21.63
CA ARG C 151 6.87 -19.05 22.34
C ARG C 151 6.72 -17.75 23.10
N ASN C 152 5.67 -17.03 22.78
CA ASN C 152 5.33 -15.81 23.53
C ASN C 152 3.82 -15.64 23.49
N THR C 153 3.16 -16.35 24.39
CA THR C 153 1.73 -16.37 24.42
C THR C 153 1.20 -15.09 25.03
N PHE C 154 -0.09 -14.82 24.87
CA PHE C 154 -0.72 -13.69 25.54
C PHE C 154 -0.58 -13.74 27.08
N LYS C 155 -0.68 -14.93 27.67
N LYS C 155 -0.67 -14.93 27.66
CA LYS C 155 -0.38 -15.06 29.09
CA LYS C 155 -0.40 -15.07 29.09
C LYS C 155 1.05 -14.61 29.40
C LYS C 155 1.04 -14.64 29.43
N ASP C 156 2.00 -15.11 28.64
CA ASP C 156 3.40 -14.73 28.81
C ASP C 156 3.51 -13.19 28.80
N LEU C 157 2.88 -12.59 27.80
CA LEU C 157 3.01 -11.15 27.56
C LEU C 157 2.43 -10.33 28.72
N GLU C 158 1.32 -10.80 29.28
CA GLU C 158 0.68 -10.08 30.38
C GLU C 158 1.61 -10.13 31.58
N ALA C 159 2.22 -11.30 31.84
CA ALA C 159 3.15 -11.46 32.99
C ALA C 159 4.39 -10.57 32.80
N LEU C 160 4.88 -10.55 31.58
CA LEU C 160 6.08 -9.83 31.22
C LEU C 160 5.85 -8.34 31.37
N SER C 161 4.68 -7.88 30.94
CA SER C 161 4.35 -6.47 31.08
C SER C 161 4.45 -6.04 32.52
N ARG C 162 3.99 -6.90 33.43
CA ARG C 162 4.08 -6.55 34.83
C ARG C 162 5.51 -6.62 35.35
N ILE C 163 6.26 -7.62 34.92
CA ILE C 163 7.65 -7.75 35.33
C ILE C 163 8.45 -6.50 34.93
N PHE C 164 8.18 -5.97 33.72
CA PHE C 164 8.91 -4.80 33.24
C PHE C 164 8.58 -3.59 34.10
N LYS C 165 7.31 -3.45 34.46
CA LYS C 165 6.89 -2.33 35.28
C LYS C 165 7.44 -2.42 36.69
N GLU C 166 7.44 -3.61 37.27
CA GLU C 166 8.00 -3.79 38.59
C GLU C 166 9.47 -3.36 38.67
N ASN C 167 10.22 -3.51 37.58
CA ASN C 167 11.68 -3.25 37.58
C ASN C 167 12.10 -1.94 36.88
N ASP C 168 11.11 -1.12 36.53
N ASP C 168 11.12 -1.09 36.57
CA ASP C 168 11.29 0.14 35.82
CA ASP C 168 11.30 0.14 35.79
C ASP C 168 12.15 -0.06 34.56
C ASP C 168 12.16 -0.07 34.56
N THR C 169 11.81 -1.10 33.77
CA THR C 169 12.48 -1.42 32.56
C THR C 169 11.52 -1.09 31.39
N LYS C 170 12.00 -0.32 30.42
CA LYS C 170 11.21 0.02 29.23
C LYS C 170 11.15 -1.18 28.28
N PRO C 171 9.94 -1.58 27.84
CA PRO C 171 9.88 -2.60 26.78
C PRO C 171 10.31 -2.06 25.39
N GLU C 172 11.13 -2.84 24.70
CA GLU C 172 11.35 -2.67 23.28
C GLU C 172 10.60 -3.87 22.65
N LEU C 173 9.52 -3.56 21.95
CA LEU C 173 8.54 -4.51 21.56
C LEU C 173 8.85 -5.08 20.18
N GLU C 174 9.31 -6.32 20.15
CA GLU C 174 9.87 -6.87 18.95
C GLU C 174 8.75 -7.47 18.12
N CYS C 175 8.56 -6.97 16.90
CA CYS C 175 7.49 -7.47 16.02
C CYS C 175 8.09 -8.04 14.75
N TYR C 176 7.76 -9.29 14.46
CA TYR C 176 8.32 -10.02 13.33
C TYR C 176 7.29 -10.21 12.19
N ASP C 177 6.12 -9.62 12.35
CA ASP C 177 5.00 -9.86 11.46
C ASP C 177 3.87 -8.83 11.76
N ILE C 178 2.93 -8.71 10.84
CA ILE C 178 1.82 -7.81 10.99
C ILE C 178 0.89 -8.20 12.17
N GLY C 179 0.61 -9.49 12.30
CA GLY C 179 -0.09 -10.05 13.42
C GLY C 179 0.47 -9.57 14.75
N GLN C 180 1.81 -9.50 14.84
CA GLN C 180 2.47 -9.08 16.11
C GLN C 180 2.28 -7.58 16.43
N ILE C 181 2.12 -6.76 15.38
CA ILE C 181 1.65 -5.37 15.57
C ILE C 181 0.22 -5.33 16.08
N TYR C 182 -0.65 -6.15 15.51
CA TYR C 182 -2.00 -6.36 16.04
C TYR C 182 -1.97 -6.82 17.51
N ASN C 183 -1.09 -7.76 17.86
CA ASN C 183 -0.97 -8.19 19.26
C ASN C 183 -0.55 -7.04 20.16
N THR C 184 0.37 -6.22 19.65
CA THR C 184 0.86 -5.04 20.37
C THR C 184 -0.23 -4.04 20.62
N ALA C 185 -1.02 -3.75 19.57
CA ALA C 185 -2.14 -2.84 19.67
C ALA C 185 -3.12 -3.33 20.75
N PHE C 186 -3.38 -4.65 20.75
CA PHE C 186 -4.25 -5.27 21.74
C PHE C 186 -3.74 -5.05 23.15
N MSE C 187 -2.49 -5.37 23.38
CA MSE C 187 -1.91 -5.28 24.72
C MSE C 187 -1.86 -3.83 25.18
O MSE C 187 -2.05 -3.54 26.36
CB MSE C 187 -0.51 -5.87 24.72
CG MSE C 187 -0.45 -7.40 24.48
SE MSE C 187 -1.36 -8.35 25.91
CE MSE C 187 0.07 -8.13 27.21
N PHE C 188 -1.65 -2.92 24.25
CA PHE C 188 -1.68 -1.48 24.53
C PHE C 188 -3.07 -0.99 24.91
N HIS C 189 -4.07 -1.36 24.11
CA HIS C 189 -5.44 -0.98 24.34
C HIS C 189 -6.03 -1.64 25.58
N GLU C 190 -5.56 -2.84 25.91
CA GLU C 190 -5.95 -3.48 27.17
C GLU C 190 -5.32 -2.89 28.43
N GLY C 191 -4.33 -2.03 28.30
CA GLY C 191 -3.75 -1.41 29.47
C GLY C 191 -2.44 -1.98 29.99
N TYR C 192 -1.89 -2.99 29.32
CA TYR C 192 -0.64 -3.60 29.75
C TYR C 192 0.65 -2.89 29.33
N LEU C 193 0.62 -2.15 28.24
CA LEU C 193 1.81 -1.50 27.71
C LEU C 193 1.65 0.02 27.82
N GLU C 194 2.57 0.67 28.50
CA GLU C 194 2.47 2.12 28.75
C GLU C 194 3.08 2.90 27.59
N PRO C 195 2.36 3.87 27.05
CA PRO C 195 2.91 4.66 25.97
C PRO C 195 3.81 5.78 26.50
N PRO C 196 4.65 6.37 25.65
CA PRO C 196 4.79 5.95 24.26
C PRO C 196 5.56 4.63 24.08
N LEU C 197 5.05 3.82 23.16
CA LEU C 197 5.60 2.49 22.93
C LEU C 197 6.91 2.63 22.11
N ARG C 198 7.82 1.70 22.33
CA ARG C 198 8.92 1.51 21.46
C ARG C 198 8.81 0.16 20.78
N LEU C 199 8.69 0.20 19.46
CA LEU C 199 8.60 -1.01 18.66
C LEU C 199 9.86 -1.16 17.82
N GLN C 200 10.17 -2.41 17.50
CA GLN C 200 11.18 -2.73 16.56
C GLN C 200 10.66 -3.77 15.57
N PHE C 201 10.81 -3.45 14.29
CA PHE C 201 10.34 -4.32 13.20
C PHE C 201 11.50 -5.18 12.77
N ILE C 202 11.33 -6.49 12.87
CA ILE C 202 12.38 -7.42 12.54
C ILE C 202 12.02 -8.18 11.26
N HIS C 203 12.82 -7.90 10.23
CA HIS C 203 12.61 -8.34 8.85
C HIS C 203 13.57 -9.44 8.44
N GLY C 204 13.06 -10.55 7.87
CA GLY C 204 13.93 -11.56 7.30
C GLY C 204 14.04 -12.90 7.98
N ILE C 205 13.28 -13.13 9.04
CA ILE C 205 13.33 -14.41 9.78
C ILE C 205 12.41 -15.43 9.14
N LEU C 206 12.90 -16.65 8.93
CA LEU C 206 12.04 -17.72 8.40
C LEU C 206 11.06 -18.15 9.49
N GLY C 207 9.80 -17.79 9.27
CA GLY C 207 8.70 -17.80 10.24
C GLY C 207 8.14 -16.39 10.47
N GLY C 208 8.86 -15.39 10.00
CA GLY C 208 8.47 -14.00 10.09
C GLY C 208 8.21 -13.38 8.72
N ILE C 209 7.93 -12.08 8.74
CA ILE C 209 7.81 -11.29 7.51
C ILE C 209 9.20 -11.14 6.86
N GLY C 210 9.19 -10.95 5.55
CA GLY C 210 10.43 -10.88 4.75
C GLY C 210 11.01 -9.47 4.71
N THR C 211 11.82 -9.23 3.67
CA THR C 211 12.69 -8.07 3.62
C THR C 211 12.39 -7.10 2.42
N ALA C 212 11.18 -7.20 1.83
CA ALA C 212 10.75 -6.27 0.76
C ALA C 212 10.55 -4.87 1.33
N VAL C 213 10.82 -3.84 0.52
CA VAL C 213 10.46 -2.49 0.92
C VAL C 213 8.96 -2.46 1.31
N GLU C 214 8.14 -3.16 0.55
CA GLU C 214 6.71 -3.34 0.81
C GLU C 214 6.41 -3.79 2.25
N ASP C 215 7.18 -4.77 2.73
CA ASP C 215 7.02 -5.32 4.07
C ASP C 215 7.32 -4.26 5.12
N VAL C 216 8.39 -3.50 4.93
CA VAL C 216 8.80 -2.50 5.90
C VAL C 216 7.73 -1.41 5.96
N LEU C 217 7.28 -0.96 4.80
CA LEU C 217 6.31 0.17 4.82
C LEU C 217 5.03 -0.32 5.46
N PHE C 218 4.63 -1.55 5.14
CA PHE C 218 3.36 -2.05 5.66
C PHE C 218 3.39 -2.25 7.19
N MSE C 219 4.51 -2.71 7.74
CA MSE C 219 4.66 -2.82 9.17
C MSE C 219 4.47 -1.42 9.80
O MSE C 219 3.70 -1.25 10.73
CB MSE C 219 6.04 -3.39 9.55
CG MSE C 219 6.25 -4.89 9.12
SE MSE C 219 5.56 -6.07 10.45
CE MSE C 219 6.97 -5.85 11.75
N LYS C 220 5.20 -0.43 9.32
CA LYS C 220 5.11 0.90 9.92
C LYS C 220 3.72 1.54 9.79
N GLN C 221 3.10 1.35 8.64
CA GLN C 221 1.73 1.82 8.41
C GLN C 221 0.73 1.13 9.32
N THR C 222 0.89 -0.17 9.51
CA THR C 222 0.05 -0.91 10.45
C THR C 222 0.14 -0.30 11.86
N ALA C 223 1.35 -0.08 12.38
CA ALA C 223 1.50 0.58 13.70
C ALA C 223 0.89 1.96 13.74
N ASP C 224 1.08 2.75 12.68
CA ASP C 224 0.46 4.09 12.62
C ASP C 224 -1.05 3.96 12.76
N ARG C 225 -1.65 3.01 12.04
CA ARG C 225 -3.08 2.94 12.00
C ARG C 225 -3.66 2.38 13.29
N LEU C 226 -3.01 1.40 13.90
CA LEU C 226 -3.57 0.69 15.08
C LEU C 226 -3.25 1.40 16.41
N ILE C 227 -2.04 1.95 16.48
CA ILE C 227 -1.48 2.49 17.70
C ILE C 227 -1.55 4.01 17.68
N GLY C 228 -1.28 4.62 16.52
CA GLY C 228 -1.27 6.08 16.42
C GLY C 228 0.16 6.60 16.34
N ARG C 229 0.42 7.45 15.37
CA ARG C 229 1.75 8.01 15.19
C ARG C 229 2.28 8.67 16.47
N GLU C 230 1.39 9.32 17.22
CA GLU C 230 1.77 10.07 18.43
C GLU C 230 2.16 9.14 19.61
N ASN C 231 1.89 7.83 19.51
CA ASN C 231 1.97 6.90 20.64
C ASN C 231 3.12 5.89 20.58
N TYR C 232 4.00 6.04 19.59
CA TYR C 232 5.14 5.14 19.47
C TYR C 232 6.28 5.70 18.66
N THR C 233 7.44 5.13 18.87
CA THR C 233 8.58 5.38 18.02
C THR C 233 9.11 3.98 17.65
N TRP C 234 9.97 3.92 16.65
CA TRP C 234 10.31 2.65 16.11
C TRP C 234 11.74 2.57 15.59
N SER C 235 12.21 1.33 15.59
CA SER C 235 13.47 0.93 15.03
C SER C 235 13.24 -0.26 14.12
N LEU C 236 14.26 -0.64 13.35
CA LEU C 236 14.19 -1.74 12.38
C LEU C 236 15.48 -2.57 12.34
N VAL C 237 15.33 -3.87 12.11
CA VAL C 237 16.41 -4.79 11.96
C VAL C 237 16.18 -5.45 10.62
N GLY C 238 17.16 -5.37 9.73
CA GLY C 238 17.16 -6.19 8.51
C GLY C 238 18.19 -7.31 8.64
N ALA C 239 17.75 -8.54 8.41
CA ALA C 239 18.65 -9.69 8.59
C ALA C 239 19.63 -9.82 7.43
N GLY C 240 20.83 -10.30 7.72
CA GLY C 240 21.79 -10.61 6.68
C GLY C 240 22.14 -9.45 5.80
N ARG C 241 22.14 -9.71 4.49
CA ARG C 241 22.54 -8.71 3.53
C ARG C 241 21.52 -7.57 3.40
N PHE C 242 20.39 -7.69 4.07
CA PHE C 242 19.41 -6.63 4.09
C PHE C 242 19.64 -5.62 5.18
N GLN C 243 20.63 -5.86 6.03
CA GLN C 243 20.94 -4.98 7.15
C GLN C 243 21.08 -3.50 6.75
N MSE C 244 21.97 -3.22 5.82
CA MSE C 244 22.24 -1.84 5.42
C MSE C 244 21.16 -1.25 4.53
O MSE C 244 20.69 -0.15 4.79
CB MSE C 244 23.63 -1.73 4.79
CG MSE C 244 24.78 -2.16 5.70
SE MSE C 244 24.97 -0.96 7.22
CE MSE C 244 26.06 -2.11 8.36
N PRO C 245 20.69 -2.00 3.50
CA PRO C 245 19.58 -1.39 2.71
C PRO C 245 18.31 -1.07 3.51
N LEU C 246 17.87 -2.01 4.34
CA LEU C 246 16.63 -1.76 5.12
C LEU C 246 16.90 -0.75 6.19
N GLY C 247 18.07 -0.80 6.82
CA GLY C 247 18.39 0.20 7.80
C GLY C 247 18.37 1.60 7.23
N THR C 248 18.88 1.73 5.98
CA THR C 248 18.88 3.02 5.32
C THR C 248 17.45 3.47 5.03
N LEU C 249 16.66 2.49 4.61
CA LEU C 249 15.22 2.71 4.40
C LEU C 249 14.55 3.25 5.63
N ALA C 250 14.79 2.61 6.77
CA ALA C 250 14.21 3.04 8.03
C ALA C 250 14.55 4.51 8.36
N VAL C 251 15.82 4.88 8.16
CA VAL C 251 16.23 6.24 8.39
C VAL C 251 15.47 7.22 7.48
N ILE C 252 15.37 6.87 6.18
CA ILE C 252 14.63 7.66 5.23
C ILE C 252 13.17 7.83 5.71
N MSE C 253 12.59 6.77 6.27
CA MSE C 253 11.19 6.81 6.75
C MSE C 253 11.02 7.51 8.09
O MSE C 253 9.88 7.65 8.57
CB MSE C 253 10.62 5.38 6.87
CG MSE C 253 10.51 4.74 5.58
SE MSE C 253 10.06 2.89 5.63
CE MSE C 253 8.48 2.95 6.80
N GLY C 254 12.12 7.88 8.75
CA GLY C 254 12.14 8.58 10.03
C GLY C 254 12.28 7.63 11.20
N GLY C 255 12.73 6.40 10.96
CA GLY C 255 12.92 5.45 12.07
C GLY C 255 14.37 5.41 12.53
N ASP C 256 14.61 4.64 13.57
CA ASP C 256 15.91 4.29 14.04
C ASP C 256 16.33 2.96 13.47
N VAL C 257 17.61 2.63 13.66
CA VAL C 257 18.20 1.46 13.03
C VAL C 257 19.05 0.59 13.99
N ARG C 258 19.11 -0.70 13.70
CA ARG C 258 19.94 -1.61 14.47
C ARG C 258 20.83 -2.35 13.51
N VAL C 259 22.10 -2.46 13.87
CA VAL C 259 23.04 -3.22 13.09
C VAL C 259 23.70 -4.23 14.06
N GLY C 260 24.69 -4.96 13.59
CA GLY C 260 25.48 -5.84 14.47
C GLY C 260 25.63 -7.26 13.98
N LEU C 261 26.66 -7.95 14.50
CA LEU C 261 26.95 -9.36 14.13
C LEU C 261 25.85 -10.36 14.59
N GLU C 262 25.01 -9.93 15.51
CA GLU C 262 23.83 -10.69 15.84
C GLU C 262 22.97 -10.94 14.59
N ASP C 263 22.89 -9.94 13.73
CA ASP C 263 21.90 -9.89 12.64
C ASP C 263 22.53 -10.19 11.29
N SER C 264 23.80 -9.83 11.12
CA SER C 264 24.54 -10.15 9.92
C SER C 264 26.02 -10.33 10.23
N LEU C 265 26.61 -11.40 9.69
CA LEU C 265 28.04 -11.67 9.87
C LEU C 265 28.89 -10.93 8.84
N TYR C 266 28.25 -10.31 7.86
CA TYR C 266 28.94 -9.73 6.70
C TYR C 266 29.02 -8.21 6.73
N ILE C 267 30.03 -7.65 6.09
CA ILE C 267 30.14 -6.18 5.90
C ILE C 267 29.76 -5.81 4.45
N GLU C 268 30.03 -6.74 3.54
CA GLU C 268 29.49 -6.69 2.18
C GLU C 268 29.39 -8.13 1.66
N ARG C 269 28.72 -8.28 0.51
CA ARG C 269 28.48 -9.59 -0.10
C ARG C 269 29.75 -10.38 -0.15
N GLY C 270 29.78 -11.51 0.53
CA GLY C 270 30.91 -12.40 0.46
C GLY C 270 32.06 -12.01 1.37
N LYS C 271 31.88 -10.96 2.17
CA LYS C 271 32.97 -10.53 3.02
C LYS C 271 32.50 -10.41 4.46
N LEU C 272 33.06 -11.24 5.33
CA LEU C 272 32.76 -11.22 6.75
C LEU C 272 33.11 -9.84 7.33
N ALA C 273 32.24 -9.32 8.17
CA ALA C 273 32.54 -8.14 8.97
C ALA C 273 33.52 -8.55 10.09
N LYS C 274 34.58 -7.78 10.26
N LYS C 274 34.57 -7.76 10.24
CA LYS C 274 35.64 -8.13 11.20
CA LYS C 274 35.66 -8.09 11.17
C LYS C 274 35.28 -7.76 12.64
C LYS C 274 35.32 -7.71 12.62
N SER C 275 34.30 -6.87 12.80
CA SER C 275 33.83 -6.47 14.12
C SER C 275 32.45 -5.82 14.05
N ASN C 276 31.76 -5.74 15.20
CA ASN C 276 30.55 -4.94 15.32
C ASN C 276 30.76 -3.45 14.95
N ALA C 277 31.88 -2.89 15.37
CA ALA C 277 32.22 -1.50 15.08
C ALA C 277 32.29 -1.18 13.60
N GLU C 278 32.78 -2.11 12.79
CA GLU C 278 32.81 -1.91 11.35
C GLU C 278 31.45 -1.65 10.79
N GLN C 279 30.46 -2.37 11.31
CA GLN C 279 29.10 -2.19 10.86
C GLN C 279 28.48 -0.89 11.36
N VAL C 280 28.79 -0.49 12.60
CA VAL C 280 28.26 0.74 13.16
C VAL C 280 28.86 1.94 12.41
N GLU C 281 30.17 1.87 12.12
CA GLU C 281 30.86 2.93 11.39
C GLU C 281 30.23 3.22 10.04
N LYS C 282 29.91 2.15 9.31
CA LYS C 282 29.24 2.20 8.02
C LYS C 282 27.85 2.79 8.14
N MSE C 283 27.03 2.28 9.05
CA MSE C 283 25.68 2.87 9.22
C MSE C 283 25.73 4.35 9.62
O MSE C 283 24.91 5.16 9.17
CB MSE C 283 24.85 2.11 10.23
CG MSE C 283 23.39 2.41 10.21
SE MSE C 283 22.46 2.11 8.53
CE MSE C 283 21.75 3.78 8.50
N VAL C 284 26.68 4.69 10.50
CA VAL C 284 26.90 6.11 10.84
C VAL C 284 27.31 6.94 9.62
N ARG C 285 28.18 6.44 8.74
CA ARG C 285 28.48 7.19 7.53
C ARG C 285 27.21 7.45 6.71
N ILE C 286 26.32 6.44 6.58
CA ILE C 286 25.06 6.60 5.81
C ILE C 286 24.14 7.61 6.47
N VAL C 287 23.91 7.45 7.76
CA VAL C 287 23.11 8.40 8.53
C VAL C 287 23.59 9.84 8.29
N LYS C 288 24.91 10.03 8.31
CA LYS C 288 25.48 11.37 8.14
C LYS C 288 25.32 11.91 6.71
N GLU C 289 25.45 11.06 5.70
CA GLU C 289 25.18 11.50 4.33
C GLU C 289 23.72 11.94 4.14
N LEU C 290 22.82 11.35 4.89
CA LEU C 290 21.43 11.73 4.84
C LEU C 290 21.15 12.93 5.74
N GLY C 291 22.18 13.63 6.22
CA GLY C 291 22.01 14.86 7.01
C GLY C 291 21.53 14.66 8.45
N LYS C 292 21.83 13.48 8.99
N LYS C 292 21.82 13.49 9.00
CA LYS C 292 21.47 13.15 10.36
CA LYS C 292 21.45 13.17 10.37
C LYS C 292 22.72 12.83 11.15
C LYS C 292 22.71 12.81 11.14
N ARG C 293 22.54 12.47 12.42
CA ARG C 293 23.63 12.09 13.27
C ARG C 293 23.20 11.08 14.31
N PRO C 294 24.13 10.22 14.72
CA PRO C 294 23.77 9.22 15.73
C PRO C 294 23.49 9.84 17.08
N ALA C 295 22.49 9.32 17.79
CA ALA C 295 22.16 9.76 19.13
C ALA C 295 23.28 9.30 20.06
N THR C 296 23.67 10.18 20.98
CA THR C 296 24.54 9.76 22.09
C THR C 296 23.70 8.97 23.08
N PRO C 297 24.35 8.17 23.99
CA PRO C 297 23.57 7.39 24.97
C PRO C 297 22.58 8.19 25.78
N ASP C 298 22.97 9.39 26.19
CA ASP C 298 22.05 10.23 26.94
C ASP C 298 20.95 10.75 26.09
N GLU C 299 21.20 10.93 24.78
CA GLU C 299 20.11 11.33 23.87
C GLU C 299 19.13 10.16 23.73
N VAL C 300 19.64 8.94 23.71
CA VAL C 300 18.78 7.76 23.66
C VAL C 300 17.86 7.72 24.91
N ARG C 301 18.40 8.09 26.07
CA ARG C 301 17.64 8.06 27.33
C ARG C 301 16.56 9.10 27.29
N GLU C 302 16.88 10.30 26.77
CA GLU C 302 15.88 11.36 26.61
C GLU C 302 14.83 10.96 25.59
N ILE C 303 15.23 10.50 24.43
CA ILE C 303 14.26 10.08 23.40
C ILE C 303 13.28 8.99 23.92
N LEU C 304 13.78 7.98 24.62
CA LEU C 304 12.97 6.82 24.97
C LEU C 304 12.43 6.89 26.40
N GLY C 305 12.73 7.97 27.08
CA GLY C 305 12.29 8.16 28.46
C GLY C 305 12.86 7.17 29.44
N LEU C 306 14.14 6.91 29.36
CA LEU C 306 14.78 5.83 30.14
C LEU C 306 15.25 6.34 31.50
N LYS C 307 15.35 5.41 32.45
CA LYS C 307 15.62 5.78 33.84
C LYS C 307 17.04 6.26 34.15
N GLY C 308 18.02 5.95 33.31
CA GLY C 308 19.40 6.40 33.58
C GLY C 308 20.34 5.30 34.08
N LYS C 309 21.61 5.45 33.73
CA LYS C 309 22.59 4.38 33.93
C LYS C 309 22.79 4.04 35.39
N GLU C 310 22.58 5.02 36.28
N GLU C 310 22.61 4.99 36.29
CA GLU C 310 22.76 4.87 37.73
CA GLU C 310 22.89 4.69 37.68
C GLU C 310 21.65 4.06 38.38
C GLU C 310 21.62 4.21 38.42
N ARG C 311 20.54 3.91 37.68
CA ARG C 311 19.36 3.27 38.30
C ARG C 311 19.22 1.79 37.95
N VAL C 312 20.17 1.25 37.19
CA VAL C 312 20.18 -0.19 36.90
C VAL C 312 20.78 -0.99 38.08
N ASN C 313 20.55 -2.30 38.12
CA ASN C 313 21.07 -3.13 39.20
C ASN C 313 22.34 -3.87 38.81
N PHE C 314 23.31 -3.12 38.29
CA PHE C 314 24.65 -3.61 37.97
C PHE C 314 25.61 -2.43 37.84
N MSE D 2 -19.84 13.96 13.10
CA MSE D 2 -19.95 12.52 13.46
C MSE D 2 -21.24 11.99 12.81
O MSE D 2 -22.32 12.51 13.08
CB MSE D 2 -20.02 12.32 14.98
N ARG D 3 -21.09 10.98 11.93
CA ARG D 3 -22.24 10.39 11.17
C ARG D 3 -22.48 8.92 11.57
N LYS D 4 -23.68 8.41 11.31
CA LYS D 4 -24.00 7.00 11.60
C LYS D 4 -23.24 6.09 10.63
N ASP D 5 -22.65 5.02 11.18
CA ASP D 5 -21.76 4.12 10.46
C ASP D 5 -22.50 3.21 9.47
N ASP D 6 -23.83 3.30 9.42
CA ASP D 6 -24.65 2.40 8.61
C ASP D 6 -25.53 3.14 7.56
N VAL D 7 -25.33 4.45 7.41
CA VAL D 7 -26.04 5.23 6.42
C VAL D 7 -25.07 5.64 5.30
N VAL D 8 -25.44 5.27 4.08
CA VAL D 8 -24.64 5.48 2.88
C VAL D 8 -25.38 6.48 2.00
N ILE D 9 -24.69 7.57 1.62
CA ILE D 9 -25.20 8.49 0.58
C ILE D 9 -25.01 7.87 -0.80
N VAL D 10 -26.11 7.54 -1.47
CA VAL D 10 -26.10 7.14 -2.87
C VAL D 10 -26.44 8.34 -3.78
N THR D 11 -25.48 8.74 -4.63
CA THR D 11 -25.66 9.83 -5.57
C THR D 11 -25.98 9.26 -6.92
N CYS D 12 -26.95 9.82 -7.63
CA CYS D 12 -27.17 9.37 -9.01
C CYS D 12 -26.81 10.44 -10.03
N ALA D 13 -25.81 10.16 -10.85
CA ALA D 13 -25.33 11.09 -11.90
C ALA D 13 -26.11 10.85 -13.19
N ILE D 14 -27.01 11.78 -13.52
CA ILE D 14 -28.11 11.49 -14.44
C ILE D 14 -27.72 11.39 -15.93
N THR D 15 -26.84 12.28 -16.41
CA THR D 15 -26.52 12.27 -17.82
C THR D 15 -25.09 12.65 -18.22
N GLY D 16 -24.49 13.57 -17.52
CA GLY D 16 -23.12 13.93 -17.85
C GLY D 16 -22.94 14.60 -19.18
N ALA D 17 -21.67 14.55 -19.62
CA ALA D 17 -21.20 15.13 -20.83
C ALA D 17 -20.33 14.17 -21.64
N ILE D 18 -20.11 12.97 -21.14
CA ILE D 18 -19.17 12.05 -21.78
C ILE D 18 -19.90 11.20 -22.82
N HIS D 19 -20.92 10.49 -22.37
CA HIS D 19 -21.72 9.66 -23.26
C HIS D 19 -22.53 10.52 -24.24
N THR D 20 -22.75 9.99 -25.43
CA THR D 20 -23.49 10.74 -26.43
C THR D 20 -24.78 9.96 -26.78
N PRO D 21 -25.81 10.62 -27.32
CA PRO D 21 -27.12 9.99 -27.57
C PRO D 21 -27.11 8.70 -28.32
N SER D 22 -26.29 8.66 -29.35
CA SER D 22 -26.23 7.48 -30.21
C SER D 22 -25.67 6.28 -29.48
N MSE D 23 -25.04 6.46 -28.32
CA MSE D 23 -24.48 5.29 -27.61
C MSE D 23 -25.55 4.51 -26.89
O MSE D 23 -25.40 3.30 -26.70
CB MSE D 23 -23.37 5.67 -26.63
CG MSE D 23 -22.17 6.39 -27.28
SE MSE D 23 -20.91 7.00 -25.96
CE MSE D 23 -19.79 8.05 -27.16
N SER D 24 -26.63 5.16 -26.48
CA SER D 24 -27.72 4.46 -25.83
C SER D 24 -29.00 5.23 -25.91
N PRO D 25 -30.08 4.53 -26.29
CA PRO D 25 -31.34 5.27 -26.35
C PRO D 25 -31.86 5.62 -24.96
N TYR D 26 -31.25 5.12 -23.89
CA TYR D 26 -31.71 5.46 -22.53
C TYR D 26 -30.94 6.63 -21.90
N LEU D 27 -29.93 7.13 -22.58
CA LEU D 27 -29.25 8.32 -22.09
C LEU D 27 -30.24 9.49 -22.10
N PRO D 28 -30.47 10.12 -20.92
CA PRO D 28 -31.41 11.26 -20.93
C PRO D 28 -30.85 12.43 -21.70
N VAL D 29 -31.55 12.88 -22.71
CA VAL D 29 -31.10 14.03 -23.45
C VAL D 29 -31.83 15.35 -23.19
N THR D 30 -33.13 15.34 -23.24
CA THR D 30 -33.85 16.62 -23.13
C THR D 30 -33.96 17.06 -21.68
N PRO D 31 -34.24 18.34 -21.45
CA PRO D 31 -34.36 18.73 -20.05
C PRO D 31 -35.44 17.99 -19.29
N ASP D 32 -36.55 17.70 -19.95
CA ASP D 32 -37.64 17.00 -19.27
C ASP D 32 -37.26 15.55 -18.97
N GLN D 33 -36.50 14.92 -19.87
CA GLN D 33 -35.97 13.59 -19.59
C GLN D 33 -35.02 13.58 -18.40
N ILE D 34 -34.13 14.55 -18.31
CA ILE D 34 -33.24 14.67 -17.16
C ILE D 34 -34.04 14.84 -15.87
N VAL D 35 -35.06 15.70 -15.90
CA VAL D 35 -35.90 15.94 -14.73
C VAL D 35 -36.59 14.65 -14.24
N GLU D 36 -37.23 13.93 -15.16
CA GLU D 36 -37.96 12.70 -14.83
C GLU D 36 -37.02 11.62 -14.32
N GLU D 37 -35.85 11.50 -14.93
CA GLU D 37 -34.88 10.52 -14.47
C GLU D 37 -34.30 10.87 -13.12
N ALA D 38 -34.11 12.16 -12.82
CA ALA D 38 -33.62 12.56 -11.50
C ALA D 38 -34.67 12.19 -10.41
N VAL D 39 -35.95 12.47 -10.68
CA VAL D 39 -37.05 12.24 -9.73
C VAL D 39 -37.22 10.72 -9.52
N LYS D 40 -37.16 9.97 -10.61
CA LYS D 40 -37.15 8.51 -10.49
C LYS D 40 -35.94 7.99 -9.69
N ALA D 41 -34.77 8.57 -9.88
CA ALA D 41 -33.59 8.13 -9.15
C ALA D 41 -33.71 8.36 -7.64
N ALA D 42 -34.24 9.54 -7.30
CA ALA D 42 -34.55 9.91 -5.92
C ALA D 42 -35.48 8.93 -5.27
N GLU D 43 -36.54 8.56 -5.98
CA GLU D 43 -37.52 7.65 -5.47
C GLU D 43 -36.96 6.26 -5.31
N ALA D 44 -35.92 5.93 -6.07
CA ALA D 44 -35.21 4.65 -5.94
C ALA D 44 -34.18 4.62 -4.78
N GLY D 45 -33.97 5.74 -4.10
CA GLY D 45 -33.04 5.77 -2.96
C GLY D 45 -31.86 6.71 -3.09
N ALA D 46 -31.73 7.40 -4.23
CA ALA D 46 -30.68 8.42 -4.40
C ALA D 46 -31.03 9.65 -3.62
N GLY D 47 -30.27 9.88 -2.57
CA GLY D 47 -30.47 11.04 -1.75
C GLY D 47 -29.96 12.31 -2.42
N MSE D 48 -29.09 12.12 -3.41
N MSE D 48 -29.10 12.12 -3.42
CA MSE D 48 -28.51 13.20 -4.21
CA MSE D 48 -28.51 13.21 -4.20
C MSE D 48 -28.51 12.83 -5.71
C MSE D 48 -28.55 12.83 -5.70
O MSE D 48 -28.22 11.69 -6.09
O MSE D 48 -28.35 11.66 -6.06
CB MSE D 48 -27.09 13.52 -3.74
CB MSE D 48 -27.06 13.45 -3.77
CG MSE D 48 -26.53 14.87 -4.28
CG MSE D 48 -26.46 14.77 -4.30
SE MSE D 48 -25.04 15.68 -3.26
SE MSE D 48 -24.52 14.93 -3.94
CE MSE D 48 -23.89 14.13 -2.89
CE MSE D 48 -24.61 15.01 -1.98
N VAL D 49 -28.82 13.82 -6.54
CA VAL D 49 -28.72 13.70 -7.97
C VAL D 49 -27.70 14.71 -8.50
N HIS D 50 -26.92 14.28 -9.48
CA HIS D 50 -25.94 15.12 -10.11
C HIS D 50 -26.35 15.48 -11.53
N ILE D 51 -26.45 16.79 -11.80
CA ILE D 51 -27.10 17.32 -13.00
C ILE D 51 -26.13 18.05 -13.96
N HIS D 52 -26.11 17.62 -15.21
CA HIS D 52 -25.64 18.41 -16.36
C HIS D 52 -26.83 18.81 -17.25
N ALA D 53 -26.62 19.86 -18.04
CA ALA D 53 -27.56 20.26 -19.09
C ALA D 53 -27.09 19.71 -20.45
N ARG D 54 -28.06 19.47 -21.33
CA ARG D 54 -27.83 19.11 -22.70
C ARG D 54 -28.84 19.88 -23.57
N ASP D 55 -28.38 20.32 -24.72
CA ASP D 55 -29.25 20.96 -25.72
C ASP D 55 -30.36 19.99 -26.14
N PRO D 56 -31.65 20.40 -26.00
CA PRO D 56 -32.78 19.50 -26.31
C PRO D 56 -32.87 19.05 -27.77
N LYS D 57 -32.41 19.91 -28.68
CA LYS D 57 -32.47 19.65 -30.11
C LYS D 57 -31.64 18.43 -30.49
N ASP D 58 -30.46 18.27 -29.90
CA ASP D 58 -29.58 17.15 -30.30
C ASP D 58 -28.74 16.49 -29.19
N GLY D 59 -29.05 16.82 -27.93
CA GLY D 59 -28.34 16.28 -26.79
C GLY D 59 -26.91 16.73 -26.56
N ARG D 60 -26.43 17.70 -27.32
CA ARG D 60 -25.07 18.19 -27.13
C ARG D 60 -24.93 18.90 -25.76
N PRO D 61 -23.85 18.63 -25.03
CA PRO D 61 -23.60 19.31 -23.75
C PRO D 61 -23.71 20.83 -23.88
N THR D 62 -24.40 21.47 -22.93
CA THR D 62 -24.44 22.92 -22.87
C THR D 62 -24.28 23.42 -21.44
N THR D 63 -23.67 24.60 -21.28
CA THR D 63 -23.56 25.23 -19.97
C THR D 63 -24.72 26.19 -19.69
N ASP D 64 -25.60 26.41 -20.67
CA ASP D 64 -26.71 27.37 -20.60
C ASP D 64 -27.43 27.36 -19.23
N VAL D 65 -27.26 28.41 -18.43
N VAL D 65 -27.25 28.44 -18.48
CA VAL D 65 -27.81 28.42 -17.07
CA VAL D 65 -27.78 28.60 -17.13
C VAL D 65 -29.34 28.45 -17.07
C VAL D 65 -29.29 28.49 -17.08
N GLU D 66 -29.96 28.94 -18.14
CA GLU D 66 -31.42 28.85 -18.21
C GLU D 66 -31.94 27.43 -18.35
N VAL D 67 -31.14 26.56 -18.97
CA VAL D 67 -31.48 25.15 -19.06
C VAL D 67 -31.28 24.47 -17.70
N PHE D 68 -30.13 24.72 -17.10
CA PHE D 68 -30.00 24.39 -15.67
C PHE D 68 -31.15 24.88 -14.80
N ARG D 69 -31.54 26.14 -14.99
CA ARG D 69 -32.54 26.73 -14.10
C ARG D 69 -33.85 25.96 -14.25
N TYR D 70 -34.21 25.66 -15.50
CA TYR D 70 -35.41 24.90 -15.77
C TYR D 70 -35.36 23.51 -15.14
N ILE D 71 -34.30 22.76 -15.41
CA ILE D 71 -34.15 21.39 -14.91
C ILE D 71 -34.21 21.34 -13.37
N CYS D 72 -33.50 22.24 -12.73
CA CYS D 72 -33.41 22.21 -11.26
C CYS D 72 -34.72 22.62 -10.62
N ARG D 73 -35.38 23.62 -11.20
CA ARG D 73 -36.65 24.06 -10.67
C ARG D 73 -37.70 22.96 -10.76
N GLU D 74 -37.74 22.28 -11.90
CA GLU D 74 -38.70 21.21 -12.12
C GLU D 74 -38.43 20.01 -11.25
N ILE D 75 -37.16 19.66 -11.03
CA ILE D 75 -36.87 18.55 -10.09
C ILE D 75 -37.38 18.95 -8.69
N LYS D 76 -37.07 20.17 -8.28
CA LYS D 76 -37.44 20.66 -6.92
C LYS D 76 -38.97 20.67 -6.68
N LYS D 77 -39.76 20.96 -7.73
CA LYS D 77 -41.21 20.85 -7.64
C LYS D 77 -41.68 19.46 -7.24
N GLN D 78 -41.02 18.42 -7.75
CA GLN D 78 -41.44 17.05 -7.52
C GLN D 78 -40.70 16.35 -6.36
N SER D 79 -39.53 16.82 -5.98
CA SER D 79 -38.72 16.05 -5.05
C SER D 79 -37.90 16.90 -4.12
N ASP D 80 -37.63 16.40 -2.91
CA ASP D 80 -36.72 17.05 -1.96
C ASP D 80 -35.26 16.60 -2.12
N VAL D 81 -35.00 15.79 -3.14
CA VAL D 81 -33.64 15.37 -3.45
C VAL D 81 -32.65 16.52 -3.45
N VAL D 82 -31.43 16.25 -2.97
CA VAL D 82 -30.35 17.24 -3.07
C VAL D 82 -29.88 17.32 -4.54
N ILE D 83 -29.93 18.53 -5.09
CA ILE D 83 -29.60 18.76 -6.49
C ILE D 83 -28.20 19.32 -6.59
N ASN D 84 -27.29 18.46 -6.99
CA ASN D 84 -25.87 18.78 -7.16
C ASN D 84 -25.64 19.15 -8.62
N VAL D 85 -25.14 20.36 -8.86
N VAL D 85 -25.23 20.40 -8.90
CA VAL D 85 -24.91 20.89 -10.20
CA VAL D 85 -24.98 20.79 -10.30
C VAL D 85 -23.42 20.80 -10.62
C VAL D 85 -23.48 20.82 -10.65
N THR D 86 -23.17 20.46 -11.88
CA THR D 86 -21.80 20.44 -12.37
C THR D 86 -21.32 21.86 -12.67
N THR D 87 -20.06 22.09 -12.38
CA THR D 87 -19.30 23.18 -12.97
C THR D 87 -18.17 22.62 -13.81
N GLY D 88 -18.14 21.29 -13.99
CA GLY D 88 -17.15 20.61 -14.85
C GLY D 88 -17.66 20.43 -16.28
N GLY D 89 -18.97 20.21 -16.42
CA GLY D 89 -19.65 20.16 -17.71
C GLY D 89 -19.26 21.28 -18.66
N GLY D 90 -18.78 20.91 -19.86
CA GLY D 90 -18.20 21.88 -20.81
C GLY D 90 -16.67 21.86 -20.87
N GLY D 91 -16.05 21.32 -19.83
CA GLY D 91 -14.63 21.37 -19.70
C GLY D 91 -13.97 20.55 -20.79
N THR D 92 -14.63 19.45 -21.17
CA THR D 92 -14.17 18.53 -22.23
C THR D 92 -14.42 19.13 -23.62
N LEU D 93 -15.10 20.29 -23.67
CA LEU D 93 -15.24 21.07 -24.90
C LEU D 93 -14.34 22.32 -24.77
N GLY D 94 -13.44 22.35 -23.80
CA GLY D 94 -12.50 23.47 -23.70
C GLY D 94 -13.07 24.73 -23.04
N ILE D 95 -14.24 24.61 -22.40
CA ILE D 95 -14.90 25.78 -21.75
C ILE D 95 -14.20 26.06 -20.41
N PRO D 96 -13.78 27.34 -20.17
CA PRO D 96 -13.05 27.58 -18.89
C PRO D 96 -13.93 27.55 -17.59
N VAL D 97 -13.28 27.50 -16.44
CA VAL D 97 -14.00 27.53 -15.13
C VAL D 97 -14.87 28.80 -14.88
N GLU D 98 -14.31 29.98 -15.10
CA GLU D 98 -15.09 31.21 -14.90
C GLU D 98 -16.44 31.21 -15.69
N GLU D 99 -16.52 30.43 -16.78
N GLU D 99 -16.51 30.45 -16.79
CA GLU D 99 -17.77 30.35 -17.58
CA GLU D 99 -17.75 30.34 -17.59
C GLU D 99 -18.61 29.19 -17.10
C GLU D 99 -18.60 29.20 -17.08
N ARG D 100 -17.95 28.07 -16.80
CA ARG D 100 -18.59 26.86 -16.23
C ARG D 100 -19.17 27.15 -14.85
N ALA D 101 -18.49 28.05 -14.13
CA ALA D 101 -18.87 28.37 -12.74
C ALA D 101 -20.13 29.23 -12.61
N LYS D 102 -20.59 29.81 -13.71
CA LYS D 102 -21.72 30.80 -13.66
C LYS D 102 -23.03 30.26 -13.13
N VAL D 103 -23.20 28.95 -13.24
CA VAL D 103 -24.35 28.28 -12.69
C VAL D 103 -24.45 28.50 -11.18
N VAL D 104 -23.31 28.71 -10.49
CA VAL D 104 -23.31 28.79 -9.01
C VAL D 104 -23.94 30.11 -8.51
N PRO D 105 -23.54 31.25 -9.07
CA PRO D 105 -24.21 32.50 -8.69
C PRO D 105 -25.63 32.64 -9.25
N ALA D 106 -25.87 32.07 -10.42
CA ALA D 106 -27.22 32.06 -11.00
C ALA D 106 -28.21 31.25 -10.16
N LEU D 107 -27.83 30.01 -9.82
CA LEU D 107 -28.74 29.08 -9.14
C LEU D 107 -28.54 28.96 -7.64
N LYS D 108 -27.37 29.35 -7.13
CA LYS D 108 -27.02 29.16 -5.71
C LYS D 108 -27.44 27.79 -5.18
N PRO D 109 -26.93 26.71 -5.79
CA PRO D 109 -27.31 25.39 -5.36
C PRO D 109 -26.69 25.04 -4.01
N GLU D 110 -27.23 24.00 -3.39
CA GLU D 110 -26.73 23.50 -2.12
C GLU D 110 -25.32 22.93 -2.23
N ILE D 111 -25.04 22.27 -3.35
CA ILE D 111 -23.76 21.61 -3.56
C ILE D 111 -23.52 21.63 -5.09
N ALA D 112 -22.26 21.76 -5.49
CA ALA D 112 -21.90 21.71 -6.89
C ALA D 112 -20.49 21.16 -7.06
N THR D 113 -20.17 20.63 -8.24
CA THR D 113 -18.91 19.94 -8.36
C THR D 113 -17.80 20.99 -8.56
N PHE D 114 -16.59 20.61 -8.16
CA PHE D 114 -15.43 21.48 -8.02
C PHE D 114 -14.24 20.58 -8.34
N ASN D 115 -13.87 20.53 -9.62
CA ASN D 115 -12.75 19.74 -10.16
C ASN D 115 -11.33 20.25 -9.81
N MSE D 116 -10.50 19.36 -9.29
CA MSE D 116 -9.30 19.79 -8.54
C MSE D 116 -7.96 19.75 -9.28
O MSE D 116 -6.91 19.82 -8.62
CB MSE D 116 -9.19 18.95 -7.27
CG MSE D 116 -10.23 19.26 -6.29
SE MSE D 116 -10.01 21.05 -5.59
CE MSE D 116 -8.15 21.09 -5.21
N GLY D 117 -7.97 19.71 -10.60
CA GLY D 117 -6.72 19.94 -11.34
C GLY D 117 -6.89 19.95 -12.83
N SER D 118 -5.90 20.46 -13.55
CA SER D 118 -5.90 20.44 -15.01
C SER D 118 -5.46 19.04 -15.44
N MSE D 119 -6.06 18.50 -16.50
CA MSE D 119 -5.72 17.13 -16.89
C MSE D 119 -6.11 16.89 -18.33
O MSE D 119 -7.00 17.55 -18.84
CB MSE D 119 -6.46 16.12 -15.97
CG MSE D 119 -7.96 16.14 -16.10
SE MSE D 119 -8.97 15.14 -14.78
CE MSE D 119 -8.57 13.33 -15.43
N ASN D 120 -5.52 15.88 -18.96
CA ASN D 120 -6.11 15.29 -20.17
C ASN D 120 -7.37 14.60 -19.71
N PHE D 121 -8.35 14.56 -20.57
CA PHE D 121 -9.62 13.92 -20.31
C PHE D 121 -10.14 13.51 -21.66
N ALA D 122 -9.76 12.29 -22.09
CA ALA D 122 -9.87 11.84 -23.46
C ALA D 122 -10.81 10.65 -23.62
N ILE D 123 -11.77 10.81 -24.53
CA ILE D 123 -12.72 9.76 -24.94
C ILE D 123 -12.71 9.44 -26.43
N HIS D 124 -11.70 9.93 -27.14
CA HIS D 124 -11.53 9.57 -28.54
C HIS D 124 -11.48 8.07 -28.81
N PRO D 125 -11.04 7.21 -27.86
CA PRO D 125 -11.10 5.76 -28.14
C PRO D 125 -12.53 5.16 -28.38
N LEU D 126 -13.56 5.83 -27.88
CA LEU D 126 -14.95 5.45 -28.14
C LEU D 126 -15.32 5.41 -29.61
N LEU D 127 -14.57 6.12 -30.44
CA LEU D 127 -14.74 6.10 -31.89
C LEU D 127 -14.45 4.73 -32.49
N LYS D 128 -13.74 3.87 -31.78
CA LYS D 128 -13.48 2.52 -32.27
C LYS D 128 -14.69 1.66 -32.02
N LYS D 129 -15.51 2.06 -31.05
CA LYS D 129 -16.60 1.25 -30.53
C LYS D 129 -17.95 1.63 -31.13
N TYR D 130 -18.10 2.90 -31.48
CA TYR D 130 -19.31 3.40 -32.10
C TYR D 130 -19.01 3.95 -33.47
N LYS D 131 -19.60 3.37 -34.49
CA LYS D 131 -19.26 3.79 -35.86
C LYS D 131 -20.27 4.73 -36.48
N GLU D 132 -21.54 4.60 -36.11
CA GLU D 132 -22.61 5.39 -36.66
C GLU D 132 -23.25 6.24 -35.59
N PHE D 133 -23.52 7.49 -35.91
CA PHE D 133 -24.07 8.46 -34.97
C PHE D 133 -25.24 9.19 -35.58
N LYS D 134 -26.28 9.39 -34.80
CA LYS D 134 -27.40 10.20 -35.24
C LYS D 134 -26.95 11.60 -35.61
N TYR D 135 -26.03 12.20 -34.84
CA TYR D 135 -25.68 13.59 -35.10
C TYR D 135 -24.20 13.76 -35.43
N ASP D 136 -23.91 14.71 -36.32
CA ASP D 136 -22.51 15.00 -36.70
C ASP D 136 -21.68 15.52 -35.53
N TRP D 137 -22.30 16.21 -34.59
CA TRP D 137 -21.57 16.72 -33.45
C TRP D 137 -20.89 15.62 -32.60
N GLU D 138 -21.47 14.43 -32.59
CA GLU D 138 -21.02 13.35 -31.70
C GLU D 138 -19.58 12.90 -32.01
N PRO D 139 -19.28 12.45 -33.24
CA PRO D 139 -17.91 11.98 -33.44
C PRO D 139 -16.91 13.15 -33.43
N GLU D 140 -17.34 14.32 -33.85
CA GLU D 140 -16.51 15.50 -33.73
C GLU D 140 -16.11 15.80 -32.25
N TYR D 141 -17.08 15.77 -31.36
CA TYR D 141 -16.85 15.93 -29.94
C TYR D 141 -15.85 14.92 -29.39
N LEU D 142 -16.05 13.66 -29.72
CA LEU D 142 -15.21 12.61 -29.19
C LEU D 142 -13.74 12.79 -29.68
N GLU D 143 -13.58 13.06 -30.98
CA GLU D 143 -12.26 13.34 -31.55
C GLU D 143 -11.55 14.52 -30.92
N MSE D 144 -12.30 15.60 -30.70
CA MSE D 144 -11.70 16.79 -30.13
C MSE D 144 -11.18 16.64 -28.74
O MSE D 144 -10.21 17.32 -28.40
CB MSE D 144 -12.65 17.98 -30.26
CG MSE D 144 -12.59 18.45 -31.70
SE MSE D 144 -13.86 19.81 -32.11
CE MSE D 144 -13.72 19.98 -34.11
N THR D 145 -11.74 15.72 -27.95
CA THR D 145 -11.13 15.44 -26.62
C THR D 145 -9.66 14.92 -26.65
N ARG D 146 -9.20 14.45 -27.82
CA ARG D 146 -7.79 14.03 -27.96
C ARG D 146 -6.83 15.20 -27.71
N ASP D 147 -7.30 16.42 -27.91
CA ASP D 147 -6.44 17.58 -27.75
C ASP D 147 -7.08 18.72 -26.95
N ILE D 148 -7.95 18.37 -26.01
CA ILE D 148 -8.53 19.41 -25.15
C ILE D 148 -8.12 19.15 -23.70
N VAL D 149 -7.53 20.15 -23.05
CA VAL D 149 -7.23 20.05 -21.63
C VAL D 149 -8.48 20.38 -20.82
N PHE D 150 -8.79 19.55 -19.86
CA PHE D 150 -9.81 19.88 -18.84
C PHE D 150 -9.10 20.73 -17.81
N ARG D 151 -9.35 22.02 -17.86
CA ARG D 151 -8.49 23.00 -17.23
C ARG D 151 -9.03 23.49 -15.86
N ASN D 152 -8.22 23.39 -14.82
CA ASN D 152 -8.61 23.87 -13.49
C ASN D 152 -7.32 24.27 -12.76
N THR D 153 -6.83 25.45 -13.08
CA THR D 153 -5.58 25.93 -12.54
C THR D 153 -5.74 26.39 -11.09
N PHE D 154 -4.63 26.59 -10.39
CA PHE D 154 -4.72 27.04 -9.02
C PHE D 154 -5.38 28.41 -8.96
N LYS D 155 -5.07 29.28 -9.91
CA LYS D 155 -5.80 30.54 -10.00
C LYS D 155 -7.30 30.35 -10.21
N ASP D 156 -7.69 29.43 -11.10
CA ASP D 156 -9.11 29.09 -11.29
C ASP D 156 -9.73 28.63 -9.95
N LEU D 157 -9.03 27.74 -9.24
CA LEU D 157 -9.57 27.14 -8.02
C LEU D 157 -9.72 28.16 -6.88
N GLU D 158 -8.82 29.13 -6.81
CA GLU D 158 -8.92 30.17 -5.83
C GLU D 158 -10.23 30.96 -6.06
N ALA D 159 -10.46 31.36 -7.30
CA ALA D 159 -11.66 32.16 -7.63
C ALA D 159 -12.94 31.34 -7.41
N LEU D 160 -12.90 30.06 -7.79
CA LEU D 160 -14.00 29.12 -7.58
C LEU D 160 -14.33 28.94 -6.09
N SER D 161 -13.30 28.83 -5.24
CA SER D 161 -13.53 28.68 -3.82
C SER D 161 -14.31 29.89 -3.31
N ARG D 162 -13.98 31.09 -3.82
CA ARG D 162 -14.69 32.28 -3.41
C ARG D 162 -16.12 32.37 -3.90
N ILE D 163 -16.33 32.00 -5.15
CA ILE D 163 -17.65 31.93 -5.73
C ILE D 163 -18.59 31.01 -4.94
N PHE D 164 -18.08 29.85 -4.53
CA PHE D 164 -18.90 28.90 -3.76
C PHE D 164 -19.26 29.48 -2.42
N LYS D 165 -18.30 30.08 -1.74
CA LYS D 165 -18.58 30.71 -0.45
C LYS D 165 -19.61 31.85 -0.57
N GLU D 166 -19.47 32.66 -1.59
CA GLU D 166 -20.39 33.81 -1.82
C GLU D 166 -21.85 33.40 -1.98
N ASN D 167 -22.07 32.25 -2.55
CA ASN D 167 -23.41 31.78 -2.86
C ASN D 167 -23.83 30.64 -1.96
N ASP D 168 -23.05 30.43 -0.89
CA ASP D 168 -23.40 29.47 0.14
C ASP D 168 -23.60 28.11 -0.54
N THR D 169 -22.66 27.75 -1.40
CA THR D 169 -22.70 26.44 -2.09
C THR D 169 -21.55 25.57 -1.60
N LYS D 170 -21.84 24.32 -1.25
CA LYS D 170 -20.79 23.42 -0.79
C LYS D 170 -20.04 22.85 -1.98
N PRO D 171 -18.70 22.90 -1.93
CA PRO D 171 -17.91 22.23 -2.94
C PRO D 171 -17.88 20.71 -2.77
N GLU D 172 -18.11 20.02 -3.86
CA GLU D 172 -17.84 18.60 -3.92
C GLU D 172 -16.60 18.49 -4.80
N LEU D 173 -15.51 18.01 -4.22
CA LEU D 173 -14.18 18.24 -4.76
C LEU D 173 -13.79 17.01 -5.54
N GLU D 174 -13.81 17.12 -6.85
N GLU D 174 -13.86 17.09 -6.86
CA GLU D 174 -13.67 15.95 -7.71
CA GLU D 174 -13.73 15.91 -7.75
C GLU D 174 -12.17 15.74 -7.87
C GLU D 174 -12.26 15.61 -8.11
N CYS D 175 -11.73 14.54 -7.53
CA CYS D 175 -10.35 14.15 -7.69
C CYS D 175 -10.18 12.92 -8.57
N TYR D 176 -9.38 13.08 -9.62
CA TYR D 176 -9.17 12.04 -10.64
C TYR D 176 -7.77 11.42 -10.58
N ASP D 177 -6.97 11.82 -9.59
CA ASP D 177 -5.59 11.33 -9.46
C ASP D 177 -5.05 11.72 -8.07
N ILE D 178 -3.95 11.10 -7.71
CA ILE D 178 -3.28 11.35 -6.43
C ILE D 178 -2.84 12.81 -6.33
N GLY D 179 -2.28 13.34 -7.41
CA GLY D 179 -1.84 14.75 -7.41
C GLY D 179 -2.94 15.73 -7.08
N GLN D 180 -4.16 15.37 -7.46
CA GLN D 180 -5.35 16.21 -7.21
C GLN D 180 -5.82 16.16 -5.74
N ILE D 181 -5.52 15.06 -5.05
CA ILE D 181 -5.70 15.05 -3.60
C ILE D 181 -4.65 15.97 -2.94
N TYR D 182 -3.43 15.89 -3.45
CA TYR D 182 -2.37 16.81 -3.05
C TYR D 182 -2.80 18.24 -3.29
N ASN D 183 -3.36 18.51 -4.49
CA ASN D 183 -3.89 19.85 -4.78
C ASN D 183 -4.96 20.24 -3.73
N THR D 184 -5.86 19.30 -3.43
CA THR D 184 -6.91 19.52 -2.44
C THR D 184 -6.37 19.89 -1.04
N ALA D 185 -5.36 19.14 -0.58
CA ALA D 185 -4.68 19.42 0.69
C ALA D 185 -4.11 20.83 0.71
N PHE D 186 -3.48 21.20 -0.38
CA PHE D 186 -2.85 22.50 -0.47
C PHE D 186 -3.88 23.62 -0.35
N MSE D 187 -4.98 23.52 -1.10
CA MSE D 187 -6.03 24.55 -1.07
C MSE D 187 -6.74 24.62 0.28
O MSE D 187 -7.12 25.71 0.74
CB MSE D 187 -7.08 24.28 -2.17
CG MSE D 187 -6.58 24.44 -3.64
SE MSE D 187 -5.93 26.22 -4.00
CE MSE D 187 -7.68 27.07 -4.03
N PHE D 188 -6.87 23.46 0.92
CA PHE D 188 -7.38 23.37 2.30
C PHE D 188 -6.42 24.07 3.23
N HIS D 189 -5.14 23.71 3.18
CA HIS D 189 -4.21 24.28 4.15
C HIS D 189 -3.92 25.74 3.88
N GLU D 190 -4.17 26.17 2.66
CA GLU D 190 -4.03 27.58 2.30
C GLU D 190 -5.24 28.42 2.72
N GLY D 191 -6.26 27.76 3.25
CA GLY D 191 -7.44 28.43 3.73
C GLY D 191 -8.55 28.62 2.72
N TYR D 192 -8.48 28.04 1.52
CA TYR D 192 -9.50 28.35 0.51
C TYR D 192 -10.74 27.47 0.65
N LEU D 193 -10.54 26.24 1.14
CA LEU D 193 -11.61 25.27 1.24
C LEU D 193 -11.96 25.08 2.71
N GLU D 194 -13.23 25.15 3.04
CA GLU D 194 -13.65 25.06 4.43
C GLU D 194 -14.00 23.62 4.83
N PRO D 195 -13.45 23.16 5.97
CA PRO D 195 -13.72 21.80 6.38
C PRO D 195 -15.10 21.72 7.02
N PRO D 196 -15.68 20.53 7.09
CA PRO D 196 -15.20 19.27 6.51
C PRO D 196 -15.38 19.25 5.00
N LEU D 197 -14.36 18.78 4.33
CA LEU D 197 -14.37 18.74 2.89
C LEU D 197 -15.21 17.55 2.43
N ARG D 198 -15.77 17.69 1.24
CA ARG D 198 -16.43 16.61 0.56
C ARG D 198 -15.64 16.28 -0.69
N LEU D 199 -15.09 15.07 -0.75
CA LEU D 199 -14.28 14.63 -1.90
C LEU D 199 -15.01 13.54 -2.67
N GLN D 200 -14.79 13.51 -3.97
CA GLN D 200 -15.23 12.42 -4.76
C GLN D 200 -14.07 11.88 -5.59
N PHE D 201 -13.84 10.60 -5.48
CA PHE D 201 -12.74 9.96 -6.14
C PHE D 201 -13.29 9.37 -7.43
N ILE D 202 -12.73 9.75 -8.59
CA ILE D 202 -13.24 9.32 -9.90
C ILE D 202 -12.20 8.43 -10.61
N HIS D 203 -12.60 7.21 -10.89
CA HIS D 203 -11.68 6.17 -11.37
C HIS D 203 -12.04 5.75 -12.76
N GLY D 204 -11.04 5.72 -13.63
CA GLY D 204 -11.15 5.12 -14.94
C GLY D 204 -11.17 6.10 -16.11
N ILE D 205 -10.89 7.37 -15.89
CA ILE D 205 -10.81 8.32 -16.99
C ILE D 205 -9.43 8.19 -17.66
N LEU D 206 -9.42 8.26 -18.99
CA LEU D 206 -8.17 8.28 -19.74
C LEU D 206 -7.64 9.70 -19.52
N GLY D 207 -6.55 9.81 -18.76
CA GLY D 207 -6.02 11.08 -18.29
C GLY D 207 -5.97 11.13 -16.78
N GLY D 208 -6.65 10.17 -16.14
CA GLY D 208 -6.66 10.05 -14.70
C GLY D 208 -6.25 8.69 -14.22
N ILE D 209 -6.44 8.48 -12.91
CA ILE D 209 -6.15 7.19 -12.29
C ILE D 209 -7.14 6.11 -12.73
N GLY D 210 -6.65 4.85 -12.79
CA GLY D 210 -7.44 3.71 -13.20
C GLY D 210 -8.41 3.14 -12.18
N THR D 211 -8.84 1.94 -12.43
CA THR D 211 -9.88 1.30 -11.66
C THR D 211 -9.44 0.11 -10.82
N ALA D 212 -8.12 -0.05 -10.56
CA ALA D 212 -7.66 -1.11 -9.66
C ALA D 212 -8.14 -0.83 -8.22
N VAL D 213 -8.38 -1.92 -7.49
CA VAL D 213 -8.61 -1.85 -6.06
C VAL D 213 -7.46 -1.07 -5.40
N GLU D 214 -6.22 -1.34 -5.83
CA GLU D 214 -5.04 -0.58 -5.41
C GLU D 214 -5.20 0.96 -5.53
N ASP D 215 -5.72 1.42 -6.67
CA ASP D 215 -5.93 2.85 -6.92
C ASP D 215 -6.95 3.45 -5.98
N VAL D 216 -8.06 2.76 -5.75
CA VAL D 216 -9.08 3.25 -4.83
C VAL D 216 -8.48 3.37 -3.42
N LEU D 217 -7.82 2.32 -2.97
CA LEU D 217 -7.27 2.34 -1.60
C LEU D 217 -6.26 3.46 -1.42
N PHE D 218 -5.39 3.61 -2.43
CA PHE D 218 -4.33 4.62 -2.36
C PHE D 218 -4.90 6.05 -2.35
N MSE D 219 -5.97 6.31 -3.11
CA MSE D 219 -6.62 7.62 -3.13
C MSE D 219 -7.10 7.92 -1.71
O MSE D 219 -6.79 8.98 -1.17
CB MSE D 219 -7.81 7.66 -4.11
CG MSE D 219 -7.45 7.58 -5.59
SE MSE D 219 -6.96 9.29 -6.34
CE MSE D 219 -8.75 10.05 -6.71
N LYS D 220 -7.84 7.00 -1.11
CA LYS D 220 -8.45 7.27 0.18
C LYS D 220 -7.38 7.46 1.24
N GLN D 221 -6.37 6.59 1.24
CA GLN D 221 -5.24 6.69 2.19
C GLN D 221 -4.46 7.99 2.01
N THR D 222 -4.35 8.48 0.78
CA THR D 222 -3.69 9.78 0.56
C THR D 222 -4.49 10.90 1.21
N ALA D 223 -5.81 10.89 1.02
CA ALA D 223 -6.68 11.88 1.66
C ALA D 223 -6.60 11.81 3.20
N ASP D 224 -6.63 10.61 3.77
CA ASP D 224 -6.47 10.44 5.21
C ASP D 224 -5.18 11.10 5.70
N ARG D 225 -4.07 10.86 5.00
N ARG D 225 -4.08 10.81 5.02
CA ARG D 225 -2.78 11.27 5.49
CA ARG D 225 -2.77 11.26 5.44
C ARG D 225 -2.49 12.75 5.25
C ARG D 225 -2.66 12.78 5.33
N LEU D 226 -2.98 13.31 4.15
CA LEU D 226 -2.80 14.77 3.87
C LEU D 226 -3.82 15.65 4.55
N ILE D 227 -5.05 15.19 4.65
CA ILE D 227 -6.22 16.03 5.03
C ILE D 227 -6.64 15.73 6.47
N GLY D 228 -6.62 14.45 6.79
CA GLY D 228 -6.99 13.93 8.09
C GLY D 228 -8.39 13.38 8.02
N ARG D 229 -8.54 12.15 8.52
CA ARG D 229 -9.83 11.45 8.49
C ARG D 229 -10.98 12.30 9.04
N GLU D 230 -10.72 13.02 10.12
CA GLU D 230 -11.77 13.78 10.82
C GLU D 230 -12.17 15.01 9.98
N ASN D 231 -11.41 15.34 8.92
CA ASN D 231 -11.63 16.57 8.17
C ASN D 231 -12.36 16.39 6.82
N TYR D 232 -12.71 15.17 6.42
CA TYR D 232 -13.43 15.01 5.14
C TYR D 232 -14.38 13.82 5.13
N THR D 233 -15.33 13.85 4.19
CA THR D 233 -16.09 12.66 3.80
C THR D 233 -15.87 12.45 2.28
N TRP D 234 -16.15 11.25 1.80
CA TRP D 234 -15.84 10.91 0.41
C TRP D 234 -16.86 9.98 -0.23
N SER D 235 -16.96 10.13 -1.54
CA SER D 235 -17.73 9.28 -2.42
C SER D 235 -16.81 8.81 -3.52
N LEU D 236 -17.26 7.85 -4.28
CA LEU D 236 -16.48 7.29 -5.38
C LEU D 236 -17.34 7.00 -6.60
N VAL D 237 -16.72 7.16 -7.77
CA VAL D 237 -17.22 6.80 -9.10
C VAL D 237 -16.28 5.78 -9.74
N GLY D 238 -16.81 4.63 -10.09
CA GLY D 238 -16.16 3.72 -11.03
C GLY D 238 -16.75 3.87 -12.44
N ALA D 239 -15.91 4.16 -13.43
CA ALA D 239 -16.38 4.33 -14.82
C ALA D 239 -16.78 2.99 -15.40
N GLY D 240 -17.88 3.01 -16.15
CA GLY D 240 -18.29 1.87 -16.94
C GLY D 240 -18.58 0.68 -16.09
N ARG D 241 -18.04 -0.47 -16.48
CA ARG D 241 -18.30 -1.71 -15.79
C ARG D 241 -17.70 -1.81 -14.41
N PHE D 242 -16.88 -0.84 -14.01
CA PHE D 242 -16.33 -0.82 -12.66
C PHE D 242 -17.22 -0.09 -11.69
N GLN D 243 -18.37 0.39 -12.19
CA GLN D 243 -19.32 1.17 -11.41
C GLN D 243 -19.78 0.40 -10.17
N MSE D 244 -20.25 -0.83 -10.35
CA MSE D 244 -20.82 -1.57 -9.21
C MSE D 244 -19.73 -2.18 -8.30
O MSE D 244 -19.82 -2.05 -7.08
CB MSE D 244 -21.85 -2.59 -9.67
CG MSE D 244 -23.11 -2.00 -10.33
SE MSE D 244 -24.15 -0.93 -9.12
CE MSE D 244 -25.30 -0.06 -10.48
N PRO D 245 -18.69 -2.82 -8.88
CA PRO D 245 -17.62 -3.41 -8.05
C PRO D 245 -16.89 -2.36 -7.18
N LEU D 246 -16.44 -1.29 -7.83
N LEU D 246 -16.47 -1.27 -7.81
CA LEU D 246 -15.73 -0.23 -7.15
CA LEU D 246 -15.75 -0.25 -7.07
C LEU D 246 -16.67 0.56 -6.20
C LEU D 246 -16.69 0.55 -6.15
N GLY D 247 -17.94 0.74 -6.59
CA GLY D 247 -18.89 1.35 -5.68
C GLY D 247 -19.13 0.55 -4.41
N THR D 248 -19.25 -0.77 -4.57
CA THR D 248 -19.31 -1.72 -3.45
C THR D 248 -18.03 -1.70 -2.56
N LEU D 249 -16.84 -1.70 -3.17
CA LEU D 249 -15.60 -1.45 -2.46
C LEU D 249 -15.68 -0.19 -1.57
N ALA D 250 -16.13 0.89 -2.15
CA ALA D 250 -16.25 2.19 -1.44
C ALA D 250 -17.10 2.00 -0.19
N VAL D 251 -18.27 1.37 -0.33
CA VAL D 251 -19.15 1.15 0.82
C VAL D 251 -18.48 0.29 1.89
N ILE D 252 -17.74 -0.73 1.46
CA ILE D 252 -17.04 -1.61 2.38
C ILE D 252 -15.99 -0.76 3.16
N MSE D 253 -15.41 0.22 2.49
CA MSE D 253 -14.37 1.06 3.09
C MSE D 253 -14.98 2.20 3.87
O MSE D 253 -14.26 3.06 4.35
CB MSE D 253 -13.46 1.65 2.00
CG MSE D 253 -12.63 0.61 1.25
SE MSE D 253 -11.76 1.31 -0.30
CE MSE D 253 -10.82 2.82 0.49
N GLY D 254 -16.28 2.28 3.96
CA GLY D 254 -16.91 3.32 4.78
C GLY D 254 -17.24 4.58 4.00
N GLY D 255 -17.03 4.56 2.68
CA GLY D 255 -17.38 5.63 1.79
C GLY D 255 -18.83 5.64 1.27
N ASP D 256 -19.13 6.71 0.57
CA ASP D 256 -20.37 6.86 -0.17
C ASP D 256 -20.12 6.49 -1.62
N VAL D 257 -21.22 6.33 -2.36
CA VAL D 257 -21.16 5.83 -3.70
C VAL D 257 -22.03 6.65 -4.68
N ARG D 258 -21.53 6.77 -5.91
CA ARG D 258 -22.23 7.40 -7.02
C ARG D 258 -22.38 6.38 -8.12
N VAL D 259 -23.59 6.35 -8.70
CA VAL D 259 -23.92 5.50 -9.82
C VAL D 259 -24.59 6.44 -10.85
N GLY D 260 -25.09 5.90 -11.93
CA GLY D 260 -25.82 6.74 -12.88
C GLY D 260 -25.30 6.63 -14.29
N LEU D 261 -26.18 6.97 -15.23
CA LEU D 261 -25.91 6.85 -16.67
C LEU D 261 -24.85 7.83 -17.12
N GLU D 262 -24.60 8.88 -16.34
CA GLU D 262 -23.44 9.68 -16.61
C GLU D 262 -22.09 8.90 -16.66
N ASP D 263 -21.92 7.93 -15.75
CA ASP D 263 -20.66 7.22 -15.53
C ASP D 263 -20.61 5.85 -16.21
N SER D 264 -21.76 5.21 -16.38
CA SER D 264 -21.83 3.93 -17.12
C SER D 264 -23.18 3.76 -17.79
N LEU D 265 -23.16 3.26 -19.02
CA LEU D 265 -24.41 3.03 -19.73
C LEU D 265 -24.98 1.63 -19.44
N TYR D 266 -24.28 0.84 -18.63
CA TYR D 266 -24.60 -0.59 -18.50
C TYR D 266 -25.15 -0.93 -17.12
N ILE D 267 -25.99 -1.96 -17.09
CA ILE D 267 -26.48 -2.52 -15.83
C ILE D 267 -25.69 -3.83 -15.50
N GLU D 268 -25.39 -4.59 -16.55
CA GLU D 268 -24.48 -5.74 -16.51
C GLU D 268 -23.58 -5.78 -17.75
N ARG D 269 -22.62 -6.71 -17.75
CA ARG D 269 -21.71 -6.92 -18.87
C ARG D 269 -22.57 -7.03 -20.11
N GLY D 270 -22.36 -6.08 -21.02
CA GLY D 270 -23.01 -6.09 -22.32
C GLY D 270 -24.49 -5.79 -22.30
N LYS D 271 -25.01 -5.26 -21.19
CA LYS D 271 -26.45 -4.99 -21.12
C LYS D 271 -26.73 -3.54 -20.74
N LEU D 272 -27.34 -2.78 -21.65
CA LEU D 272 -27.57 -1.37 -21.38
C LEU D 272 -28.55 -1.26 -20.25
N ALA D 273 -28.22 -0.36 -19.32
CA ALA D 273 -29.18 0.10 -18.30
C ALA D 273 -30.35 0.83 -18.96
N LYS D 274 -31.59 0.46 -18.59
CA LYS D 274 -32.77 1.08 -19.15
C LYS D 274 -33.09 2.40 -18.51
N SER D 275 -32.50 2.68 -17.35
CA SER D 275 -32.69 3.95 -16.65
C SER D 275 -31.67 4.11 -15.54
N ASN D 276 -31.57 5.33 -15.07
CA ASN D 276 -30.82 5.63 -13.88
C ASN D 276 -31.37 4.85 -12.69
N ALA D 277 -32.70 4.76 -12.59
CA ALA D 277 -33.34 4.11 -11.46
C ALA D 277 -32.86 2.67 -11.34
N GLU D 278 -32.65 2.00 -12.47
CA GLU D 278 -32.22 0.62 -12.42
C GLU D 278 -30.87 0.38 -11.69
N GLN D 279 -29.92 1.27 -11.94
CA GLN D 279 -28.62 1.24 -11.29
C GLN D 279 -28.74 1.65 -9.81
N VAL D 280 -29.55 2.67 -9.53
CA VAL D 280 -29.80 3.04 -8.13
C VAL D 280 -30.41 1.88 -7.33
N GLU D 281 -31.44 1.21 -7.89
CA GLU D 281 -32.05 0.06 -7.21
C GLU D 281 -31.03 -1.04 -6.91
N LYS D 282 -30.17 -1.31 -7.88
CA LYS D 282 -29.09 -2.32 -7.69
C LYS D 282 -28.12 -1.96 -6.56
N MSE D 283 -27.68 -0.71 -6.54
CA MSE D 283 -26.68 -0.31 -5.58
C MSE D 283 -27.34 -0.32 -4.20
O MSE D 283 -26.70 -0.72 -3.23
CB MSE D 283 -26.09 1.05 -5.92
CG MSE D 283 -24.92 1.47 -5.02
SE MSE D 283 -23.38 0.25 -5.23
CE MSE D 283 -23.21 -0.03 -3.48
N VAL D 284 -28.61 0.07 -4.12
CA VAL D 284 -29.38 0.04 -2.84
C VAL D 284 -29.55 -1.39 -2.32
N ARG D 285 -29.80 -2.34 -3.22
CA ARG D 285 -29.81 -3.73 -2.82
C ARG D 285 -28.49 -4.16 -2.18
N ILE D 286 -27.36 -3.75 -2.78
CA ILE D 286 -26.05 -4.15 -2.28
C ILE D 286 -25.79 -3.46 -0.93
N VAL D 287 -26.08 -2.16 -0.87
CA VAL D 287 -25.91 -1.43 0.38
C VAL D 287 -26.68 -2.15 1.50
N LYS D 288 -27.88 -2.62 1.22
CA LYS D 288 -28.69 -3.27 2.23
C LYS D 288 -28.18 -4.65 2.62
N GLU D 289 -27.65 -5.42 1.65
CA GLU D 289 -27.02 -6.67 2.01
C GLU D 289 -25.85 -6.47 2.96
N LEU D 290 -25.15 -5.36 2.82
CA LEU D 290 -24.03 -5.09 3.70
C LEU D 290 -24.48 -4.45 5.02
N GLY D 291 -25.76 -4.49 5.32
CA GLY D 291 -26.29 -4.03 6.60
C GLY D 291 -26.36 -2.52 6.74
N LYS D 292 -26.43 -1.82 5.61
N LYS D 292 -26.44 -1.82 5.62
CA LYS D 292 -26.46 -0.38 5.59
CA LYS D 292 -26.51 -0.37 5.62
C LYS D 292 -27.77 0.03 4.91
C LYS D 292 -27.79 0.03 4.93
N ARG D 293 -28.04 1.34 4.84
CA ARG D 293 -29.21 1.83 4.12
C ARG D 293 -28.89 3.15 3.43
N PRO D 294 -29.62 3.47 2.37
CA PRO D 294 -29.42 4.75 1.69
C PRO D 294 -29.87 5.93 2.55
N ALA D 295 -29.12 7.05 2.47
CA ALA D 295 -29.50 8.27 3.14
C ALA D 295 -30.68 8.89 2.41
N THR D 296 -31.62 9.40 3.17
CA THR D 296 -32.66 10.27 2.64
C THR D 296 -32.09 11.63 2.24
N PRO D 297 -32.83 12.42 1.43
CA PRO D 297 -32.26 13.72 1.09
C PRO D 297 -31.96 14.58 2.33
N ASP D 298 -32.85 14.56 3.31
CA ASP D 298 -32.58 15.40 4.49
C ASP D 298 -31.38 14.91 5.31
N GLU D 299 -31.16 13.59 5.30
CA GLU D 299 -29.97 12.99 5.90
C GLU D 299 -28.70 13.42 5.16
N VAL D 300 -28.76 13.46 3.84
CA VAL D 300 -27.67 13.96 3.05
C VAL D 300 -27.33 15.41 3.50
N ARG D 301 -28.36 16.24 3.61
CA ARG D 301 -28.16 17.62 4.04
C ARG D 301 -27.46 17.70 5.41
N GLU D 302 -27.85 16.83 6.35
CA GLU D 302 -27.28 16.88 7.71
C GLU D 302 -25.87 16.33 7.68
N ILE D 303 -25.66 15.27 6.89
CA ILE D 303 -24.34 14.67 6.80
C ILE D 303 -23.33 15.64 6.19
N LEU D 304 -23.67 16.28 5.08
CA LEU D 304 -22.73 17.22 4.41
C LEU D 304 -22.84 18.69 4.88
N GLY D 305 -23.75 19.00 5.78
CA GLY D 305 -23.95 20.39 6.25
C GLY D 305 -24.49 21.34 5.19
N LEU D 306 -25.54 20.91 4.48
CA LEU D 306 -26.06 21.67 3.34
C LEU D 306 -27.11 22.66 3.79
N LYS D 307 -27.38 23.68 2.98
CA LYS D 307 -28.18 24.83 3.47
C LYS D 307 -29.69 24.62 3.52
N GLY D 308 -30.18 23.67 2.73
CA GLY D 308 -31.63 23.40 2.72
C GLY D 308 -32.24 23.53 1.33
N LYS D 309 -33.28 22.75 1.08
CA LYS D 309 -33.86 22.62 -0.29
C LYS D 309 -34.43 23.92 -0.81
N GLU D 310 -34.94 24.72 0.11
CA GLU D 310 -35.57 25.99 -0.27
C GLU D 310 -34.65 27.21 -0.18
N ARG D 311 -33.40 27.02 0.21
N ARG D 311 -33.40 27.04 0.22
CA ARG D 311 -32.44 28.13 0.28
CA ARG D 311 -32.46 28.17 0.27
C ARG D 311 -31.61 28.26 -1.00
C ARG D 311 -31.65 28.34 -1.04
N VAL D 312 -32.11 27.66 -2.08
CA VAL D 312 -31.49 27.75 -3.39
C VAL D 312 -32.20 28.88 -4.16
N ASN D 313 -31.62 29.28 -5.29
CA ASN D 313 -32.18 30.31 -6.17
C ASN D 313 -32.88 29.69 -7.40
N PHE D 314 -33.75 28.71 -7.15
CA PHE D 314 -34.60 28.10 -8.19
C PHE D 314 -35.76 27.31 -7.52
ZN ZN E . -11.87 -24.85 10.56
O1 UNL F . -7.67 -25.94 9.98
O2 UNL F . -8.71 -24.95 10.01
O3 UNL F . -9.72 -25.90 10.22
O4 UNL F . -8.99 -23.33 10.26
O5 UNL F . -10.86 -23.03 9.63
O1 UNL G . -12.58 -18.28 11.80
O2 UNL G . -10.73 -19.71 11.60
O3 UNL G . -9.67 -21.09 11.64
O4 UNL G . -11.40 -21.07 12.10
O1 UNL H . -8.24 -24.02 14.20
O2 UNL H . -9.99 -23.87 12.95
O3 UNL H . -9.57 -25.02 15.08
ZN ZN I . 14.09 19.50 -16.89
O1 UNL J . 11.09 17.89 -19.44
O2 UNL J . 11.22 18.26 -17.34
O3 UNL J . 12.61 18.76 -18.63
O4 UNL J . 11.42 16.37 -16.98
O5 UNL J . 12.76 17.56 -15.81
O1 UNL K . 11.74 20.65 -16.16
O2 UNL K . 10.01 21.33 -17.36
O3 UNL K . 10.44 22.99 -17.44
ZN ZN L . 18.48 -10.37 20.25
O1 UNL M . 14.61 -10.56 22.13
O2 UNL M . 15.10 -10.38 20.29
O3 UNL M . 16.42 -10.46 21.53
O4 UNL M . 16.67 -9.53 18.85
O1 UNL N . 17.31 -11.31 16.13
O2 UNL N . 16.87 -12.64 19.15
O3 UNL N . 15.51 -14.17 20.03
O4 UNL N . 17.09 -15.12 20.21
O5 UNL N . 15.86 -11.66 16.80
C ACT O . 0.68 -25.43 24.99
O ACT O . 0.74 -24.70 26.01
OXT ACT O . 0.86 -24.77 23.93
CH3 ACT O . 0.47 -26.93 24.99
ZN ZN P . -20.57 15.31 -13.86
O1 UNL Q . -17.65 18.25 -12.43
O2 UNL Q . -18.96 17.18 -13.18
#